data_3O3M
#
_entry.id   3O3M
#
_cell.length_a   70.764
_cell.length_b   129.192
_cell.length_c   179.166
_cell.angle_alpha   90.00
_cell.angle_beta   90.00
_cell.angle_gamma   90.00
#
_symmetry.space_group_name_H-M   'P 21 21 21'
#
loop_
_entity.id
_entity.type
_entity.pdbx_description
1 polymer 'alpha subunit 2-hydroxyisocaproyl-CoA dehydratase'
2 polymer 'beta subunit 2-hydroxyacyl-CoA dehydratase'
3 non-polymer 'IRON/SULFUR CLUSTER'
4 non-polymer 'SULFATE ION'
5 non-polymer 'HYDROSULFURIC ACID'
6 water water
#
loop_
_entity_poly.entity_id
_entity_poly.type
_entity_poly.pdbx_seq_one_letter_code
_entity_poly.pdbx_strand_id
1 'polypeptide(L)'
;MSEKKEARVVINDLLAEQYANAFKAKEEGRPVGWSTSVFPQELAEVFDLNVLYPENQAAGVAAKKGSLELCEIAESKGYS
IDLCAYARTNFGLLENGGCEALDMPAPDFLLCCNNICNQVIKWYENISRELDIPLIMIDTTFNNEDEVTQSRIDYIKAQF
EEAIKQLEIISGKKFDPKKFEEVMKISAENGRLWKYSMSLPADSSPSPMNGFDLFTYMAVIVCARGKKETTEAFKLLIEE
LEDNMKTGKSSFRGEEKYRIMMEGIPCWPYIGYKMKTLAKFGVNMTGSVYPHAWALQYEVNDLDGMAVAYSTMFNNVNLD
RMTKYRVDSLVEGKCDGAFYHMNRSCKLMSLIQYEMQRRAAEETGLPYAGFDGDQADPRAFTNAQFETRIQGLVEVMEER
KKLNRGEI
;
A,C
2 'polypeptide(L)'
;MEAILSKMKEVVENPNAAVKKYKSETGKKAIGCFPVYCPEEIIHAAGMLPVGIWGGQTELDLAKQYFPAFACSIMQSCLE
YGLKGAYDELSGVIIPGMCDTLICLGQNWKSAVPHIKYISLVHPQNRKLEAGVKYLISEYKGVKRELEEICGYEIEEAKI
HESIEVYNEHRKTMRDFVEVAYKHSNTIKPSIRSLVIKSGFFMRKEEHTELVKDLIAKLNAMPEEVCSGKKVLLTGILAD
SKDILDILEDNNISVVADDLAQETRQFRTDVPAGDDALERLARQWSNIEGCSLAYDPKKKRGSLIVDEVKKKDIDGVIFC
MMKFCDPEEYDYPLVRKDIEDSGIPTLYVEIDQQTQNNEQARTRIQTFAEMMSLASAWSHPQFEK
;
B,D
#
loop_
_chem_comp.id
_chem_comp.type
_chem_comp.name
_chem_comp.formula
H2S non-polymer 'HYDROSULFURIC ACID' 'H2 S'
SF4 non-polymer 'IRON/SULFUR CLUSTER' 'Fe4 S4'
SO4 non-polymer 'SULFATE ION' 'O4 S -2'
#
# COMPACT_ATOMS: atom_id res chain seq x y z
N LYS A 5 -31.58 -26.05 -51.31
CA LYS A 5 -30.59 -25.62 -50.33
C LYS A 5 -31.05 -26.01 -48.92
N GLU A 6 -30.32 -26.92 -48.30
CA GLU A 6 -30.73 -27.49 -47.03
C GLU A 6 -30.11 -26.75 -45.84
N ALA A 7 -30.93 -26.49 -44.83
CA ALA A 7 -30.52 -25.71 -43.67
C ALA A 7 -29.39 -26.38 -42.89
N ARG A 8 -29.52 -27.67 -42.61
CA ARG A 8 -28.51 -28.39 -41.84
C ARG A 8 -27.15 -28.28 -42.51
N VAL A 9 -27.15 -28.22 -43.83
CA VAL A 9 -25.91 -28.16 -44.60
C VAL A 9 -25.29 -26.77 -44.54
N VAL A 10 -26.12 -25.74 -44.66
CA VAL A 10 -25.65 -24.36 -44.57
C VAL A 10 -25.08 -24.10 -43.18
N ILE A 11 -25.71 -24.69 -42.17
CA ILE A 11 -25.32 -24.47 -40.78
C ILE A 11 -23.99 -25.14 -40.49
N ASN A 12 -23.81 -26.36 -40.99
CA ASN A 12 -22.57 -27.09 -40.77
C ASN A 12 -21.39 -26.40 -41.46
N ASP A 13 -21.64 -25.87 -42.66
CA ASP A 13 -20.63 -25.15 -43.41
C ASP A 13 -20.24 -23.86 -42.68
N LEU A 14 -21.24 -23.14 -42.19
CA LEU A 14 -21.01 -21.90 -41.47
C LEU A 14 -20.13 -22.13 -40.24
N LEU A 15 -20.45 -23.15 -39.45
CA LEU A 15 -19.70 -23.45 -38.24
C LEU A 15 -18.24 -23.78 -38.54
N ALA A 16 -18.02 -24.55 -39.60
CA ALA A 16 -16.68 -24.95 -40.00
C ALA A 16 -15.90 -23.75 -40.53
N GLU A 17 -16.62 -22.79 -41.11
CA GLU A 17 -16.00 -21.59 -41.65
C GLU A 17 -15.38 -20.71 -40.55
N GLN A 18 -15.99 -20.71 -39.37
CA GLN A 18 -15.49 -19.88 -38.28
C GLN A 18 -14.12 -20.37 -37.86
N TYR A 19 -13.95 -21.68 -37.77
CA TYR A 19 -12.67 -22.27 -37.40
C TYR A 19 -11.62 -22.04 -38.48
N ALA A 20 -12.03 -22.17 -39.74
CA ALA A 20 -11.11 -21.99 -40.87
C ALA A 20 -10.60 -20.56 -40.93
N ASN A 21 -11.52 -19.60 -40.79
CA ASN A 21 -11.16 -18.20 -40.83
C ASN A 21 -10.20 -17.82 -39.71
N ALA A 22 -10.38 -18.40 -38.53
CA ALA A 22 -9.52 -18.12 -37.39
C ALA A 22 -8.11 -18.63 -37.65
N PHE A 23 -8.00 -19.81 -38.25
CA PHE A 23 -6.70 -20.35 -38.61
C PHE A 23 -5.99 -19.48 -39.63
N LYS A 24 -6.77 -18.90 -40.54
CA LYS A 24 -6.21 -18.07 -41.61
C LYS A 24 -5.69 -16.76 -41.02
N ALA A 25 -6.43 -16.22 -40.06
CA ALA A 25 -6.02 -15.00 -39.38
C ALA A 25 -4.71 -15.24 -38.63
N LYS A 26 -4.61 -16.39 -37.99
CA LYS A 26 -3.42 -16.75 -37.24
C LYS A 26 -2.19 -16.74 -38.14
N GLU A 27 -2.31 -17.40 -39.29
CA GLU A 27 -1.22 -17.47 -40.26
C GLU A 27 -0.77 -16.07 -40.69
N GLU A 28 -1.73 -15.16 -40.85
CA GLU A 28 -1.46 -13.84 -41.40
C GLU A 28 -1.09 -12.80 -40.34
N GLY A 29 -1.06 -13.22 -39.08
CA GLY A 29 -0.60 -12.36 -38.00
C GLY A 29 -1.69 -11.53 -37.34
N ARG A 30 -2.94 -11.78 -37.71
CA ARG A 30 -4.07 -11.09 -37.08
C ARG A 30 -4.50 -11.85 -35.81
N PRO A 31 -4.89 -11.10 -34.76
CA PRO A 31 -5.18 -11.69 -33.45
C PRO A 31 -6.48 -12.48 -33.36
N VAL A 32 -6.43 -13.62 -32.65
CA VAL A 32 -7.58 -14.48 -32.46
C VAL A 32 -7.94 -14.51 -30.97
N GLY A 33 -9.23 -14.42 -30.65
CA GLY A 33 -9.66 -14.47 -29.27
C GLY A 33 -10.39 -15.75 -28.92
N TRP A 34 -10.41 -16.08 -27.63
CA TRP A 34 -11.26 -17.14 -27.09
C TRP A 34 -12.24 -16.49 -26.13
N SER A 35 -13.50 -16.89 -26.18
CA SER A 35 -14.58 -16.20 -25.45
C SER A 35 -15.54 -17.14 -24.73
N THR A 36 -16.08 -16.69 -23.61
CA THR A 36 -17.14 -17.41 -22.91
C THR A 36 -18.42 -17.32 -23.74
N SER A 37 -19.38 -18.20 -23.46
CA SER A 37 -20.50 -18.44 -24.38
C SER A 37 -21.60 -17.38 -24.36
N VAL A 38 -21.67 -16.54 -23.34
CA VAL A 38 -22.62 -15.44 -23.36
C VAL A 38 -21.92 -14.10 -23.12
N PHE A 39 -20.78 -13.92 -23.78
CA PHE A 39 -20.04 -12.66 -23.71
C PHE A 39 -20.65 -11.65 -24.68
N PRO A 40 -20.51 -10.35 -24.38
CA PRO A 40 -21.02 -9.34 -25.32
C PRO A 40 -20.20 -9.31 -26.63
N GLN A 41 -20.53 -10.24 -27.53
CA GLN A 41 -19.80 -10.42 -28.78
C GLN A 41 -19.78 -9.19 -29.69
N GLU A 42 -20.74 -8.30 -29.49
CA GLU A 42 -20.86 -7.11 -30.33
C GLU A 42 -19.55 -6.32 -30.35
N LEU A 43 -18.89 -6.24 -29.21
CA LEU A 43 -17.72 -5.37 -29.04
C LEU A 43 -16.55 -5.76 -29.94
N ALA A 44 -16.26 -7.05 -30.03
CA ALA A 44 -15.14 -7.51 -30.86
C ALA A 44 -15.53 -7.56 -32.33
N GLU A 45 -16.82 -7.77 -32.60
CA GLU A 45 -17.30 -7.84 -33.98
C GLU A 45 -17.19 -6.47 -34.66
N VAL A 46 -17.17 -5.40 -33.86
CA VAL A 46 -17.01 -4.07 -34.40
C VAL A 46 -15.65 -3.92 -35.08
N PHE A 47 -14.66 -4.66 -34.55
CA PHE A 47 -13.31 -4.60 -35.07
C PHE A 47 -13.02 -5.71 -36.08
N ASP A 48 -14.04 -6.47 -36.45
CA ASP A 48 -13.89 -7.58 -37.39
CA ASP A 48 -13.89 -7.58 -37.39
C ASP A 48 -12.89 -8.62 -36.89
N LEU A 49 -12.84 -8.82 -35.58
CA LEU A 49 -11.90 -9.77 -34.97
C LEU A 49 -12.45 -11.19 -35.04
N ASN A 50 -11.54 -12.16 -35.16
CA ASN A 50 -11.93 -13.56 -35.16
C ASN A 50 -11.97 -14.10 -33.73
N VAL A 51 -13.14 -14.55 -33.29
CA VAL A 51 -13.30 -15.04 -31.92
C VAL A 51 -13.87 -16.45 -31.93
N LEU A 52 -13.25 -17.34 -31.15
CA LEU A 52 -13.70 -18.72 -31.00
C LEU A 52 -14.21 -18.95 -29.57
N TYR A 53 -14.78 -20.14 -29.33
CA TYR A 53 -15.49 -20.40 -28.08
C TYR A 53 -15.14 -21.76 -27.48
N PRO A 54 -14.26 -21.76 -26.46
CA PRO A 54 -13.79 -22.99 -25.81
C PRO A 54 -14.91 -23.95 -25.38
N GLU A 55 -16.06 -23.42 -24.97
CA GLU A 55 -17.18 -24.28 -24.59
C GLU A 55 -17.74 -25.03 -25.79
N ASN A 56 -17.86 -24.33 -26.92
CA ASN A 56 -18.34 -24.93 -28.15
CA ASN A 56 -18.34 -24.93 -28.15
C ASN A 56 -17.40 -26.03 -28.64
N GLN A 57 -16.10 -25.78 -28.57
CA GLN A 57 -15.09 -26.74 -29.01
C GLN A 57 -15.07 -27.98 -28.12
N ALA A 58 -15.22 -27.79 -26.82
CA ALA A 58 -15.19 -28.90 -25.88
C ALA A 58 -16.42 -29.80 -26.06
N ALA A 59 -17.58 -29.19 -26.30
CA ALA A 59 -18.81 -29.94 -26.56
C ALA A 59 -18.66 -30.75 -27.86
N GLY A 60 -18.02 -30.14 -28.85
CA GLY A 60 -17.81 -30.77 -30.13
C GLY A 60 -16.90 -31.98 -30.04
N VAL A 61 -15.78 -31.83 -29.34
CA VAL A 61 -14.83 -32.93 -29.17
CA VAL A 61 -14.84 -32.93 -29.20
C VAL A 61 -15.44 -34.04 -28.33
N ALA A 62 -16.21 -33.66 -27.32
CA ALA A 62 -16.87 -34.64 -26.45
C ALA A 62 -17.85 -35.51 -27.25
N ALA A 63 -18.55 -34.90 -28.19
CA ALA A 63 -19.52 -35.62 -29.01
C ALA A 63 -18.82 -36.61 -29.93
N LYS A 64 -17.55 -36.33 -30.24
CA LYS A 64 -16.73 -37.24 -31.04
C LYS A 64 -15.88 -38.16 -30.16
N LYS A 65 -16.25 -38.27 -28.89
CA LYS A 65 -15.59 -39.18 -27.96
C LYS A 65 -14.10 -38.91 -27.78
N GLY A 66 -13.70 -37.64 -27.81
CA GLY A 66 -12.31 -37.27 -27.70
C GLY A 66 -11.97 -36.43 -26.48
N SER A 67 -12.96 -36.20 -25.63
CA SER A 67 -12.79 -35.32 -24.47
C SER A 67 -12.11 -36.02 -23.29
N LEU A 68 -12.29 -37.34 -23.19
CA LEU A 68 -11.73 -38.08 -22.07
C LEU A 68 -10.20 -38.03 -22.05
N GLU A 69 -9.60 -38.16 -23.22
CA GLU A 69 -8.14 -38.16 -23.33
C GLU A 69 -7.59 -36.80 -22.91
N LEU A 70 -8.28 -35.74 -23.30
CA LEU A 70 -7.83 -34.38 -22.98
C LEU A 70 -8.03 -34.07 -21.49
N CYS A 71 -9.12 -34.56 -20.91
CA CYS A 71 -9.37 -34.39 -19.48
C CYS A 71 -8.27 -35.08 -18.67
N GLU A 72 -7.86 -36.26 -19.12
CA GLU A 72 -6.84 -37.04 -18.40
C GLU A 72 -5.48 -36.34 -18.44
N ILE A 73 -5.21 -35.64 -19.55
CA ILE A 73 -3.99 -34.84 -19.65
C ILE A 73 -4.00 -33.70 -18.65
N ALA A 74 -5.14 -33.03 -18.51
CA ALA A 74 -5.27 -31.93 -17.57
C ALA A 74 -5.13 -32.41 -16.13
N GLU A 75 -5.69 -33.59 -15.85
CA GLU A 75 -5.67 -34.14 -14.50
C GLU A 75 -4.25 -34.56 -14.11
N SER A 76 -3.45 -34.96 -15.09
CA SER A 76 -2.07 -35.36 -14.82
C SER A 76 -1.21 -34.14 -14.50
N LYS A 77 -1.65 -32.97 -14.94
CA LYS A 77 -0.95 -31.73 -14.64
C LYS A 77 -1.32 -31.20 -13.25
N GLY A 78 -2.33 -31.81 -12.64
CA GLY A 78 -2.73 -31.45 -11.29
C GLY A 78 -4.11 -30.82 -11.17
N TYR A 79 -4.85 -30.73 -12.27
CA TYR A 79 -6.21 -30.20 -12.21
C TYR A 79 -7.17 -31.25 -11.68
N SER A 80 -7.89 -30.90 -10.61
CA SER A 80 -8.80 -31.84 -9.96
C SER A 80 -9.98 -32.21 -10.85
N ILE A 81 -10.45 -33.45 -10.73
CA ILE A 81 -11.58 -33.94 -11.50
C ILE A 81 -12.89 -33.23 -11.10
N ASP A 82 -12.85 -32.51 -9.98
CA ASP A 82 -13.99 -31.74 -9.48
C ASP A 82 -14.34 -30.54 -10.38
N LEU A 83 -13.33 -30.00 -11.07
CA LEU A 83 -13.51 -28.81 -11.89
C LEU A 83 -14.39 -29.11 -13.12
N CYS A 84 -15.03 -28.08 -13.66
CA CYS A 84 -15.87 -28.25 -14.86
C CYS A 84 -15.11 -28.98 -15.96
N ALA A 85 -15.80 -29.89 -16.65
CA ALA A 85 -15.15 -30.72 -17.64
C ALA A 85 -14.85 -29.94 -18.92
N TYR A 86 -15.54 -28.83 -19.16
CA TYR A 86 -15.19 -27.97 -20.29
C TYR A 86 -13.82 -27.37 -20.04
N ALA A 87 -13.56 -26.97 -18.81
CA ALA A 87 -12.26 -26.37 -18.46
C ALA A 87 -11.16 -27.42 -18.54
N ARG A 88 -11.43 -28.63 -18.05
CA ARG A 88 -10.42 -29.69 -18.09
C ARG A 88 -10.10 -30.10 -19.52
N THR A 89 -11.11 -30.17 -20.38
CA THR A 89 -10.88 -30.49 -21.79
C THR A 89 -10.02 -29.42 -22.43
N ASN A 90 -10.29 -28.17 -22.09
CA ASN A 90 -9.58 -27.04 -22.68
C ASN A 90 -8.12 -26.96 -22.23
N PHE A 91 -7.87 -27.25 -20.95
CA PHE A 91 -6.51 -27.30 -20.43
C PHE A 91 -5.74 -28.44 -21.09
N GLY A 92 -6.41 -29.56 -21.29
CA GLY A 92 -5.80 -30.68 -22.00
C GLY A 92 -5.47 -30.29 -23.44
N LEU A 93 -6.33 -29.50 -24.04
CA LEU A 93 -6.14 -29.07 -25.42
C LEU A 93 -4.90 -28.20 -25.54
N LEU A 94 -4.74 -27.24 -24.64
CA LEU A 94 -3.61 -26.35 -24.66
C LEU A 94 -2.30 -27.12 -24.44
N GLU A 95 -2.32 -28.05 -23.49
CA GLU A 95 -1.14 -28.84 -23.17
C GLU A 95 -0.73 -29.72 -24.33
N ASN A 96 -1.72 -30.14 -25.13
CA ASN A 96 -1.49 -31.08 -26.21
C ASN A 96 -1.16 -30.38 -27.54
N GLY A 97 -1.25 -29.06 -27.56
CA GLY A 97 -1.00 -28.30 -28.76
C GLY A 97 -2.14 -28.44 -29.76
N GLY A 98 -3.33 -28.69 -29.24
CA GLY A 98 -4.50 -28.88 -30.06
C GLY A 98 -4.99 -30.31 -29.97
N CYS A 99 -5.88 -30.70 -30.88
CA CYS A 99 -6.35 -32.08 -30.94
C CYS A 99 -6.69 -32.46 -32.39
N GLU A 100 -7.08 -33.71 -32.57
CA GLU A 100 -7.33 -34.24 -33.91
C GLU A 100 -8.79 -34.04 -34.34
N ALA A 101 -9.71 -34.30 -33.43
CA ALA A 101 -11.14 -34.33 -33.74
C ALA A 101 -11.71 -32.97 -34.13
N LEU A 102 -11.31 -31.92 -33.41
CA LEU A 102 -11.81 -30.58 -33.71
C LEU A 102 -10.80 -29.52 -33.25
N ASP A 103 -9.82 -29.26 -34.09
CA ASP A 103 -8.70 -28.39 -33.71
C ASP A 103 -9.05 -26.91 -33.84
N MET A 104 -8.41 -26.08 -33.01
CA MET A 104 -8.50 -24.63 -33.17
C MET A 104 -7.23 -23.96 -32.67
N PRO A 105 -6.91 -22.78 -33.20
CA PRO A 105 -5.65 -22.10 -32.87
C PRO A 105 -5.66 -21.50 -31.47
N ALA A 106 -4.48 -21.41 -30.85
CA ALA A 106 -4.36 -20.81 -29.54
C ALA A 106 -4.77 -19.33 -29.59
N PRO A 107 -5.12 -18.75 -28.44
CA PRO A 107 -5.60 -17.36 -28.40
C PRO A 107 -4.48 -16.31 -28.23
N ASP A 108 -4.72 -15.13 -28.77
CA ASP A 108 -3.87 -13.96 -28.52
C ASP A 108 -4.52 -13.02 -27.50
N PHE A 109 -5.81 -13.22 -27.25
CA PHE A 109 -6.52 -12.46 -26.22
C PHE A 109 -7.76 -13.22 -25.74
N LEU A 110 -8.30 -12.82 -24.59
CA LEU A 110 -9.40 -13.54 -23.95
C LEU A 110 -10.58 -12.63 -23.64
N LEU A 111 -11.79 -13.16 -23.76
CA LEU A 111 -13.02 -12.43 -23.44
C LEU A 111 -13.86 -13.23 -22.44
N CYS A 112 -14.00 -12.72 -21.22
CA CYS A 112 -14.63 -13.46 -20.14
C CYS A 112 -15.81 -12.71 -19.54
N CYS A 113 -16.99 -13.35 -19.51
CA CYS A 113 -18.16 -12.78 -18.83
C CYS A 113 -18.74 -13.85 -17.91
N ASN A 114 -18.94 -13.50 -16.65
CA ASN A 114 -19.37 -14.47 -15.65
C ASN A 114 -20.88 -14.52 -15.43
N ASN A 115 -21.68 -14.16 -16.43
CA ASN A 115 -23.12 -14.30 -16.29
C ASN A 115 -23.55 -15.77 -16.27
N ILE A 116 -22.79 -16.63 -16.94
CA ILE A 116 -23.10 -18.07 -16.94
C ILE A 116 -22.65 -18.75 -15.65
N CYS A 117 -21.49 -18.36 -15.13
CA CYS A 117 -20.93 -18.94 -13.92
C CYS A 117 -19.64 -18.20 -13.55
N ASN A 118 -19.14 -18.47 -12.35
CA ASN A 118 -17.88 -17.86 -11.91
C ASN A 118 -16.64 -18.73 -12.17
N GLN A 119 -16.83 -19.99 -12.53
CA GLN A 119 -15.70 -20.86 -12.85
C GLN A 119 -14.91 -20.32 -14.04
N VAL A 120 -15.58 -19.68 -14.99
CA VAL A 120 -14.88 -19.14 -16.15
C VAL A 120 -13.87 -18.06 -15.76
N ILE A 121 -14.09 -17.40 -14.62
CA ILE A 121 -13.13 -16.40 -14.17
C ILE A 121 -11.77 -17.05 -13.89
N LYS A 122 -11.77 -18.13 -13.11
CA LYS A 122 -10.54 -18.81 -12.70
C LYS A 122 -9.90 -19.54 -13.88
N TRP A 123 -10.76 -20.16 -14.69
CA TRP A 123 -10.34 -20.81 -15.93
C TRP A 123 -9.54 -19.85 -16.81
N TYR A 124 -10.09 -18.65 -17.06
CA TYR A 124 -9.45 -17.69 -17.95
C TYR A 124 -8.27 -16.97 -17.29
N GLU A 125 -8.30 -16.85 -15.96
CA GLU A 125 -7.14 -16.35 -15.22
C GLU A 125 -5.92 -17.19 -15.56
N ASN A 126 -6.12 -18.51 -15.56
CA ASN A 126 -5.05 -19.46 -15.79
C ASN A 126 -4.48 -19.39 -17.22
N ILE A 127 -5.37 -19.23 -18.20
CA ILE A 127 -4.92 -19.13 -19.58
C ILE A 127 -4.13 -17.84 -19.78
N SER A 128 -4.66 -16.75 -19.26
CA SER A 128 -4.00 -15.45 -19.36
C SER A 128 -2.57 -15.53 -18.82
N ARG A 129 -2.43 -16.11 -17.63
CA ARG A 129 -1.14 -16.21 -16.96
C ARG A 129 -0.16 -17.11 -17.70
N GLU A 130 -0.64 -18.26 -18.18
CA GLU A 130 0.24 -19.26 -18.76
C GLU A 130 0.65 -18.91 -20.19
N LEU A 131 -0.18 -18.16 -20.91
CA LEU A 131 0.13 -17.75 -22.28
C LEU A 131 0.59 -16.29 -22.35
N ASP A 132 0.48 -15.57 -21.24
CA ASP A 132 0.85 -14.16 -21.19
C ASP A 132 0.09 -13.33 -22.23
N ILE A 133 -1.24 -13.39 -22.17
CA ILE A 133 -2.10 -12.64 -23.09
C ILE A 133 -3.12 -11.79 -22.31
N PRO A 134 -3.59 -10.69 -22.90
CA PRO A 134 -4.54 -9.81 -22.20
C PRO A 134 -5.88 -10.47 -21.94
N LEU A 135 -6.47 -10.19 -20.77
CA LEU A 135 -7.77 -10.73 -20.40
C LEU A 135 -8.76 -9.58 -20.27
N ILE A 136 -9.82 -9.61 -21.09
CA ILE A 136 -10.89 -8.60 -21.00
C ILE A 136 -12.04 -9.16 -20.18
N MET A 137 -12.36 -8.48 -19.09
CA MET A 137 -13.35 -8.95 -18.13
C MET A 137 -14.62 -8.08 -18.11
N ILE A 138 -15.77 -8.72 -18.32
CA ILE A 138 -17.05 -8.06 -18.13
CA ILE A 138 -17.06 -8.07 -18.15
C ILE A 138 -17.80 -8.76 -17.00
N ASP A 139 -17.67 -8.19 -15.81
CA ASP A 139 -18.22 -8.75 -14.58
C ASP A 139 -19.69 -8.37 -14.39
N THR A 140 -20.59 -9.31 -14.64
CA THR A 140 -22.01 -9.11 -14.36
C THR A 140 -22.33 -9.74 -13.00
N THR A 141 -22.30 -8.94 -11.94
CA THR A 141 -22.52 -9.46 -10.59
C THR A 141 -23.94 -10.01 -10.38
N PHE A 142 -24.04 -11.09 -9.62
CA PHE A 142 -25.29 -11.85 -9.47
C PHE A 142 -26.43 -10.98 -8.94
N ASN A 143 -27.60 -11.12 -9.56
CA ASN A 143 -28.77 -10.33 -9.18
C ASN A 143 -29.60 -11.00 -8.08
N ASN A 144 -29.46 -10.53 -6.84
CA ASN A 144 -30.33 -10.99 -5.77
C ASN A 144 -31.69 -10.30 -5.83
N GLU A 145 -31.69 -9.03 -6.22
CA GLU A 145 -32.92 -8.28 -6.38
C GLU A 145 -33.62 -8.67 -7.68
N ASP A 146 -34.94 -8.51 -7.73
CA ASP A 146 -35.72 -8.85 -8.91
C ASP A 146 -35.26 -8.06 -10.13
N GLU A 147 -34.79 -6.84 -9.90
CA GLU A 147 -34.34 -5.97 -10.98
C GLU A 147 -32.85 -5.67 -10.87
N VAL A 148 -32.23 -5.35 -12.00
CA VAL A 148 -30.82 -4.99 -12.04
C VAL A 148 -30.62 -3.62 -11.41
N THR A 149 -29.78 -3.53 -10.40
CA THR A 149 -29.56 -2.26 -9.72
C THR A 149 -28.90 -1.26 -10.66
N GLN A 150 -29.14 0.02 -10.44
CA GLN A 150 -28.52 1.05 -11.27
C GLN A 150 -27.01 0.91 -11.18
N SER A 151 -26.52 0.54 -10.00
CA SER A 151 -25.08 0.42 -9.78
C SER A 151 -24.48 -0.65 -10.69
N ARG A 152 -25.22 -1.73 -10.90
CA ARG A 152 -24.78 -2.80 -11.79
C ARG A 152 -24.77 -2.32 -13.25
N ILE A 153 -25.79 -1.57 -13.64
CA ILE A 153 -25.87 -1.04 -14.99
C ILE A 153 -24.70 -0.10 -15.29
N ASP A 154 -24.39 0.78 -14.35
CA ASP A 154 -23.31 1.76 -14.54
C ASP A 154 -21.96 1.07 -14.63
N TYR A 155 -21.76 0.06 -13.78
CA TYR A 155 -20.50 -0.68 -13.70
C TYR A 155 -20.29 -1.53 -14.97
N ILE A 156 -21.37 -2.10 -15.51
CA ILE A 156 -21.26 -2.87 -16.75
C ILE A 156 -20.93 -1.95 -17.92
N LYS A 157 -21.56 -0.78 -17.97
CA LYS A 157 -21.29 0.17 -19.04
C LYS A 157 -19.84 0.64 -18.99
N ALA A 158 -19.32 0.83 -17.78
CA ALA A 158 -17.93 1.26 -17.62
C ALA A 158 -16.98 0.16 -18.11
N GLN A 159 -17.41 -1.09 -17.95
CA GLN A 159 -16.60 -2.21 -18.41
C GLN A 159 -16.70 -2.40 -19.93
N PHE A 160 -17.81 -2.00 -20.53
CA PHE A 160 -17.91 -1.93 -21.99
C PHE A 160 -16.83 -0.97 -22.50
N GLU A 161 -16.67 0.16 -21.81
CA GLU A 161 -15.71 1.18 -22.23
C GLU A 161 -14.27 0.71 -22.11
N GLU A 162 -13.95 0.02 -21.01
CA GLU A 162 -12.61 -0.53 -20.81
C GLU A 162 -12.33 -1.61 -21.86
N ALA A 163 -13.35 -2.40 -22.20
CA ALA A 163 -13.18 -3.46 -23.19
C ALA A 163 -12.84 -2.87 -24.55
N ILE A 164 -13.52 -1.80 -24.92
CA ILE A 164 -13.28 -1.14 -26.20
C ILE A 164 -11.86 -0.58 -26.23
N LYS A 165 -11.42 0.01 -25.13
CA LYS A 165 -10.08 0.56 -25.03
C LYS A 165 -9.02 -0.51 -25.28
N GLN A 166 -9.17 -1.69 -24.66
CA GLN A 166 -8.19 -2.75 -24.83
CA GLN A 166 -8.23 -2.79 -24.81
C GLN A 166 -8.27 -3.36 -26.23
N LEU A 167 -9.46 -3.37 -26.82
CA LEU A 167 -9.64 -3.97 -28.14
C LEU A 167 -9.06 -3.08 -29.25
N GLU A 168 -9.04 -1.77 -29.01
CA GLU A 168 -8.42 -0.85 -29.96
C GLU A 168 -6.93 -1.13 -30.03
N ILE A 169 -6.32 -1.40 -28.88
CA ILE A 169 -4.90 -1.68 -28.81
C ILE A 169 -4.59 -3.04 -29.46
N ILE A 170 -5.40 -4.04 -29.15
CA ILE A 170 -5.22 -5.38 -29.71
C ILE A 170 -5.33 -5.40 -31.24
N SER A 171 -6.30 -4.66 -31.77
CA SER A 171 -6.63 -4.71 -33.19
C SER A 171 -5.86 -3.70 -34.03
N GLY A 172 -5.35 -2.66 -33.37
CA GLY A 172 -4.67 -1.58 -34.05
C GLY A 172 -5.63 -0.67 -34.80
N LYS A 173 -6.88 -0.65 -34.35
CA LYS A 173 -7.92 0.14 -35.01
C LYS A 173 -8.67 1.00 -34.00
N LYS A 174 -9.40 1.99 -34.50
CA LYS A 174 -10.22 2.85 -33.66
C LYS A 174 -11.68 2.42 -33.71
N PHE A 175 -12.34 2.50 -32.57
CA PHE A 175 -13.75 2.17 -32.46
C PHE A 175 -14.59 2.96 -33.46
N ASP A 176 -15.47 2.27 -34.18
CA ASP A 176 -16.27 2.90 -35.21
C ASP A 176 -17.75 2.86 -34.82
N PRO A 177 -18.29 3.98 -34.32
CA PRO A 177 -19.69 4.01 -33.88
C PRO A 177 -20.68 3.64 -34.99
N LYS A 178 -20.33 3.95 -36.24
CA LYS A 178 -21.20 3.65 -37.37
C LYS A 178 -21.30 2.14 -37.60
N LYS A 179 -20.18 1.44 -37.54
CA LYS A 179 -20.18 0.00 -37.70
C LYS A 179 -20.80 -0.67 -36.47
N PHE A 180 -20.70 0.01 -35.34
CA PHE A 180 -21.23 -0.51 -34.08
C PHE A 180 -22.75 -0.60 -34.13
N GLU A 181 -23.39 0.44 -34.67
CA GLU A 181 -24.85 0.42 -34.75
C GLU A 181 -25.31 -0.66 -35.72
N GLU A 182 -24.55 -0.88 -36.78
N GLU A 182 -24.55 -0.87 -36.79
CA GLU A 182 -24.86 -1.93 -37.75
CA GLU A 182 -24.86 -1.92 -37.75
C GLU A 182 -24.78 -3.30 -37.09
C GLU A 182 -24.80 -3.28 -37.08
N VAL A 183 -23.82 -3.45 -36.18
CA VAL A 183 -23.63 -4.71 -35.47
C VAL A 183 -24.77 -4.95 -34.49
N MET A 184 -25.27 -3.89 -33.86
CA MET A 184 -26.34 -4.01 -32.89
CA MET A 184 -26.34 -4.03 -32.88
C MET A 184 -27.65 -4.41 -33.57
N LYS A 185 -27.86 -3.91 -34.79
CA LYS A 185 -29.06 -4.23 -35.55
C LYS A 185 -29.07 -5.69 -36.01
N ILE A 186 -27.92 -6.19 -36.44
CA ILE A 186 -27.80 -7.58 -36.87
C ILE A 186 -27.98 -8.52 -35.68
N SER A 187 -27.37 -8.16 -34.56
CA SER A 187 -27.39 -8.99 -33.36
C SER A 187 -28.80 -9.07 -32.78
N ALA A 188 -29.55 -7.98 -32.87
CA ALA A 188 -30.91 -7.95 -32.35
C ALA A 188 -31.82 -8.86 -33.14
N GLU A 189 -31.70 -8.84 -34.47
CA GLU A 189 -32.55 -9.66 -35.33
C GLU A 189 -32.23 -11.15 -35.18
N ASN A 190 -30.94 -11.47 -35.02
CA ASN A 190 -30.54 -12.86 -34.85
C ASN A 190 -31.01 -13.41 -33.51
N GLY A 191 -31.01 -12.58 -32.50
CA GLY A 191 -31.56 -12.94 -31.21
C GLY A 191 -33.03 -13.27 -31.30
N ARG A 192 -33.76 -12.47 -32.08
CA ARG A 192 -35.20 -12.70 -32.26
C ARG A 192 -35.46 -14.00 -33.00
N LEU A 193 -34.63 -14.30 -34.00
CA LEU A 193 -34.82 -15.50 -34.81
C LEU A 193 -34.50 -16.76 -34.01
N TRP A 194 -33.56 -16.65 -33.08
CA TRP A 194 -33.22 -17.76 -32.20
C TRP A 194 -34.40 -18.08 -31.28
N LYS A 195 -34.93 -17.05 -30.62
CA LYS A 195 -36.03 -17.24 -29.68
C LYS A 195 -37.29 -17.76 -30.38
N TYR A 196 -37.54 -17.30 -31.60
CA TYR A 196 -38.73 -17.69 -32.35
C TYR A 196 -38.64 -19.13 -32.82
N SER A 197 -37.56 -19.45 -33.53
CA SER A 197 -37.38 -20.78 -34.11
C SER A 197 -37.36 -21.88 -33.05
N MET A 198 -36.68 -21.64 -31.94
CA MET A 198 -36.50 -22.67 -30.92
C MET A 198 -37.70 -22.76 -29.98
N SER A 199 -38.65 -21.84 -30.13
CA SER A 199 -39.87 -21.85 -29.32
C SER A 199 -41.04 -22.50 -30.06
N LEU A 200 -40.81 -22.90 -31.31
CA LEU A 200 -41.89 -23.46 -32.13
C LEU A 200 -42.48 -24.75 -31.56
N PRO A 201 -41.65 -25.57 -30.89
CA PRO A 201 -42.16 -26.81 -30.30
C PRO A 201 -43.26 -26.58 -29.26
N ALA A 202 -43.25 -25.43 -28.60
CA ALA A 202 -44.19 -25.14 -27.53
C ALA A 202 -45.65 -25.18 -27.98
N ASP A 203 -45.97 -24.43 -29.03
CA ASP A 203 -47.35 -24.32 -29.49
C ASP A 203 -47.57 -25.17 -30.74
N SER A 204 -47.10 -26.42 -30.69
CA SER A 204 -47.22 -27.31 -31.84
C SER A 204 -47.24 -28.76 -31.38
N SER A 205 -48.38 -29.42 -31.53
CA SER A 205 -48.51 -30.82 -31.13
C SER A 205 -48.91 -31.67 -32.33
N PRO A 206 -48.00 -32.55 -32.79
CA PRO A 206 -46.65 -32.74 -32.23
C PRO A 206 -45.69 -31.62 -32.65
N SER A 207 -44.47 -31.67 -32.12
CA SER A 207 -43.45 -30.67 -32.43
C SER A 207 -42.75 -30.97 -33.75
N PRO A 208 -42.36 -29.91 -34.47
CA PRO A 208 -41.74 -30.03 -35.79
C PRO A 208 -40.29 -30.54 -35.75
N MET A 209 -39.71 -30.67 -34.56
CA MET A 209 -38.34 -31.17 -34.45
C MET A 209 -38.13 -32.03 -33.21
N ASN A 210 -37.13 -32.91 -33.28
CA ASN A 210 -36.63 -33.57 -32.10
C ASN A 210 -36.00 -32.50 -31.21
N GLY A 211 -36.32 -32.53 -29.92
CA GLY A 211 -35.86 -31.52 -28.99
C GLY A 211 -34.34 -31.37 -28.93
N PHE A 212 -33.63 -32.49 -29.03
CA PHE A 212 -32.17 -32.44 -28.97
C PHE A 212 -31.57 -31.60 -30.09
N ASP A 213 -32.32 -31.40 -31.17
CA ASP A 213 -31.85 -30.59 -32.28
C ASP A 213 -31.47 -29.18 -31.85
N LEU A 214 -32.13 -28.66 -30.82
CA LEU A 214 -31.86 -27.31 -30.34
C LEU A 214 -30.38 -27.12 -30.01
N PHE A 215 -29.74 -28.15 -29.47
CA PHE A 215 -28.38 -28.01 -28.99
C PHE A 215 -27.35 -28.01 -30.12
N THR A 216 -27.74 -28.44 -31.31
CA THR A 216 -26.90 -28.30 -32.50
C THR A 216 -26.92 -26.86 -32.99
N TYR A 217 -28.13 -26.32 -33.13
CA TYR A 217 -28.30 -24.96 -33.62
C TYR A 217 -27.76 -23.94 -32.61
N MET A 218 -27.65 -24.36 -31.36
CA MET A 218 -27.15 -23.48 -30.30
C MET A 218 -25.74 -22.99 -30.62
N ALA A 219 -24.95 -23.83 -31.27
CA ALA A 219 -23.58 -23.48 -31.61
C ALA A 219 -23.54 -22.23 -32.49
N VAL A 220 -24.55 -22.08 -33.34
CA VAL A 220 -24.60 -20.95 -34.27
C VAL A 220 -24.82 -19.63 -33.54
N ILE A 221 -25.82 -19.57 -32.67
CA ILE A 221 -26.14 -18.32 -31.98
C ILE A 221 -25.04 -17.96 -30.98
N VAL A 222 -24.26 -18.94 -30.56
CA VAL A 222 -23.15 -18.70 -29.64
C VAL A 222 -21.95 -18.07 -30.33
N CYS A 223 -21.61 -18.57 -31.52
CA CYS A 223 -20.34 -18.19 -32.14
CA CYS A 223 -20.34 -18.25 -32.18
C CYS A 223 -20.46 -17.16 -33.25
N ALA A 224 -21.68 -16.90 -33.72
CA ALA A 224 -21.85 -15.95 -34.83
C ALA A 224 -23.10 -15.08 -34.70
N ARG A 225 -23.37 -14.63 -33.48
CA ARG A 225 -24.59 -13.88 -33.18
C ARG A 225 -24.65 -12.53 -33.91
N GLY A 226 -23.49 -12.00 -34.29
CA GLY A 226 -23.43 -10.69 -34.93
C GLY A 226 -23.16 -10.75 -36.42
N LYS A 227 -23.38 -11.90 -37.04
CA LYS A 227 -23.07 -12.11 -38.45
C LYS A 227 -24.35 -12.20 -39.29
N LYS A 228 -24.33 -11.60 -40.47
CA LYS A 228 -25.50 -11.62 -41.36
C LYS A 228 -25.72 -13.02 -41.94
N GLU A 229 -24.65 -13.79 -42.05
CA GLU A 229 -24.74 -15.17 -42.55
C GLU A 229 -25.63 -15.99 -41.64
N THR A 230 -25.63 -15.63 -40.35
CA THR A 230 -26.45 -16.31 -39.37
C THR A 230 -27.92 -16.01 -39.58
N THR A 231 -28.20 -14.76 -39.99
CA THR A 231 -29.55 -14.34 -40.27
C THR A 231 -30.16 -15.23 -41.34
N GLU A 232 -29.41 -15.46 -42.41
CA GLU A 232 -29.91 -16.25 -43.54
C GLU A 232 -30.03 -17.73 -43.19
N ALA A 233 -29.12 -18.21 -42.34
CA ALA A 233 -29.13 -19.60 -41.92
C ALA A 233 -30.40 -19.90 -41.13
N PHE A 234 -30.73 -19.03 -40.19
CA PHE A 234 -31.91 -19.24 -39.35
C PHE A 234 -33.22 -19.03 -40.09
N LYS A 235 -33.23 -18.15 -41.09
CA LYS A 235 -34.42 -17.95 -41.90
C LYS A 235 -34.73 -19.22 -42.69
N LEU A 236 -33.69 -19.88 -43.17
CA LEU A 236 -33.85 -21.12 -43.92
C LEU A 236 -34.33 -22.24 -43.00
N LEU A 237 -33.79 -22.27 -41.78
CA LEU A 237 -34.20 -23.26 -40.79
C LEU A 237 -35.67 -23.05 -40.43
N ILE A 238 -36.08 -21.79 -40.35
CA ILE A 238 -37.45 -21.45 -40.01
C ILE A 238 -38.41 -21.90 -41.12
N GLU A 239 -37.99 -21.75 -42.37
CA GLU A 239 -38.81 -22.21 -43.49
C GLU A 239 -39.07 -23.70 -43.40
N GLU A 240 -38.04 -24.47 -43.04
CA GLU A 240 -38.16 -25.92 -42.95
C GLU A 240 -39.03 -26.36 -41.78
N LEU A 241 -38.90 -25.66 -40.65
CA LEU A 241 -39.65 -26.01 -39.46
C LEU A 241 -41.14 -25.72 -39.63
N GLU A 242 -41.45 -24.56 -40.19
CA GLU A 242 -42.84 -24.16 -40.42
C GLU A 242 -43.49 -25.08 -41.46
N ASP A 243 -42.71 -25.54 -42.42
CA ASP A 243 -43.21 -26.46 -43.44
C ASP A 243 -43.63 -27.76 -42.77
N ASN A 244 -42.83 -28.22 -41.80
CA ASN A 244 -43.15 -29.42 -41.04
C ASN A 244 -44.46 -29.26 -40.29
N MET A 245 -44.62 -28.14 -39.60
CA MET A 245 -45.80 -27.90 -38.78
C MET A 245 -47.08 -28.01 -39.60
N LYS A 246 -47.00 -27.65 -40.88
CA LYS A 246 -48.17 -27.64 -41.75
C LYS A 246 -48.49 -29.03 -42.33
N THR A 247 -47.47 -29.87 -42.43
CA THR A 247 -47.64 -31.21 -43.00
C THR A 247 -47.49 -32.31 -41.94
N GLY A 248 -47.52 -31.93 -40.67
CA GLY A 248 -47.42 -32.89 -39.59
C GLY A 248 -46.18 -33.77 -39.69
N LYS A 249 -45.05 -33.15 -39.98
CA LYS A 249 -43.78 -33.87 -40.06
C LYS A 249 -42.83 -33.38 -38.98
N SER A 250 -41.76 -34.14 -38.76
CA SER A 250 -40.76 -33.77 -37.76
C SER A 250 -39.52 -34.63 -37.90
N SER A 251 -38.41 -34.18 -37.31
CA SER A 251 -37.19 -34.98 -37.29
C SER A 251 -37.23 -35.97 -36.13
N PHE A 252 -38.21 -35.80 -35.25
CA PHE A 252 -38.48 -36.78 -34.21
C PHE A 252 -39.18 -37.98 -34.84
N ARG A 253 -38.77 -39.18 -34.45
CA ARG A 253 -39.30 -40.39 -35.06
C ARG A 253 -40.31 -41.10 -34.16
N GLY A 254 -41.46 -41.45 -34.73
CA GLY A 254 -42.47 -42.19 -34.02
C GLY A 254 -43.54 -41.31 -33.40
N GLU A 255 -44.43 -41.92 -32.64
CA GLU A 255 -45.51 -41.20 -32.00
C GLU A 255 -45.01 -40.40 -30.80
N GLU A 256 -45.33 -39.11 -30.78
CA GLU A 256 -44.99 -38.25 -29.65
C GLU A 256 -46.01 -38.49 -28.55
N LYS A 257 -45.69 -39.45 -27.66
CA LYS A 257 -46.63 -39.87 -26.63
C LYS A 257 -46.58 -38.97 -25.40
N TYR A 258 -45.39 -38.47 -25.10
CA TYR A 258 -45.18 -37.65 -23.92
C TYR A 258 -44.32 -36.44 -24.27
N ARG A 259 -44.64 -35.30 -23.68
CA ARG A 259 -43.88 -34.06 -23.86
C ARG A 259 -43.20 -33.71 -22.54
N ILE A 260 -41.92 -33.37 -22.58
CA ILE A 260 -41.21 -33.05 -21.36
C ILE A 260 -40.32 -31.82 -21.48
N MET A 261 -39.86 -31.33 -20.34
CA MET A 261 -38.78 -30.37 -20.29
C MET A 261 -37.57 -31.08 -19.67
N MET A 262 -36.42 -31.02 -20.33
CA MET A 262 -35.19 -31.50 -19.72
C MET A 262 -34.41 -30.32 -19.17
N GLU A 263 -34.06 -30.39 -17.90
CA GLU A 263 -33.23 -29.36 -17.27
C GLU A 263 -31.75 -29.68 -17.48
N GLY A 264 -31.04 -28.77 -18.15
CA GLY A 264 -29.60 -28.91 -18.31
C GLY A 264 -29.13 -29.26 -19.71
N ILE A 265 -27.82 -29.13 -19.91
CA ILE A 265 -27.17 -29.46 -21.18
CA ILE A 265 -27.22 -29.46 -21.20
C ILE A 265 -27.00 -30.97 -21.31
N PRO A 266 -27.09 -31.49 -22.54
CA PRO A 266 -26.96 -32.95 -22.71
C PRO A 266 -25.57 -33.48 -22.39
N CYS A 267 -25.50 -34.78 -22.08
CA CYS A 267 -24.23 -35.49 -21.91
C CYS A 267 -23.71 -35.83 -23.30
N TRP A 268 -22.83 -34.98 -23.82
CA TRP A 268 -22.43 -35.05 -25.22
C TRP A 268 -21.79 -36.38 -25.64
N PRO A 269 -21.00 -37.00 -24.75
CA PRO A 269 -20.39 -38.28 -25.11
C PRO A 269 -21.40 -39.41 -25.30
N TYR A 270 -22.66 -39.14 -24.97
CA TYR A 270 -23.70 -40.17 -25.05
C TYR A 270 -24.95 -39.64 -25.75
N ILE A 271 -24.80 -38.57 -26.51
CA ILE A 271 -25.96 -37.90 -27.12
C ILE A 271 -26.76 -38.85 -28.00
N GLY A 272 -26.07 -39.73 -28.74
CA GLY A 272 -26.73 -40.65 -29.64
C GLY A 272 -27.58 -41.66 -28.89
N TYR A 273 -27.07 -42.15 -27.78
CA TYR A 273 -27.78 -43.12 -26.95
C TYR A 273 -29.00 -42.49 -26.27
N LYS A 274 -28.85 -41.26 -25.81
CA LYS A 274 -29.93 -40.56 -25.14
C LYS A 274 -31.09 -40.30 -26.10
N MET A 275 -30.75 -40.00 -27.35
CA MET A 275 -31.76 -39.73 -28.37
C MET A 275 -32.55 -41.00 -28.68
N LYS A 276 -31.84 -42.12 -28.80
CA LYS A 276 -32.49 -43.40 -29.11
C LYS A 276 -33.40 -43.84 -27.99
N THR A 277 -32.97 -43.61 -26.75
CA THR A 277 -33.70 -44.11 -25.58
C THR A 277 -35.00 -43.34 -25.37
N LEU A 278 -34.95 -42.01 -25.45
CA LEU A 278 -36.16 -41.21 -25.30
C LEU A 278 -37.16 -41.53 -26.41
N ALA A 279 -36.70 -41.60 -27.64
CA ALA A 279 -37.56 -41.84 -28.80
C ALA A 279 -38.22 -43.22 -28.71
N LYS A 280 -37.52 -44.16 -28.08
CA LYS A 280 -38.05 -45.52 -27.94
C LYS A 280 -39.28 -45.52 -27.04
N PHE A 281 -39.33 -44.59 -26.10
CA PHE A 281 -40.46 -44.47 -25.18
C PHE A 281 -41.51 -43.46 -25.67
N GLY A 282 -41.23 -42.80 -26.80
CA GLY A 282 -42.14 -41.80 -27.34
C GLY A 282 -42.06 -40.49 -26.57
N VAL A 283 -40.87 -40.13 -26.12
CA VAL A 283 -40.67 -38.92 -25.34
C VAL A 283 -39.94 -37.85 -26.15
N ASN A 284 -40.46 -36.63 -26.12
CA ASN A 284 -39.84 -35.52 -26.84
C ASN A 284 -39.77 -34.25 -26.00
N MET A 285 -38.64 -33.55 -26.06
CA MET A 285 -38.49 -32.30 -25.32
C MET A 285 -39.14 -31.15 -26.08
N THR A 286 -40.24 -30.63 -25.54
CA THR A 286 -41.02 -29.60 -26.21
C THR A 286 -41.06 -28.30 -25.41
N GLY A 287 -40.54 -28.34 -24.18
CA GLY A 287 -40.41 -27.16 -23.35
C GLY A 287 -38.95 -26.96 -22.99
N SER A 288 -38.47 -25.73 -23.14
CA SER A 288 -37.06 -25.45 -22.91
C SER A 288 -36.86 -24.02 -22.44
N VAL A 289 -35.80 -23.77 -21.67
CA VAL A 289 -35.48 -22.43 -21.21
CA VAL A 289 -35.47 -22.44 -21.21
C VAL A 289 -34.46 -21.79 -22.15
N TYR A 290 -33.77 -22.61 -22.93
CA TYR A 290 -32.66 -22.14 -23.77
C TYR A 290 -33.05 -21.19 -24.93
N PRO A 291 -34.32 -21.20 -25.35
CA PRO A 291 -34.70 -20.19 -26.34
C PRO A 291 -34.53 -18.76 -25.80
N HIS A 292 -34.49 -18.62 -24.49
CA HIS A 292 -34.41 -17.31 -23.84
C HIS A 292 -32.97 -16.86 -23.58
N ALA A 293 -32.03 -17.78 -23.63
CA ALA A 293 -30.65 -17.49 -23.24
C ALA A 293 -29.97 -16.46 -24.16
N TRP A 294 -30.16 -16.62 -25.46
CA TRP A 294 -29.46 -15.77 -26.43
C TRP A 294 -30.40 -14.82 -27.17
N ALA A 295 -31.61 -14.64 -26.65
CA ALA A 295 -32.52 -13.65 -27.21
C ALA A 295 -31.88 -12.26 -27.16
N LEU A 296 -31.39 -11.89 -25.99
CA LEU A 296 -30.57 -10.69 -25.81
C LEU A 296 -31.10 -9.49 -26.61
N GLN A 297 -32.22 -8.93 -26.16
CA GLN A 297 -32.88 -7.85 -26.89
C GLN A 297 -32.61 -6.47 -26.27
N TYR A 298 -32.27 -5.50 -27.12
CA TYR A 298 -32.05 -4.12 -26.69
C TYR A 298 -32.15 -3.19 -27.90
N GLU A 299 -32.56 -1.95 -27.67
CA GLU A 299 -32.71 -0.97 -28.76
C GLU A 299 -31.34 -0.53 -29.28
N VAL A 300 -31.29 -0.08 -30.53
CA VAL A 300 -30.04 0.32 -31.14
C VAL A 300 -29.41 1.50 -30.40
N ASN A 301 -28.12 1.37 -30.08
CA ASN A 301 -27.36 2.42 -29.40
C ASN A 301 -27.79 2.65 -27.96
N ASP A 302 -28.53 1.71 -27.39
CA ASP A 302 -28.95 1.81 -25.99
C ASP A 302 -28.08 0.93 -25.11
N LEU A 303 -26.95 1.49 -24.67
CA LEU A 303 -25.99 0.74 -23.85
C LEU A 303 -26.57 0.32 -22.50
N ASP A 304 -27.54 1.06 -22.02
CA ASP A 304 -28.21 0.72 -20.76
C ASP A 304 -28.96 -0.60 -20.93
N GLY A 305 -29.72 -0.71 -22.01
CA GLY A 305 -30.48 -1.92 -22.30
C GLY A 305 -29.60 -3.12 -22.59
N MET A 306 -28.47 -2.88 -23.25
CA MET A 306 -27.53 -3.96 -23.57
C MET A 306 -26.91 -4.52 -22.29
N ALA A 307 -26.60 -3.65 -21.34
CA ALA A 307 -26.07 -4.08 -20.05
C ALA A 307 -27.11 -4.93 -19.31
N VAL A 308 -28.37 -4.51 -19.34
CA VAL A 308 -29.44 -5.23 -18.66
C VAL A 308 -29.64 -6.62 -19.28
N ALA A 309 -29.54 -6.70 -20.61
CA ALA A 309 -29.75 -7.96 -21.32
C ALA A 309 -28.70 -9.01 -20.94
N TYR A 310 -27.44 -8.60 -20.88
CA TYR A 310 -26.37 -9.52 -20.54
C TYR A 310 -26.34 -9.86 -19.05
N SER A 311 -26.82 -8.92 -18.24
CA SER A 311 -26.87 -9.14 -16.79
C SER A 311 -27.94 -10.14 -16.40
N THR A 312 -29.04 -10.18 -17.16
CA THR A 312 -30.22 -10.95 -16.75
C THR A 312 -30.36 -12.31 -17.44
N MET A 313 -29.29 -12.80 -18.06
CA MET A 313 -29.27 -14.17 -18.56
C MET A 313 -29.63 -15.08 -17.38
N PHE A 314 -30.41 -16.13 -17.62
CA PHE A 314 -31.09 -16.83 -16.51
C PHE A 314 -30.20 -17.56 -15.49
N ASN A 315 -28.90 -17.67 -15.78
CA ASN A 315 -27.97 -18.22 -14.80
C ASN A 315 -27.55 -17.18 -13.75
N ASN A 316 -28.00 -15.93 -13.93
CA ASN A 316 -27.50 -14.82 -13.13
C ASN A 316 -28.61 -14.04 -12.42
N VAL A 317 -29.78 -14.67 -12.27
CA VAL A 317 -30.91 -14.04 -11.58
C VAL A 317 -31.32 -14.87 -10.36
N ASN A 318 -32.09 -14.28 -9.45
CA ASN A 318 -32.39 -14.94 -8.18
C ASN A 318 -33.19 -16.23 -8.36
N LEU A 319 -33.26 -17.03 -7.31
CA LEU A 319 -33.83 -18.38 -7.43
C LEU A 319 -35.33 -18.34 -7.74
N ASP A 320 -36.00 -17.27 -7.32
CA ASP A 320 -37.41 -17.08 -7.65
C ASP A 320 -37.58 -16.99 -9.17
N ARG A 321 -36.71 -16.23 -9.81
CA ARG A 321 -36.79 -16.02 -11.25
C ARG A 321 -36.33 -17.27 -12.01
N MET A 322 -35.30 -17.93 -11.51
CA MET A 322 -34.83 -19.18 -12.10
C MET A 322 -35.97 -20.18 -12.14
N THR A 323 -36.68 -20.28 -11.03
CA THR A 323 -37.80 -21.22 -10.91
C THR A 323 -38.91 -20.85 -11.89
N LYS A 324 -39.23 -19.57 -11.98
CA LYS A 324 -40.28 -19.10 -12.86
C LYS A 324 -39.98 -19.49 -14.31
N TYR A 325 -38.70 -19.46 -14.67
CA TYR A 325 -38.29 -19.88 -16.01
C TYR A 325 -38.69 -21.33 -16.30
N ARG A 326 -38.42 -22.23 -15.37
CA ARG A 326 -38.75 -23.65 -15.56
C ARG A 326 -40.25 -23.89 -15.52
N VAL A 327 -40.95 -23.20 -14.62
CA VAL A 327 -42.40 -23.35 -14.53
C VAL A 327 -43.07 -22.90 -15.82
N ASP A 328 -42.67 -21.74 -16.33
CA ASP A 328 -43.24 -21.21 -17.56
C ASP A 328 -42.93 -22.10 -18.77
N SER A 329 -41.75 -22.72 -18.77
CA SER A 329 -41.37 -23.58 -19.89
C SER A 329 -42.22 -24.85 -19.91
N LEU A 330 -42.55 -25.37 -18.73
CA LEU A 330 -43.38 -26.57 -18.63
C LEU A 330 -44.82 -26.30 -19.03
N VAL A 331 -45.38 -25.21 -18.52
CA VAL A 331 -46.77 -24.86 -18.78
C VAL A 331 -47.00 -24.49 -20.24
N GLU A 332 -46.20 -23.53 -20.72
CA GLU A 332 -46.30 -23.06 -22.10
C GLU A 332 -45.92 -24.17 -23.09
N GLY A 333 -45.12 -25.12 -22.62
CA GLY A 333 -44.69 -26.22 -23.46
C GLY A 333 -45.69 -27.35 -23.52
N LYS A 334 -46.79 -27.23 -22.78
CA LYS A 334 -47.82 -28.26 -22.75
C LYS A 334 -47.19 -29.60 -22.33
N CYS A 335 -46.35 -29.56 -21.30
CA CYS A 335 -45.56 -30.72 -20.90
C CYS A 335 -46.28 -31.62 -19.90
N ASP A 336 -45.93 -32.91 -19.92
CA ASP A 336 -46.49 -33.91 -19.02
C ASP A 336 -45.52 -34.27 -17.90
N GLY A 337 -44.28 -33.77 -17.98
CA GLY A 337 -43.29 -34.09 -16.97
C GLY A 337 -41.98 -33.33 -17.14
N ALA A 338 -41.14 -33.40 -16.10
CA ALA A 338 -39.82 -32.77 -16.13
C ALA A 338 -38.73 -33.80 -15.82
N PHE A 339 -37.59 -33.68 -16.47
CA PHE A 339 -36.49 -34.65 -16.36
C PHE A 339 -35.20 -33.88 -16.09
N TYR A 340 -34.55 -34.14 -14.96
CA TYR A 340 -33.45 -33.29 -14.48
C TYR A 340 -32.07 -33.94 -14.60
N HIS A 341 -31.17 -33.26 -15.30
CA HIS A 341 -29.77 -33.67 -15.38
C HIS A 341 -28.98 -33.05 -14.22
N MET A 342 -28.60 -33.87 -13.24
CA MET A 342 -27.67 -33.43 -12.20
C MET A 342 -26.26 -33.46 -12.78
N ASN A 343 -25.82 -32.33 -13.29
CA ASN A 343 -24.58 -32.22 -14.05
C ASN A 343 -23.38 -31.96 -13.12
N ARG A 344 -22.50 -32.95 -13.04
CA ARG A 344 -21.40 -32.93 -12.07
C ARG A 344 -20.45 -31.75 -12.27
N SER A 345 -20.34 -31.26 -13.50
CA SER A 345 -19.47 -30.11 -13.78
C SER A 345 -20.07 -28.81 -13.31
N CYS A 346 -21.37 -28.62 -13.53
CA CYS A 346 -21.98 -27.31 -13.34
C CYS A 346 -22.53 -27.14 -11.93
N LYS A 347 -21.72 -26.57 -11.04
CA LYS A 347 -22.12 -26.40 -9.66
C LYS A 347 -23.24 -25.37 -9.49
N LEU A 348 -23.19 -24.31 -10.29
CA LEU A 348 -24.20 -23.26 -10.20
C LEU A 348 -25.60 -23.84 -10.38
N MET A 349 -25.76 -24.67 -11.40
CA MET A 349 -27.07 -25.28 -11.69
C MET A 349 -27.39 -26.42 -10.72
N SER A 350 -26.38 -27.15 -10.28
CA SER A 350 -26.60 -28.33 -9.45
C SER A 350 -26.95 -28.02 -8.00
N LEU A 351 -26.43 -26.93 -7.46
CA LEU A 351 -26.55 -26.65 -6.03
C LEU A 351 -27.86 -25.96 -5.65
N ILE A 352 -28.69 -25.63 -6.64
CA ILE A 352 -30.05 -25.16 -6.35
C ILE A 352 -31.10 -26.03 -7.03
N GLN A 353 -30.68 -27.15 -7.61
CA GLN A 353 -31.61 -28.02 -8.34
C GLN A 353 -32.67 -28.65 -7.44
N TYR A 354 -32.30 -29.04 -6.22
CA TYR A 354 -33.25 -29.71 -5.33
C TYR A 354 -34.42 -28.79 -4.99
N GLU A 355 -34.13 -27.57 -4.55
CA GLU A 355 -35.18 -26.64 -4.17
C GLU A 355 -36.00 -26.22 -5.39
N MET A 356 -35.33 -26.01 -6.52
CA MET A 356 -36.01 -25.57 -7.73
C MET A 356 -37.00 -26.60 -8.25
N GLN A 357 -36.62 -27.88 -8.21
CA GLN A 357 -37.50 -28.92 -8.75
C GLN A 357 -38.68 -29.21 -7.81
N ARG A 358 -38.49 -28.95 -6.52
CA ARG A 358 -39.59 -29.08 -5.55
C ARG A 358 -40.65 -28.01 -5.80
N ARG A 359 -40.20 -26.78 -6.05
CA ARG A 359 -41.11 -25.67 -6.30
C ARG A 359 -41.84 -25.84 -7.63
N ALA A 360 -41.11 -26.27 -8.65
CA ALA A 360 -41.69 -26.42 -9.98
C ALA A 360 -42.75 -27.51 -9.96
N ALA A 361 -42.51 -28.55 -9.17
CA ALA A 361 -43.46 -29.66 -9.08
C ALA A 361 -44.70 -29.27 -8.29
N GLU A 362 -44.51 -28.46 -7.25
CA GLU A 362 -45.62 -28.03 -6.41
C GLU A 362 -46.57 -27.12 -7.20
N GLU A 363 -46.00 -26.23 -8.01
CA GLU A 363 -46.80 -25.26 -8.76
C GLU A 363 -47.51 -25.87 -9.98
N THR A 364 -46.81 -26.73 -10.72
CA THR A 364 -47.38 -27.32 -11.94
C THR A 364 -48.17 -28.59 -11.67
N GLY A 365 -47.93 -29.21 -10.53
CA GLY A 365 -48.53 -30.51 -10.21
C GLY A 365 -48.03 -31.63 -11.10
N LEU A 366 -46.95 -31.40 -11.84
CA LEU A 366 -46.39 -32.40 -12.74
C LEU A 366 -45.33 -33.26 -12.06
N PRO A 367 -45.23 -34.53 -12.46
CA PRO A 367 -44.22 -35.43 -11.90
C PRO A 367 -42.83 -35.16 -12.48
N TYR A 368 -41.80 -35.62 -11.81
CA TYR A 368 -40.44 -35.45 -12.33
C TYR A 368 -39.54 -36.64 -11.94
N ALA A 369 -38.39 -36.71 -12.61
CA ALA A 369 -37.35 -37.66 -12.27
C ALA A 369 -36.02 -37.06 -12.71
N GLY A 370 -34.91 -37.73 -12.42
CA GLY A 370 -33.61 -37.22 -12.79
C GLY A 370 -32.54 -38.29 -12.92
N PHE A 371 -31.35 -37.87 -13.35
CA PHE A 371 -30.23 -38.79 -13.53
C PHE A 371 -28.91 -38.04 -13.36
N ASP A 372 -27.86 -38.79 -13.03
CA ASP A 372 -26.53 -38.21 -12.89
C ASP A 372 -25.79 -38.20 -14.22
N GLY A 373 -25.00 -37.16 -14.46
CA GLY A 373 -24.24 -37.09 -15.69
C GLY A 373 -23.21 -35.98 -15.73
N ASP A 374 -22.68 -35.74 -16.91
CA ASP A 374 -21.77 -34.63 -17.16
C ASP A 374 -21.83 -34.28 -18.64
N GLN A 375 -21.64 -33.00 -18.98
CA GLN A 375 -21.76 -32.59 -20.38
C GLN A 375 -20.58 -33.04 -21.24
N ALA A 376 -19.43 -33.30 -20.63
CA ALA A 376 -18.23 -33.66 -21.40
C ALA A 376 -17.41 -34.84 -20.86
N ASP A 377 -17.61 -35.21 -19.60
CA ASP A 377 -16.81 -36.28 -18.98
C ASP A 377 -17.59 -37.59 -18.99
N PRO A 378 -17.17 -38.56 -19.81
CA PRO A 378 -17.96 -39.78 -19.97
C PRO A 378 -17.97 -40.67 -18.74
N ARG A 379 -17.06 -40.43 -17.79
CA ARG A 379 -16.99 -41.25 -16.59
C ARG A 379 -18.16 -41.00 -15.64
N ALA A 380 -18.88 -39.89 -15.85
CA ALA A 380 -19.90 -39.46 -14.89
C ALA A 380 -21.32 -39.90 -15.26
N PHE A 381 -21.46 -40.54 -16.41
CA PHE A 381 -22.78 -40.95 -16.90
C PHE A 381 -22.84 -42.47 -17.03
N THR A 382 -24.01 -43.03 -16.74
CA THR A 382 -24.20 -44.47 -16.77
C THR A 382 -25.45 -44.80 -17.59
N ASN A 383 -25.25 -45.45 -18.73
CA ASN A 383 -26.35 -45.70 -19.67
C ASN A 383 -27.55 -46.40 -19.04
N ALA A 384 -27.27 -47.50 -18.33
CA ALA A 384 -28.32 -48.31 -17.74
C ALA A 384 -29.18 -47.51 -16.76
N GLN A 385 -28.57 -46.56 -16.07
CA GLN A 385 -29.30 -45.75 -15.10
C GLN A 385 -30.21 -44.75 -15.81
N PHE A 386 -29.71 -44.15 -16.89
CA PHE A 386 -30.51 -43.19 -17.65
C PHE A 386 -31.77 -43.88 -18.16
N GLU A 387 -31.61 -45.11 -18.60
CA GLU A 387 -32.73 -45.87 -19.16
C GLU A 387 -33.84 -46.11 -18.13
N THR A 388 -33.48 -46.62 -16.96
CA THR A 388 -34.48 -46.92 -15.94
C THR A 388 -35.13 -45.65 -15.38
N ARG A 389 -34.39 -44.55 -15.35
CA ARG A 389 -34.92 -43.29 -14.81
C ARG A 389 -36.06 -42.75 -15.67
N ILE A 390 -35.87 -42.74 -16.99
CA ILE A 390 -36.90 -42.23 -17.90
C ILE A 390 -38.05 -43.22 -17.99
N GLN A 391 -37.76 -44.49 -17.79
CA GLN A 391 -38.80 -45.53 -17.84
C GLN A 391 -39.76 -45.33 -16.67
N GLY A 392 -39.22 -44.92 -15.52
CA GLY A 392 -40.01 -44.65 -14.35
C GLY A 392 -40.89 -43.42 -14.54
N LEU A 393 -40.32 -42.37 -15.11
CA LEU A 393 -41.09 -41.17 -15.41
C LEU A 393 -42.24 -41.48 -16.38
N VAL A 394 -41.97 -42.33 -17.37
CA VAL A 394 -42.98 -42.68 -18.37
C VAL A 394 -44.16 -43.44 -17.75
N GLU A 395 -43.88 -44.31 -16.80
CA GLU A 395 -44.93 -45.09 -16.15
C GLU A 395 -45.87 -44.19 -15.39
N VAL A 396 -45.31 -43.21 -14.68
CA VAL A 396 -46.10 -42.25 -13.93
C VAL A 396 -46.96 -41.40 -14.87
N MET A 397 -46.36 -40.94 -15.96
CA MET A 397 -47.06 -40.09 -16.91
C MET A 397 -48.17 -40.85 -17.64
N GLU A 398 -47.98 -42.15 -17.83
CA GLU A 398 -48.97 -42.97 -18.54
C GLU A 398 -50.20 -43.20 -17.65
N GLU A 399 -49.96 -43.48 -16.38
CA GLU A 399 -51.04 -43.70 -15.42
C GLU A 399 -51.88 -42.44 -15.26
N ARG A 400 -51.22 -41.28 -15.34
CA ARG A 400 -51.90 -40.00 -15.15
C ARG A 400 -52.74 -39.62 -16.37
N LYS A 401 -52.50 -40.28 -17.50
CA LYS A 401 -53.25 -39.98 -18.72
C LYS A 401 -54.68 -40.51 -18.65
N LYS A 402 -54.90 -41.55 -17.85
CA LYS A 402 -56.21 -42.18 -17.76
C LYS A 402 -57.25 -41.27 -17.13
N LEU A 403 -58.40 -41.14 -17.80
CA LEU A 403 -59.52 -40.37 -17.25
C LEU A 403 -60.66 -41.30 -16.86
N MET B 1 0.98 -16.58 30.12
CA MET B 1 0.21 -16.87 28.88
C MET B 1 -1.13 -17.50 29.19
N GLU B 2 -1.16 -18.37 30.20
CA GLU B 2 -2.32 -19.22 30.45
C GLU B 2 -3.61 -18.44 30.62
N ALA B 3 -3.53 -17.28 31.27
CA ALA B 3 -4.72 -16.45 31.49
C ALA B 3 -5.32 -16.02 30.14
N ILE B 4 -4.45 -15.68 29.20
CA ILE B 4 -4.89 -15.22 27.89
C ILE B 4 -5.35 -16.39 27.01
N LEU B 5 -4.53 -17.42 26.92
CA LEU B 5 -4.86 -18.59 26.11
C LEU B 5 -6.20 -19.19 26.52
N SER B 6 -6.44 -19.28 27.83
CA SER B 6 -7.66 -19.88 28.34
C SER B 6 -8.89 -19.05 27.97
N LYS B 7 -8.73 -17.73 27.98
CA LYS B 7 -9.82 -16.83 27.61
C LYS B 7 -10.19 -17.01 26.14
N MET B 8 -9.17 -17.17 25.29
CA MET B 8 -9.39 -17.35 23.87
C MET B 8 -9.95 -18.75 23.60
N LYS B 9 -9.63 -19.68 24.48
CA LYS B 9 -10.07 -21.06 24.35
C LYS B 9 -11.55 -21.18 24.67
N GLU B 10 -12.03 -20.32 25.56
CA GLU B 10 -13.42 -20.36 26.01
C GLU B 10 -14.38 -19.84 24.94
N VAL B 11 -13.93 -18.86 24.16
CA VAL B 11 -14.77 -18.28 23.12
C VAL B 11 -14.74 -19.12 21.86
N VAL B 12 -13.61 -19.78 21.60
CA VAL B 12 -13.46 -20.60 20.40
C VAL B 12 -14.23 -21.91 20.55
N GLU B 13 -14.27 -22.44 21.76
CA GLU B 13 -14.92 -23.72 22.01
C GLU B 13 -16.39 -23.56 22.36
N ASN B 14 -16.78 -22.38 22.82
CA ASN B 14 -18.18 -22.09 23.13
C ASN B 14 -18.65 -20.80 22.47
N PRO B 15 -18.51 -20.72 21.15
CA PRO B 15 -18.90 -19.53 20.38
C PRO B 15 -20.27 -18.99 20.79
N ASN B 16 -21.24 -19.88 20.88
CA ASN B 16 -22.62 -19.47 21.16
C ASN B 16 -22.76 -18.83 22.53
N ALA B 17 -22.03 -19.34 23.51
CA ALA B 17 -22.03 -18.76 24.85
C ALA B 17 -21.55 -17.32 24.80
N ALA B 18 -20.50 -17.08 24.01
CA ALA B 18 -19.92 -15.74 23.90
C ALA B 18 -20.91 -14.76 23.29
N VAL B 19 -21.73 -15.24 22.35
CA VAL B 19 -22.69 -14.39 21.68
C VAL B 19 -23.82 -13.98 22.62
N LYS B 20 -24.40 -14.95 23.32
CA LYS B 20 -25.49 -14.69 24.25
C LYS B 20 -25.00 -13.77 25.37
N LYS B 21 -23.71 -13.84 25.68
CA LYS B 21 -23.11 -12.99 26.69
C LYS B 21 -23.02 -11.55 26.20
N TYR B 22 -22.69 -11.39 24.92
CA TYR B 22 -22.54 -10.07 24.34
C TYR B 22 -23.86 -9.33 24.24
N LYS B 23 -24.91 -10.05 23.84
CA LYS B 23 -26.23 -9.44 23.63
C LYS B 23 -26.86 -8.97 24.94
N SER B 24 -26.57 -9.68 26.02
CA SER B 24 -27.19 -9.34 27.31
C SER B 24 -26.47 -8.20 28.02
N GLU B 25 -25.15 -8.13 27.86
CA GLU B 25 -24.35 -7.13 28.55
C GLU B 25 -24.41 -5.76 27.88
N THR B 26 -24.50 -5.74 26.56
CA THR B 26 -24.54 -4.50 25.82
C THR B 26 -25.96 -4.16 25.36
N GLY B 27 -26.80 -5.18 25.25
CA GLY B 27 -28.15 -5.00 24.74
C GLY B 27 -28.14 -4.80 23.24
N LYS B 28 -27.06 -5.22 22.59
CA LYS B 28 -26.90 -5.05 21.14
C LYS B 28 -26.95 -6.41 20.45
N LYS B 29 -27.08 -6.38 19.12
CA LYS B 29 -27.23 -7.60 18.34
C LYS B 29 -25.90 -8.08 17.76
N ALA B 30 -25.93 -9.27 17.16
CA ALA B 30 -24.75 -9.84 16.53
C ALA B 30 -25.07 -10.25 15.09
N ILE B 31 -24.07 -10.12 14.21
CA ILE B 31 -24.23 -10.42 12.80
C ILE B 31 -23.16 -11.40 12.35
N GLY B 32 -23.58 -12.45 11.63
CA GLY B 32 -22.65 -13.45 11.15
C GLY B 32 -21.97 -13.05 9.84
N CYS B 33 -20.68 -13.32 9.74
CA CYS B 33 -19.92 -13.01 8.55
C CYS B 33 -19.37 -14.28 7.91
N PHE B 34 -19.92 -14.65 6.75
CA PHE B 34 -19.44 -15.82 6.02
C PHE B 34 -18.12 -15.48 5.32
N PRO B 35 -17.37 -16.51 4.91
CA PRO B 35 -16.09 -16.31 4.22
C PRO B 35 -16.29 -15.77 2.79
N VAL B 36 -15.27 -15.15 2.20
CA VAL B 36 -13.98 -14.90 2.85
C VAL B 36 -13.90 -13.50 3.43
N TYR B 37 -14.39 -12.51 2.70
CA TYR B 37 -14.30 -11.12 3.15
C TYR B 37 -15.67 -10.47 3.35
N CYS B 38 -15.87 -9.87 4.53
CA CYS B 38 -17.04 -9.03 4.80
C CYS B 38 -16.55 -7.69 5.36
N PRO B 39 -17.33 -6.61 5.16
CA PRO B 39 -16.96 -5.31 5.72
C PRO B 39 -17.31 -5.19 7.21
N GLU B 40 -16.58 -5.92 8.05
CA GLU B 40 -16.90 -6.00 9.47
C GLU B 40 -17.00 -4.62 10.13
N GLU B 41 -16.29 -3.65 9.57
CA GLU B 41 -16.19 -2.32 10.18
C GLU B 41 -17.57 -1.66 10.26
N ILE B 42 -18.45 -1.98 9.32
CA ILE B 42 -19.78 -1.39 9.30
C ILE B 42 -20.64 -1.95 10.43
N ILE B 43 -20.57 -3.27 10.63
CA ILE B 43 -21.28 -3.92 11.74
C ILE B 43 -20.75 -3.39 13.08
N HIS B 44 -19.43 -3.27 13.17
CA HIS B 44 -18.77 -2.84 14.39
C HIS B 44 -19.16 -1.41 14.75
N ALA B 45 -19.36 -0.59 13.73
CA ALA B 45 -19.70 0.83 13.92
C ALA B 45 -21.08 0.98 14.56
N ALA B 46 -21.96 0.03 14.26
CA ALA B 46 -23.32 0.06 14.79
C ALA B 46 -23.34 -0.37 16.25
N GLY B 47 -22.20 -0.82 16.76
CA GLY B 47 -22.10 -1.31 18.11
C GLY B 47 -22.54 -2.76 18.22
N MET B 48 -22.56 -3.45 17.08
CA MET B 48 -22.91 -4.87 17.04
C MET B 48 -21.65 -5.73 16.95
N LEU B 49 -21.81 -7.03 17.13
CA LEU B 49 -20.68 -7.95 17.15
C LEU B 49 -20.57 -8.75 15.85
N PRO B 50 -19.50 -8.50 15.07
CA PRO B 50 -19.25 -9.31 13.87
C PRO B 50 -18.66 -10.69 14.23
N VAL B 51 -19.42 -11.75 13.99
CA VAL B 51 -19.00 -13.10 14.35
C VAL B 51 -18.65 -13.92 13.10
N GLY B 52 -17.43 -14.43 13.04
CA GLY B 52 -16.98 -15.21 11.90
C GLY B 52 -17.61 -16.59 11.80
N ILE B 53 -18.04 -16.94 10.60
CA ILE B 53 -18.64 -18.26 10.35
C ILE B 53 -17.73 -19.07 9.42
N TRP B 54 -17.20 -20.18 9.94
CA TRP B 54 -16.25 -20.99 9.18
C TRP B 54 -16.55 -22.49 9.28
N GLY B 55 -17.83 -22.82 9.35
CA GLY B 55 -18.25 -24.23 9.37
C GLY B 55 -17.87 -24.92 10.67
N GLY B 56 -17.43 -26.17 10.55
CA GLY B 56 -17.06 -26.96 11.71
C GLY B 56 -17.11 -28.45 11.45
N GLN B 57 -16.64 -29.24 12.41
CA GLN B 57 -16.60 -30.68 12.25
C GLN B 57 -17.99 -31.28 12.52
N THR B 58 -18.74 -31.52 11.46
CA THR B 58 -20.10 -32.03 11.58
C THR B 58 -20.44 -33.00 10.46
N GLU B 59 -21.39 -33.89 10.71
CA GLU B 59 -21.87 -34.79 9.69
C GLU B 59 -23.04 -34.14 8.98
N LEU B 60 -23.37 -34.63 7.78
CA LEU B 60 -24.43 -34.05 6.97
C LEU B 60 -25.70 -34.89 7.06
N ASP B 61 -26.84 -34.21 7.08
CA ASP B 61 -28.14 -34.88 7.13
C ASP B 61 -29.19 -33.94 6.54
N LEU B 62 -29.49 -32.87 7.25
CA LEU B 62 -30.48 -31.89 6.82
C LEU B 62 -30.02 -31.16 5.55
N ALA B 63 -28.71 -30.97 5.42
CA ALA B 63 -28.16 -30.25 4.27
C ALA B 63 -28.39 -31.00 2.96
N LYS B 64 -28.64 -32.32 3.06
CA LYS B 64 -28.85 -33.15 1.88
C LYS B 64 -30.14 -32.80 1.14
N GLN B 65 -30.98 -31.97 1.74
CA GLN B 65 -32.21 -31.53 1.09
C GLN B 65 -31.96 -30.39 0.10
N TYR B 66 -30.77 -29.79 0.15
CA TYR B 66 -30.48 -28.62 -0.67
C TYR B 66 -29.23 -28.77 -1.54
N PHE B 67 -28.22 -29.46 -1.01
CA PHE B 67 -26.96 -29.65 -1.73
C PHE B 67 -26.74 -31.12 -2.06
N PRO B 68 -26.27 -31.41 -3.29
CA PRO B 68 -25.78 -32.76 -3.58
C PRO B 68 -24.43 -32.97 -2.90
N ALA B 69 -23.78 -34.11 -3.15
CA ALA B 69 -22.58 -34.48 -2.42
C ALA B 69 -21.33 -33.66 -2.78
N PHE B 70 -21.34 -32.97 -3.91
CA PHE B 70 -20.11 -32.34 -4.40
C PHE B 70 -20.00 -30.83 -4.17
N ALA B 71 -20.75 -30.30 -3.20
CA ALA B 71 -20.48 -28.95 -2.70
C ALA B 71 -19.34 -29.03 -1.72
N CYS B 72 -18.56 -27.96 -1.62
CA CYS B 72 -17.37 -27.95 -0.76
C CYS B 72 -17.72 -28.24 0.69
N SER B 73 -16.80 -28.89 1.40
CA SER B 73 -17.06 -29.33 2.76
C SER B 73 -17.48 -28.19 3.71
N ILE B 74 -16.76 -27.07 3.66
CA ILE B 74 -17.03 -25.99 4.60
C ILE B 74 -18.45 -25.43 4.44
N MET B 75 -18.93 -25.28 3.21
CA MET B 75 -20.26 -24.74 3.00
C MET B 75 -21.34 -25.78 3.34
N GLN B 76 -20.98 -27.06 3.24
CA GLN B 76 -21.89 -28.13 3.66
C GLN B 76 -22.13 -28.04 5.17
N SER B 77 -21.06 -27.76 5.91
CA SER B 77 -21.13 -27.63 7.37
C SER B 77 -21.95 -26.41 7.76
N CYS B 78 -21.68 -25.28 7.10
CA CYS B 78 -22.40 -24.04 7.38
C CYS B 78 -23.90 -24.22 7.18
N LEU B 79 -24.28 -24.91 6.11
CA LEU B 79 -25.70 -25.13 5.82
C LEU B 79 -26.34 -26.05 6.85
N GLU B 80 -25.61 -27.08 7.26
CA GLU B 80 -26.12 -28.05 8.23
C GLU B 80 -26.35 -27.36 9.56
N TYR B 81 -25.39 -26.52 9.97
CA TYR B 81 -25.48 -25.80 11.21
C TYR B 81 -26.68 -24.86 11.19
N GLY B 82 -26.82 -24.10 10.10
CA GLY B 82 -27.94 -23.20 9.94
C GLY B 82 -29.26 -23.92 10.09
N LEU B 83 -29.37 -25.09 9.47
CA LEU B 83 -30.61 -25.86 9.50
C LEU B 83 -30.90 -26.44 10.87
N LYS B 84 -29.85 -26.73 11.63
CA LYS B 84 -30.01 -27.27 12.98
C LYS B 84 -30.25 -26.15 14.00
N GLY B 85 -30.13 -24.91 13.55
CA GLY B 85 -30.43 -23.75 14.38
C GLY B 85 -29.26 -23.28 15.24
N ALA B 86 -28.05 -23.67 14.87
CA ALA B 86 -26.87 -23.33 15.63
C ALA B 86 -26.54 -21.84 15.55
N TYR B 87 -27.16 -21.14 14.59
CA TYR B 87 -26.89 -19.72 14.37
C TYR B 87 -28.05 -18.82 14.82
N ASP B 88 -29.06 -19.39 15.45
CA ASP B 88 -30.31 -18.68 15.71
C ASP B 88 -30.20 -17.43 16.60
N GLU B 89 -29.06 -17.24 17.26
CA GLU B 89 -28.86 -16.06 18.12
C GLU B 89 -28.37 -14.85 17.33
N LEU B 90 -28.21 -15.03 16.02
CA LEU B 90 -27.78 -13.94 15.15
C LEU B 90 -29.00 -13.25 14.55
N SER B 91 -28.90 -11.93 14.39
CA SER B 91 -29.99 -11.15 13.82
C SER B 91 -29.85 -11.00 12.31
N GLY B 92 -28.86 -11.68 11.74
CA GLY B 92 -28.62 -11.63 10.31
C GLY B 92 -27.27 -12.20 9.93
N VAL B 93 -27.06 -12.38 8.63
CA VAL B 93 -25.79 -12.90 8.13
C VAL B 93 -25.46 -12.30 6.77
N ILE B 94 -24.20 -11.91 6.58
CA ILE B 94 -23.72 -11.50 5.27
C ILE B 94 -23.07 -12.69 4.57
N ILE B 95 -23.61 -13.05 3.40
CA ILE B 95 -23.08 -14.17 2.62
C ILE B 95 -22.62 -13.65 1.26
N PRO B 96 -21.33 -13.25 1.18
CA PRO B 96 -20.85 -12.66 -0.06
C PRO B 96 -20.76 -13.68 -1.20
N GLY B 97 -21.20 -13.29 -2.39
CA GLY B 97 -21.19 -14.20 -3.52
C GLY B 97 -19.85 -14.25 -4.22
N MET B 98 -18.85 -14.81 -3.54
CA MET B 98 -17.48 -14.81 -4.05
C MET B 98 -17.24 -15.94 -5.04
N CYS B 99 -18.11 -16.94 -5.02
CA CYS B 99 -18.02 -18.10 -5.91
C CYS B 99 -19.40 -18.69 -6.16
N ASP B 100 -19.49 -19.67 -7.06
CA ASP B 100 -20.77 -20.29 -7.37
C ASP B 100 -21.43 -20.89 -6.14
N THR B 101 -20.64 -21.51 -5.28
CA THR B 101 -21.18 -22.20 -4.10
C THR B 101 -21.69 -21.21 -3.05
N LEU B 102 -20.98 -20.12 -2.82
CA LEU B 102 -21.46 -19.10 -1.89
C LEU B 102 -22.74 -18.45 -2.41
N ILE B 103 -22.82 -18.27 -3.72
CA ILE B 103 -24.01 -17.67 -4.34
C ILE B 103 -25.22 -18.58 -4.19
N CYS B 104 -25.02 -19.87 -4.44
CA CYS B 104 -26.10 -20.85 -4.30
C CYS B 104 -26.56 -20.98 -2.86
N LEU B 105 -25.62 -20.92 -1.92
CA LEU B 105 -25.94 -21.06 -0.50
C LEU B 105 -26.89 -19.94 -0.07
N GLY B 106 -26.55 -18.70 -0.44
CA GLY B 106 -27.39 -17.55 -0.15
C GLY B 106 -28.81 -17.69 -0.66
N GLN B 107 -28.95 -18.18 -1.89
CA GLN B 107 -30.29 -18.36 -2.49
C GLN B 107 -31.09 -19.43 -1.74
N ASN B 108 -30.45 -20.53 -1.40
CA ASN B 108 -31.10 -21.58 -0.60
C ASN B 108 -31.44 -21.08 0.80
N TRP B 109 -30.59 -20.21 1.33
CA TRP B 109 -30.72 -19.75 2.70
C TRP B 109 -32.04 -19.03 2.92
N LYS B 110 -32.48 -18.29 1.91
CA LYS B 110 -33.73 -17.54 2.02
C LYS B 110 -34.94 -18.43 2.32
N SER B 111 -34.86 -19.70 1.92
CA SER B 111 -35.93 -20.66 2.20
C SER B 111 -35.62 -21.55 3.40
N ALA B 112 -34.37 -21.98 3.48
CA ALA B 112 -33.96 -22.98 4.46
C ALA B 112 -33.94 -22.40 5.88
N VAL B 113 -33.49 -21.16 6.00
CA VAL B 113 -33.40 -20.50 7.30
C VAL B 113 -34.03 -19.11 7.20
N PRO B 114 -35.36 -19.06 7.06
CA PRO B 114 -36.09 -17.82 6.80
C PRO B 114 -36.09 -16.84 7.98
N HIS B 115 -35.76 -17.33 9.17
CA HIS B 115 -35.80 -16.49 10.37
C HIS B 115 -34.49 -15.73 10.62
N ILE B 116 -33.49 -15.95 9.78
CA ILE B 116 -32.25 -15.17 9.86
C ILE B 116 -32.05 -14.41 8.54
N LYS B 117 -32.15 -13.09 8.61
CA LYS B 117 -32.05 -12.24 7.43
C LYS B 117 -30.74 -12.47 6.68
N TYR B 118 -30.83 -12.65 5.38
CA TYR B 118 -29.65 -12.77 4.52
C TYR B 118 -29.39 -11.45 3.81
N ILE B 119 -28.20 -10.89 4.06
CA ILE B 119 -27.78 -9.64 3.45
C ILE B 119 -26.83 -9.94 2.29
N SER B 120 -27.19 -9.46 1.10
CA SER B 120 -26.44 -9.76 -0.12
C SER B 120 -25.25 -8.83 -0.32
N LEU B 121 -24.18 -9.36 -0.92
CA LEU B 121 -22.98 -8.58 -1.23
C LEU B 121 -22.15 -9.32 -2.28
N VAL B 122 -21.87 -8.66 -3.40
CA VAL B 122 -21.03 -9.24 -4.44
C VAL B 122 -19.87 -8.30 -4.79
N HIS B 123 -18.65 -8.69 -4.40
CA HIS B 123 -17.45 -7.92 -4.70
C HIS B 123 -17.15 -7.93 -6.21
N PRO B 124 -16.66 -6.81 -6.75
CA PRO B 124 -16.32 -6.69 -8.16
C PRO B 124 -15.02 -7.41 -8.56
N GLN B 125 -15.04 -8.13 -9.68
CA GLN B 125 -13.82 -8.72 -10.20
C GLN B 125 -12.87 -7.63 -10.70
N ASN B 126 -13.44 -6.63 -11.38
CA ASN B 126 -12.67 -5.51 -11.91
C ASN B 126 -12.45 -4.46 -10.81
N ARG B 127 -11.71 -4.86 -9.79
CA ARG B 127 -11.63 -4.12 -8.54
C ARG B 127 -10.65 -2.96 -8.57
N LYS B 128 -9.90 -2.85 -9.67
CA LYS B 128 -8.93 -1.77 -9.81
C LYS B 128 -9.42 -0.67 -10.76
N LEU B 129 -10.52 -0.92 -11.44
CA LEU B 129 -11.17 0.14 -12.21
C LEU B 129 -11.86 1.07 -11.23
N GLU B 130 -11.79 2.38 -11.50
CA GLU B 130 -12.52 3.33 -10.67
C GLU B 130 -14.01 2.98 -10.64
N ALA B 131 -14.53 2.51 -11.77
CA ALA B 131 -15.93 2.10 -11.86
C ALA B 131 -16.23 0.95 -10.89
N GLY B 132 -15.26 0.07 -10.70
CA GLY B 132 -15.42 -1.04 -9.77
C GLY B 132 -15.50 -0.54 -8.35
N VAL B 133 -14.70 0.47 -8.03
CA VAL B 133 -14.70 1.05 -6.70
C VAL B 133 -16.06 1.71 -6.41
N LYS B 134 -16.56 2.47 -7.38
CA LYS B 134 -17.83 3.16 -7.21
C LYS B 134 -18.98 2.16 -7.06
N TYR B 135 -18.88 1.04 -7.78
CA TYR B 135 -19.89 -0.01 -7.67
C TYR B 135 -19.89 -0.64 -6.28
N LEU B 136 -18.71 -0.93 -5.76
CA LEU B 136 -18.60 -1.58 -4.46
C LEU B 136 -19.07 -0.64 -3.34
N ILE B 137 -18.90 0.66 -3.53
CA ILE B 137 -19.44 1.62 -2.58
C ILE B 137 -20.96 1.50 -2.53
N SER B 138 -21.58 1.34 -3.70
CA SER B 138 -23.03 1.18 -3.74
C SER B 138 -23.47 -0.09 -3.02
N GLU B 139 -22.71 -1.18 -3.20
CA GLU B 139 -23.03 -2.44 -2.52
C GLU B 139 -22.93 -2.27 -1.01
N TYR B 140 -21.93 -1.53 -0.56
CA TYR B 140 -21.73 -1.30 0.87
C TYR B 140 -22.80 -0.41 1.47
N LYS B 141 -23.30 0.54 0.68
CA LYS B 141 -24.42 1.37 1.11
C LYS B 141 -25.65 0.49 1.32
N GLY B 142 -25.80 -0.54 0.48
CA GLY B 142 -26.90 -1.47 0.61
C GLY B 142 -26.78 -2.28 1.89
N VAL B 143 -25.57 -2.76 2.17
CA VAL B 143 -25.29 -3.50 3.39
C VAL B 143 -25.58 -2.62 4.61
N LYS B 144 -25.25 -1.34 4.49
CA LYS B 144 -25.46 -0.39 5.58
C LYS B 144 -26.96 -0.23 5.82
N ARG B 145 -27.71 -0.08 4.74
CA ARG B 145 -29.15 0.11 4.81
C ARG B 145 -29.83 -1.08 5.49
N GLU B 146 -29.37 -2.29 5.18
CA GLU B 146 -29.95 -3.51 5.74
C GLU B 146 -29.65 -3.64 7.22
N LEU B 147 -28.42 -3.33 7.61
CA LEU B 147 -28.02 -3.42 9.01
C LEU B 147 -28.81 -2.42 9.85
N GLU B 148 -29.07 -1.25 9.29
CA GLU B 148 -29.83 -0.22 9.99
C GLU B 148 -31.29 -0.62 10.18
N GLU B 149 -31.81 -1.41 9.25
CA GLU B 149 -33.17 -1.92 9.39
C GLU B 149 -33.24 -2.94 10.52
N ILE B 150 -32.12 -3.61 10.78
CA ILE B 150 -32.05 -4.65 11.80
C ILE B 150 -31.85 -4.08 13.21
N CYS B 151 -30.85 -3.20 13.37
CA CYS B 151 -30.55 -2.63 14.68
C CYS B 151 -31.58 -1.58 15.08
N GLY B 152 -32.11 -0.86 14.10
CA GLY B 152 -33.19 0.08 14.32
C GLY B 152 -32.77 1.54 14.33
N TYR B 153 -31.47 1.80 14.20
CA TYR B 153 -30.97 3.17 14.22
C TYR B 153 -29.90 3.40 13.15
N GLU B 154 -29.71 4.66 12.78
CA GLU B 154 -28.75 5.03 11.76
C GLU B 154 -27.32 4.77 12.22
N ILE B 155 -26.46 4.41 11.27
CA ILE B 155 -25.04 4.21 11.53
C ILE B 155 -24.28 5.44 11.03
N GLU B 156 -23.75 6.22 11.96
N GLU B 156 -23.75 6.21 11.97
CA GLU B 156 -23.14 7.50 11.63
CA GLU B 156 -23.11 7.48 11.66
C GLU B 156 -21.79 7.35 10.94
C GLU B 156 -21.80 7.31 10.90
N GLU B 157 -21.55 8.20 9.95
CA GLU B 157 -20.30 8.21 9.19
C GLU B 157 -19.08 8.26 10.11
N ALA B 158 -19.12 9.13 11.11
CA ALA B 158 -17.98 9.31 12.00
C ALA B 158 -17.65 8.02 12.74
N LYS B 159 -18.68 7.24 13.02
CA LYS B 159 -18.51 5.96 13.72
C LYS B 159 -17.79 4.93 12.86
N ILE B 160 -18.11 4.91 11.56
CA ILE B 160 -17.45 3.99 10.65
C ILE B 160 -15.96 4.33 10.55
N HIS B 161 -15.63 5.61 10.57
CA HIS B 161 -14.22 6.01 10.54
C HIS B 161 -13.50 5.48 11.79
N GLU B 162 -14.13 5.64 12.95
CA GLU B 162 -13.55 5.13 14.19
C GLU B 162 -13.33 3.62 14.12
N SER B 163 -14.33 2.90 13.61
CA SER B 163 -14.21 1.45 13.46
C SER B 163 -13.05 1.08 12.55
N ILE B 164 -12.86 1.83 11.47
CA ILE B 164 -11.78 1.54 10.54
C ILE B 164 -10.43 1.66 11.24
N GLU B 165 -10.29 2.67 12.10
CA GLU B 165 -9.05 2.86 12.84
C GLU B 165 -8.84 1.70 13.80
N VAL B 166 -9.91 1.27 14.47
CA VAL B 166 -9.84 0.14 15.38
C VAL B 166 -9.36 -1.12 14.67
N TYR B 167 -9.82 -1.33 13.45
CA TYR B 167 -9.50 -2.55 12.72
C TYR B 167 -8.07 -2.51 12.18
N ASN B 168 -7.63 -1.36 11.68
CA ASN B 168 -6.25 -1.24 11.22
C ASN B 168 -5.26 -1.44 12.37
N GLU B 169 -5.63 -0.99 13.56
CA GLU B 169 -4.80 -1.23 14.75
C GLU B 169 -4.72 -2.72 15.02
N HIS B 170 -5.84 -3.42 14.84
CA HIS B 170 -5.87 -4.87 15.05
C HIS B 170 -5.00 -5.60 14.04
N ARG B 171 -5.11 -5.22 12.77
CA ARG B 171 -4.33 -5.86 11.72
C ARG B 171 -2.84 -5.72 11.98
N LYS B 172 -2.42 -4.53 12.38
CA LYS B 172 -1.02 -4.28 12.72
C LYS B 172 -0.56 -5.19 13.84
N THR B 173 -1.39 -5.30 14.89
CA THR B 173 -1.05 -6.13 16.04
C THR B 173 -0.90 -7.60 15.64
N MET B 174 -1.79 -8.08 14.77
CA MET B 174 -1.74 -9.48 14.36
C MET B 174 -0.47 -9.75 13.55
N ARG B 175 -0.05 -8.79 12.74
CA ARG B 175 1.18 -8.91 11.99
C ARG B 175 2.38 -8.91 12.94
N ASP B 176 2.30 -8.12 14.02
CA ASP B 176 3.33 -8.14 15.05
C ASP B 176 3.42 -9.51 15.69
N PHE B 177 2.26 -10.14 15.90
CA PHE B 177 2.20 -11.46 16.49
C PHE B 177 2.90 -12.48 15.61
N VAL B 178 2.64 -12.43 14.30
CA VAL B 178 3.27 -13.34 13.36
C VAL B 178 4.79 -13.33 13.51
N GLU B 179 5.36 -12.13 13.65
CA GLU B 179 6.81 -12.02 13.74
C GLU B 179 7.36 -12.58 15.05
N VAL B 180 6.66 -12.32 16.16
CA VAL B 180 7.13 -12.76 17.47
C VAL B 180 6.88 -14.27 17.65
N ALA B 181 5.93 -14.81 16.91
CA ALA B 181 5.67 -16.24 16.95
C ALA B 181 6.76 -16.96 16.16
N TYR B 182 7.23 -16.30 15.11
CA TYR B 182 8.28 -16.82 14.25
C TYR B 182 9.63 -16.80 14.98
N LYS B 183 9.77 -15.91 15.95
CA LYS B 183 10.99 -15.81 16.74
C LYS B 183 10.91 -16.63 18.02
N HIS B 184 9.82 -17.37 18.19
CA HIS B 184 9.65 -18.27 19.32
C HIS B 184 8.84 -19.48 18.89
N SER B 185 9.31 -20.16 17.83
CA SER B 185 8.53 -21.21 17.17
C SER B 185 8.44 -22.50 17.97
N ASN B 186 9.25 -22.64 19.02
CA ASN B 186 9.18 -23.81 19.88
C ASN B 186 8.06 -23.70 20.91
N THR B 187 7.87 -22.50 21.45
CA THR B 187 6.82 -22.25 22.43
C THR B 187 5.45 -22.18 21.77
N ILE B 188 5.38 -21.46 20.65
CA ILE B 188 4.12 -21.31 19.93
C ILE B 188 3.92 -22.45 18.94
N LYS B 189 3.36 -23.55 19.42
CA LYS B 189 3.07 -24.69 18.55
C LYS B 189 2.00 -24.31 17.53
N PRO B 190 1.81 -25.13 16.49
CA PRO B 190 0.77 -24.87 15.50
C PRO B 190 -0.62 -24.69 16.11
N SER B 191 -0.97 -25.51 17.09
CA SER B 191 -2.28 -25.40 17.74
C SER B 191 -2.42 -24.08 18.50
N ILE B 192 -1.29 -23.55 18.97
CA ILE B 192 -1.29 -22.27 19.68
C ILE B 192 -1.45 -21.10 18.72
N ARG B 193 -0.69 -21.12 17.64
CA ARG B 193 -0.77 -20.08 16.62
C ARG B 193 -2.20 -19.94 16.13
N SER B 194 -2.83 -21.06 15.84
CA SER B 194 -4.19 -21.06 15.32
C SER B 194 -5.17 -20.48 16.32
N LEU B 195 -5.01 -20.84 17.60
CA LEU B 195 -5.90 -20.35 18.65
C LEU B 195 -5.86 -18.83 18.78
N VAL B 196 -4.66 -18.26 18.76
CA VAL B 196 -4.49 -16.82 18.89
C VAL B 196 -5.20 -16.08 17.76
N ILE B 197 -5.09 -16.59 16.54
CA ILE B 197 -5.66 -15.94 15.37
C ILE B 197 -7.17 -16.13 15.27
N LYS B 198 -7.62 -17.37 15.43
CA LYS B 198 -9.03 -17.72 15.26
C LYS B 198 -9.90 -17.05 16.31
N SER B 199 -9.31 -16.76 17.47
CA SER B 199 -10.04 -16.14 18.57
C SER B 199 -10.60 -14.77 18.21
N GLY B 200 -9.99 -14.10 17.24
CA GLY B 200 -10.43 -12.79 16.81
C GLY B 200 -11.84 -12.77 16.25
N PHE B 201 -12.32 -13.93 15.82
CA PHE B 201 -13.62 -14.04 15.17
C PHE B 201 -14.81 -14.06 16.14
N PHE B 202 -14.54 -14.20 17.44
CA PHE B 202 -15.62 -14.35 18.41
C PHE B 202 -15.57 -13.34 19.54
N MET B 203 -14.96 -12.18 19.27
CA MET B 203 -14.95 -11.08 20.24
C MET B 203 -14.65 -9.77 19.51
N ARG B 204 -15.05 -8.65 20.09
CA ARG B 204 -14.78 -7.35 19.52
C ARG B 204 -13.28 -7.22 19.25
N LYS B 205 -12.93 -6.60 18.13
CA LYS B 205 -11.54 -6.53 17.70
C LYS B 205 -10.66 -5.75 18.67
N GLU B 206 -11.20 -4.69 19.27
CA GLU B 206 -10.41 -3.87 20.19
C GLU B 206 -10.05 -4.66 21.44
N GLU B 207 -10.95 -5.57 21.82
CA GLU B 207 -10.72 -6.40 23.00
C GLU B 207 -9.69 -7.49 22.69
N HIS B 208 -9.71 -7.99 21.45
CA HIS B 208 -8.75 -9.00 21.02
C HIS B 208 -7.37 -8.38 20.85
N THR B 209 -7.34 -7.11 20.44
CA THR B 209 -6.09 -6.39 20.26
C THR B 209 -5.33 -6.30 21.58
N GLU B 210 -6.06 -6.06 22.67
CA GLU B 210 -5.42 -5.90 23.98
C GLU B 210 -4.89 -7.24 24.47
N LEU B 211 -5.63 -8.31 24.19
CA LEU B 211 -5.20 -9.66 24.57
C LEU B 211 -3.92 -10.07 23.85
N VAL B 212 -3.85 -9.78 22.55
CA VAL B 212 -2.69 -10.15 21.76
C VAL B 212 -1.48 -9.26 22.06
N LYS B 213 -1.71 -7.98 22.38
CA LYS B 213 -0.62 -7.10 22.75
C LYS B 213 -0.05 -7.51 24.11
N ASP B 214 -0.89 -8.14 24.94
CA ASP B 214 -0.43 -8.64 26.22
C ASP B 214 0.40 -9.91 26.02
N LEU B 215 0.04 -10.69 25.01
CA LEU B 215 0.75 -11.93 24.71
C LEU B 215 2.09 -11.64 24.04
N ILE B 216 2.11 -10.60 23.20
CA ILE B 216 3.32 -10.18 22.52
C ILE B 216 4.35 -9.69 23.55
N ALA B 217 3.87 -8.93 24.53
CA ALA B 217 4.75 -8.43 25.57
C ALA B 217 5.43 -9.58 26.31
N LYS B 218 4.65 -10.60 26.64
CA LYS B 218 5.15 -11.74 27.41
C LYS B 218 6.14 -12.59 26.61
N LEU B 219 5.92 -12.71 25.31
CA LEU B 219 6.80 -13.49 24.45
C LEU B 219 8.13 -12.78 24.24
N ASN B 220 8.06 -11.46 24.03
CA ASN B 220 9.26 -10.66 23.84
C ASN B 220 10.14 -10.69 25.08
N ALA B 221 9.53 -10.87 26.24
CA ALA B 221 10.25 -10.99 27.50
C ALA B 221 11.11 -12.25 27.47
N MET B 222 10.57 -13.31 26.88
CA MET B 222 11.31 -14.54 26.70
C MET B 222 12.35 -14.34 25.60
N PRO B 223 13.44 -15.12 25.64
CA PRO B 223 14.50 -15.02 24.63
C PRO B 223 14.11 -15.69 23.31
N GLU B 224 14.60 -15.14 22.20
CA GLU B 224 14.35 -15.73 20.89
C GLU B 224 14.76 -17.19 20.90
N GLU B 225 14.19 -17.98 19.98
CA GLU B 225 14.40 -19.41 19.98
C GLU B 225 14.88 -19.89 18.62
N VAL B 226 15.69 -20.94 18.63
CA VAL B 226 16.12 -21.60 17.40
C VAL B 226 15.26 -22.84 17.19
N CYS B 227 14.44 -22.82 16.14
CA CYS B 227 13.52 -23.91 15.87
C CYS B 227 14.24 -25.26 15.90
N SER B 228 13.71 -26.18 16.68
CA SER B 228 14.33 -27.50 16.82
C SER B 228 13.92 -28.46 15.70
N GLY B 229 12.86 -28.10 14.97
CA GLY B 229 12.36 -28.94 13.90
C GLY B 229 12.27 -28.21 12.56
N LYS B 230 11.35 -28.64 11.71
CA LYS B 230 11.17 -28.03 10.40
C LYS B 230 10.06 -26.99 10.42
N LYS B 231 10.23 -25.95 9.61
CA LYS B 231 9.25 -24.88 9.50
C LYS B 231 8.51 -25.00 8.17
N VAL B 232 7.22 -24.66 8.18
CA VAL B 232 6.44 -24.66 6.95
C VAL B 232 5.54 -23.43 6.85
N LEU B 233 5.00 -23.22 5.65
CA LEU B 233 3.96 -22.22 5.43
C LEU B 233 2.72 -22.97 4.98
N LEU B 234 1.56 -22.65 5.55
CA LEU B 234 0.31 -23.30 5.18
C LEU B 234 -0.53 -22.38 4.31
N THR B 235 -1.08 -22.91 3.23
CA THR B 235 -1.87 -22.11 2.30
C THR B 235 -3.15 -22.86 1.89
N GLY B 236 -4.26 -22.12 1.80
CA GLY B 236 -5.56 -22.72 1.52
C GLY B 236 -6.68 -21.95 2.19
N ILE B 237 -7.86 -22.55 2.27
CA ILE B 237 -9.01 -21.90 2.90
C ILE B 237 -8.85 -21.87 4.42
N LEU B 238 -8.60 -23.03 5.03
CA LEU B 238 -8.31 -23.08 6.48
C LEU B 238 -7.64 -24.39 6.91
N ALA B 239 -7.18 -24.40 8.15
CA ALA B 239 -6.51 -25.56 8.73
C ALA B 239 -6.59 -25.46 10.25
N ASP B 240 -7.79 -25.54 10.78
CA ASP B 240 -8.04 -25.28 12.20
C ASP B 240 -8.52 -26.51 12.95
N SER B 241 -8.55 -27.66 12.29
CA SER B 241 -9.04 -28.88 12.94
C SER B 241 -8.00 -29.39 13.94
N LYS B 242 -8.47 -29.88 15.08
CA LYS B 242 -7.57 -30.36 16.13
C LYS B 242 -6.63 -31.42 15.58
N ASP B 243 -7.17 -32.32 14.76
CA ASP B 243 -6.42 -33.47 14.28
C ASP B 243 -5.21 -33.06 13.45
N ILE B 244 -5.42 -32.20 12.46
CA ILE B 244 -4.34 -31.79 11.56
C ILE B 244 -3.22 -31.10 12.32
N LEU B 245 -3.59 -30.26 13.29
CA LEU B 245 -2.62 -29.49 14.05
C LEU B 245 -1.79 -30.39 14.98
N ASP B 246 -2.39 -31.50 15.41
CA ASP B 246 -1.70 -32.45 16.26
C ASP B 246 -0.63 -33.20 15.47
N ILE B 247 -0.92 -33.51 14.22
CA ILE B 247 0.01 -34.25 13.38
C ILE B 247 1.25 -33.42 13.08
N LEU B 248 1.05 -32.15 12.77
CA LEU B 248 2.17 -31.25 12.52
C LEU B 248 3.14 -31.29 13.70
N GLU B 249 2.61 -31.13 14.90
CA GLU B 249 3.45 -31.07 16.10
C GLU B 249 4.13 -32.41 16.37
N ASP B 250 3.43 -33.50 16.07
CA ASP B 250 3.97 -34.84 16.31
C ASP B 250 5.16 -35.13 15.41
N ASN B 251 5.24 -34.44 14.29
CA ASN B 251 6.36 -34.61 13.37
C ASN B 251 7.39 -33.49 13.50
N ASN B 252 7.32 -32.76 14.61
CA ASN B 252 8.29 -31.71 14.91
C ASN B 252 8.25 -30.58 13.88
N ILE B 253 7.04 -30.17 13.52
CA ILE B 253 6.85 -29.08 12.55
C ILE B 253 6.19 -27.89 13.22
N SER B 254 6.72 -26.70 12.95
CA SER B 254 6.12 -25.46 13.43
C SER B 254 5.65 -24.63 12.25
N VAL B 255 4.46 -24.04 12.39
CA VAL B 255 3.94 -23.13 11.38
C VAL B 255 4.38 -21.70 11.73
N VAL B 256 5.13 -21.06 10.84
CA VAL B 256 5.65 -19.72 11.12
C VAL B 256 5.20 -18.68 10.10
N ALA B 257 4.22 -19.05 9.29
CA ALA B 257 3.65 -18.15 8.29
C ALA B 257 2.55 -18.88 7.53
N ASP B 258 1.57 -18.14 7.02
CA ASP B 258 0.46 -18.76 6.31
C ASP B 258 -0.15 -17.84 5.26
N ASP B 259 -0.77 -18.47 4.26
CA ASP B 259 -1.63 -17.82 3.29
C ASP B 259 -3.01 -18.46 3.37
N LEU B 260 -3.57 -18.48 4.57
CA LEU B 260 -4.87 -19.10 4.82
C LEU B 260 -5.95 -18.05 4.87
N ALA B 261 -7.07 -18.32 4.19
CA ALA B 261 -8.18 -17.37 4.15
C ALA B 261 -8.69 -17.04 5.54
N GLN B 262 -8.61 -18.01 6.46
CA GLN B 262 -9.13 -17.83 7.81
C GLN B 262 -8.15 -17.06 8.71
N GLU B 263 -6.90 -16.96 8.28
CA GLU B 263 -5.88 -16.34 9.12
C GLU B 263 -5.25 -15.10 8.47
N THR B 264 -4.06 -15.20 7.92
CA THR B 264 -3.35 -14.00 7.46
C THR B 264 -4.03 -13.25 6.30
N ARG B 265 -4.84 -13.93 5.49
CA ARG B 265 -5.53 -13.21 4.42
C ARG B 265 -6.42 -12.10 4.99
N GLN B 266 -6.85 -12.26 6.24
CA GLN B 266 -7.73 -11.30 6.89
C GLN B 266 -7.03 -10.00 7.31
N PHE B 267 -5.73 -10.07 7.61
CA PHE B 267 -5.05 -8.89 8.16
C PHE B 267 -3.73 -8.48 7.51
N ARG B 268 -3.44 -8.94 6.29
CA ARG B 268 -2.19 -8.53 5.64
C ARG B 268 -2.35 -7.28 4.79
N THR B 269 -3.58 -6.83 4.59
CA THR B 269 -3.86 -5.64 3.78
C THR B 269 -4.72 -4.66 4.56
N ASP B 270 -4.20 -3.47 4.81
CA ASP B 270 -4.94 -2.47 5.59
C ASP B 270 -5.98 -1.75 4.73
N VAL B 271 -6.97 -1.17 5.41
CA VAL B 271 -7.92 -0.27 4.78
C VAL B 271 -7.22 1.08 4.56
N PRO B 272 -7.23 1.59 3.32
CA PRO B 272 -6.59 2.88 3.00
C PRO B 272 -7.23 4.07 3.71
N ALA B 273 -6.56 5.22 3.69
CA ALA B 273 -7.09 6.44 4.30
C ALA B 273 -8.05 7.14 3.35
N GLY B 274 -8.78 8.14 3.85
CA GLY B 274 -9.71 8.89 3.03
C GLY B 274 -10.79 9.61 3.80
N ASP B 275 -11.43 10.59 3.16
CA ASP B 275 -12.50 11.38 3.75
C ASP B 275 -13.80 10.57 3.87
N ASP B 276 -14.04 9.73 2.87
CA ASP B 276 -15.29 8.97 2.76
C ASP B 276 -15.10 7.56 3.29
N ALA B 277 -15.85 7.20 4.33
CA ALA B 277 -15.66 5.94 5.04
C ALA B 277 -15.93 4.70 4.18
N LEU B 278 -17.05 4.68 3.46
CA LEU B 278 -17.37 3.53 2.61
C LEU B 278 -16.42 3.44 1.42
N GLU B 279 -15.87 4.58 1.00
CA GLU B 279 -14.87 4.59 -0.05
C GLU B 279 -13.58 3.92 0.43
N ARG B 280 -13.21 4.20 1.67
CA ARG B 280 -12.01 3.62 2.27
C ARG B 280 -12.09 2.10 2.21
N LEU B 281 -13.20 1.56 2.68
CA LEU B 281 -13.41 0.12 2.70
C LEU B 281 -13.32 -0.45 1.29
N ALA B 282 -13.97 0.22 0.33
CA ALA B 282 -14.01 -0.26 -1.04
C ALA B 282 -12.61 -0.35 -1.66
N ARG B 283 -11.73 0.59 -1.31
CA ARG B 283 -10.40 0.59 -1.89
C ARG B 283 -9.51 -0.47 -1.24
N GLN B 284 -9.89 -0.95 -0.06
CA GLN B 284 -9.18 -2.08 0.52
C GLN B 284 -9.27 -3.29 -0.41
N TRP B 285 -10.45 -3.49 -0.99
CA TRP B 285 -10.67 -4.63 -1.88
C TRP B 285 -9.84 -4.48 -3.15
N SER B 286 -9.65 -3.24 -3.62
CA SER B 286 -8.73 -2.99 -4.73
C SER B 286 -7.33 -3.52 -4.43
N ASN B 287 -6.94 -3.48 -3.15
CA ASN B 287 -5.55 -3.71 -2.76
C ASN B 287 -5.22 -5.12 -2.28
N ILE B 288 -6.24 -5.95 -2.06
CA ILE B 288 -6.03 -7.37 -1.74
C ILE B 288 -5.17 -8.01 -2.83
N GLU B 289 -4.21 -8.86 -2.45
CA GLU B 289 -3.44 -9.60 -3.44
C GLU B 289 -3.12 -11.01 -2.95
N GLY B 290 -2.84 -11.91 -3.90
CA GLY B 290 -2.38 -13.25 -3.57
C GLY B 290 -3.45 -14.16 -2.98
N CYS B 291 -4.69 -13.92 -3.36
CA CYS B 291 -5.84 -14.70 -2.87
C CYS B 291 -6.60 -15.35 -4.02
N SER B 292 -7.05 -16.58 -3.83
CA SER B 292 -7.78 -17.30 -4.89
C SER B 292 -9.12 -16.66 -5.24
N LEU B 293 -9.70 -15.88 -4.33
CA LEU B 293 -10.99 -15.23 -4.57
CA LEU B 293 -10.99 -15.23 -4.58
C LEU B 293 -10.84 -13.80 -5.10
N ALA B 294 -9.60 -13.33 -5.22
CA ALA B 294 -9.34 -11.97 -5.69
C ALA B 294 -8.74 -11.96 -7.11
N TYR B 295 -9.48 -11.37 -8.04
CA TYR B 295 -9.16 -11.44 -9.46
C TYR B 295 -7.75 -10.91 -9.75
N ASP B 296 -6.97 -11.70 -10.47
CA ASP B 296 -5.60 -11.31 -10.84
C ASP B 296 -5.09 -12.19 -11.99
N PRO B 297 -5.19 -11.70 -13.23
CA PRO B 297 -4.71 -12.43 -14.41
C PRO B 297 -3.22 -12.78 -14.35
N LYS B 298 -2.46 -12.09 -13.50
CA LYS B 298 -1.04 -12.36 -13.32
C LYS B 298 -0.77 -13.42 -12.25
N LYS B 299 -1.80 -13.79 -11.50
CA LYS B 299 -1.70 -14.81 -10.44
C LYS B 299 -0.43 -14.67 -9.61
N LYS B 300 -0.33 -13.57 -8.86
CA LYS B 300 0.87 -13.30 -8.08
C LYS B 300 0.96 -14.15 -6.82
N ARG B 301 -0.06 -14.96 -6.56
CA ARG B 301 -0.14 -15.76 -5.34
C ARG B 301 1.11 -16.60 -5.10
N GLY B 302 1.64 -17.21 -6.15
CA GLY B 302 2.80 -18.09 -6.00
C GLY B 302 4.06 -17.32 -5.63
N SER B 303 4.30 -16.22 -6.34
CA SER B 303 5.49 -15.40 -6.11
C SER B 303 5.48 -14.82 -4.70
N LEU B 304 4.28 -14.46 -4.22
CA LEU B 304 4.14 -13.85 -2.90
C LEU B 304 4.43 -14.88 -1.81
N ILE B 305 4.01 -16.12 -2.04
CA ILE B 305 4.30 -17.20 -1.11
C ILE B 305 5.80 -17.45 -1.04
N VAL B 306 6.47 -17.40 -2.19
CA VAL B 306 7.91 -17.62 -2.24
C VAL B 306 8.65 -16.56 -1.42
N ASP B 307 8.20 -15.31 -1.52
CA ASP B 307 8.85 -14.21 -0.79
C ASP B 307 8.82 -14.45 0.71
N GLU B 308 7.66 -14.85 1.21
CA GLU B 308 7.49 -15.11 2.63
C GLU B 308 8.35 -16.29 3.08
N VAL B 309 8.44 -17.31 2.23
CA VAL B 309 9.26 -18.48 2.53
C VAL B 309 10.72 -18.07 2.75
N LYS B 310 11.23 -17.21 1.89
CA LYS B 310 12.62 -16.80 1.96
C LYS B 310 12.90 -15.84 3.13
N LYS B 311 11.93 -14.99 3.45
CA LYS B 311 12.09 -14.05 4.56
C LYS B 311 12.35 -14.79 5.85
N LYS B 312 11.78 -15.98 5.99
CA LYS B 312 11.81 -16.72 7.24
C LYS B 312 12.51 -18.08 7.13
N ASP B 313 13.22 -18.31 6.03
CA ASP B 313 13.95 -19.55 5.84
C ASP B 313 13.07 -20.78 6.06
N ILE B 314 11.87 -20.75 5.51
CA ILE B 314 10.92 -21.85 5.67
C ILE B 314 11.34 -23.06 4.83
N ASP B 315 11.10 -24.25 5.37
CA ASP B 315 11.58 -25.49 4.75
C ASP B 315 10.60 -26.12 3.75
N GLY B 316 9.32 -25.78 3.84
CA GLY B 316 8.33 -26.38 2.96
C GLY B 316 6.98 -25.68 2.97
N VAL B 317 6.21 -25.89 1.90
CA VAL B 317 4.85 -25.35 1.81
C VAL B 317 3.84 -26.49 1.70
N ILE B 318 2.81 -26.44 2.55
CA ILE B 318 1.74 -27.43 2.50
C ILE B 318 0.44 -26.80 2.02
N PHE B 319 -0.05 -27.25 0.87
CA PHE B 319 -1.36 -26.88 0.38
C PHE B 319 -2.43 -27.60 1.20
N CYS B 320 -3.17 -26.85 2.01
CA CYS B 320 -4.31 -27.39 2.74
C CYS B 320 -5.56 -27.21 1.90
N MET B 321 -5.81 -28.17 1.02
CA MET B 321 -6.84 -28.07 0.00
C MET B 321 -8.23 -28.44 0.50
N MET B 322 -9.13 -27.45 0.59
CA MET B 322 -10.52 -27.70 0.95
C MET B 322 -11.15 -28.65 -0.06
N LYS B 323 -11.84 -29.69 0.43
CA LYS B 323 -12.46 -30.66 -0.46
C LYS B 323 -13.52 -29.99 -1.35
N PHE B 324 -13.34 -30.13 -2.67
CA PHE B 324 -14.28 -29.62 -3.67
C PHE B 324 -14.33 -28.09 -3.77
N CYS B 325 -13.24 -27.42 -3.39
CA CYS B 325 -13.15 -25.98 -3.58
C CYS B 325 -12.59 -25.69 -4.97
N ASP B 326 -13.45 -25.27 -5.90
CA ASP B 326 -12.99 -25.08 -7.28
C ASP B 326 -12.02 -23.89 -7.45
N PRO B 327 -12.23 -22.79 -6.72
CA PRO B 327 -11.25 -21.72 -6.89
C PRO B 327 -9.84 -22.17 -6.52
N GLU B 328 -9.69 -22.84 -5.38
CA GLU B 328 -8.38 -23.31 -4.95
C GLU B 328 -7.84 -24.40 -5.88
N GLU B 329 -8.73 -25.19 -6.46
CA GLU B 329 -8.34 -26.26 -7.37
C GLU B 329 -7.80 -25.71 -8.70
N TYR B 330 -8.40 -24.62 -9.19
CA TYR B 330 -7.87 -23.96 -10.39
C TYR B 330 -6.47 -23.39 -10.11
N ASP B 331 -6.26 -22.85 -8.91
CA ASP B 331 -4.98 -22.22 -8.58
C ASP B 331 -3.83 -23.23 -8.43
N TYR B 332 -4.14 -24.43 -7.97
CA TYR B 332 -3.12 -25.36 -7.47
C TYR B 332 -1.94 -25.62 -8.43
N PRO B 333 -2.22 -26.01 -9.68
CA PRO B 333 -1.10 -26.33 -10.58
C PRO B 333 -0.12 -25.16 -10.83
N LEU B 334 -0.63 -23.96 -11.05
CA LEU B 334 0.23 -22.82 -11.37
CA LEU B 334 0.24 -22.82 -11.37
C LEU B 334 0.97 -22.30 -10.13
N VAL B 335 0.30 -22.31 -8.99
CA VAL B 335 0.93 -21.83 -7.76
C VAL B 335 2.00 -22.82 -7.30
N ARG B 336 1.72 -24.11 -7.42
CA ARG B 336 2.69 -25.14 -7.06
C ARG B 336 3.95 -25.01 -7.89
N LYS B 337 3.78 -24.79 -9.19
CA LYS B 337 4.91 -24.67 -10.10
C LYS B 337 5.79 -23.46 -9.75
N ASP B 338 5.16 -22.35 -9.40
CA ASP B 338 5.91 -21.15 -9.04
C ASP B 338 6.78 -21.42 -7.83
N ILE B 339 6.22 -22.12 -6.85
CA ILE B 339 6.93 -22.44 -5.62
C ILE B 339 8.08 -23.40 -5.87
N GLU B 340 7.80 -24.47 -6.61
CA GLU B 340 8.80 -25.52 -6.85
C GLU B 340 9.90 -25.05 -7.80
N ASP B 341 9.60 -24.06 -8.64
CA ASP B 341 10.61 -23.48 -9.52
C ASP B 341 11.65 -22.71 -8.72
N SER B 342 11.34 -22.39 -7.47
CA SER B 342 12.28 -21.68 -6.60
C SER B 342 13.00 -22.62 -5.64
N GLY B 343 12.85 -23.93 -5.87
CA GLY B 343 13.54 -24.92 -5.07
C GLY B 343 12.87 -25.21 -3.72
N ILE B 344 11.59 -24.90 -3.61
CA ILE B 344 10.85 -25.15 -2.38
C ILE B 344 9.91 -26.33 -2.55
N PRO B 345 10.07 -27.37 -1.71
CA PRO B 345 9.20 -28.55 -1.83
C PRO B 345 7.79 -28.27 -1.35
N THR B 346 6.80 -28.95 -1.93
CA THR B 346 5.41 -28.75 -1.54
C THR B 346 4.70 -30.07 -1.25
N LEU B 347 3.61 -29.98 -0.50
CA LEU B 347 2.83 -31.14 -0.15
C LEU B 347 1.35 -30.83 -0.34
N TYR B 348 0.59 -31.85 -0.74
CA TYR B 348 -0.85 -31.71 -0.92
C TYR B 348 -1.56 -32.51 0.17
N VAL B 349 -2.44 -31.87 0.92
CA VAL B 349 -3.21 -32.53 1.96
C VAL B 349 -4.67 -32.08 1.85
N GLU B 350 -5.59 -33.04 1.91
CA GLU B 350 -7.00 -32.72 1.77
C GLU B 350 -7.62 -32.37 3.13
N ILE B 351 -8.47 -31.34 3.13
CA ILE B 351 -9.15 -30.89 4.33
C ILE B 351 -10.64 -31.19 4.20
N ASP B 352 -11.14 -32.08 5.05
CA ASP B 352 -12.52 -32.54 4.97
C ASP B 352 -13.17 -32.44 6.35
N GLN B 353 -14.14 -31.55 6.49
CA GLN B 353 -14.79 -31.32 7.79
C GLN B 353 -15.77 -32.43 8.17
N GLN B 354 -16.01 -33.36 7.25
CA GLN B 354 -16.93 -34.47 7.50
C GLN B 354 -16.25 -35.80 7.85
N THR B 355 -14.93 -35.78 8.06
CA THR B 355 -14.21 -37.04 8.28
C THR B 355 -13.99 -37.39 9.75
N GLN B 356 -13.79 -38.68 10.00
CA GLN B 356 -13.40 -39.18 11.31
C GLN B 356 -12.10 -39.97 11.16
N ASN B 357 -11.40 -39.71 10.06
CA ASN B 357 -10.17 -40.43 9.75
C ASN B 357 -9.23 -39.58 8.91
N ASN B 358 -8.13 -39.14 9.51
CA ASN B 358 -7.13 -38.34 8.82
C ASN B 358 -5.80 -39.09 8.71
N GLU B 359 -5.86 -40.32 8.23
CA GLU B 359 -4.69 -41.16 8.11
C GLU B 359 -3.86 -40.79 6.90
N GLN B 360 -4.53 -40.29 5.85
CA GLN B 360 -3.83 -39.88 4.64
C GLN B 360 -2.93 -38.70 4.96
N ALA B 361 -3.46 -37.72 5.67
CA ALA B 361 -2.67 -36.56 6.07
C ALA B 361 -1.58 -36.96 7.06
N ARG B 362 -1.86 -37.96 7.89
CA ARG B 362 -0.91 -38.40 8.89
C ARG B 362 0.31 -39.04 8.23
N THR B 363 0.06 -39.87 7.23
CA THR B 363 1.15 -40.58 6.55
C THR B 363 1.85 -39.70 5.52
N ARG B 364 1.12 -38.77 4.92
CA ARG B 364 1.72 -37.84 3.96
C ARG B 364 2.62 -36.83 4.65
N ILE B 365 2.17 -36.31 5.79
CA ILE B 365 2.94 -35.33 6.55
C ILE B 365 4.13 -36.00 7.21
N GLN B 366 4.00 -37.29 7.49
CA GLN B 366 5.08 -38.08 8.05
C GLN B 366 6.18 -38.22 7.01
N THR B 367 5.78 -38.55 5.79
CA THR B 367 6.71 -38.72 4.69
C THR B 367 7.31 -37.38 4.25
N PHE B 368 6.55 -36.31 4.47
CA PHE B 368 7.00 -34.98 4.05
C PHE B 368 8.06 -34.44 4.99
N ALA B 369 8.00 -34.84 6.27
CA ALA B 369 8.98 -34.41 7.25
C ALA B 369 10.27 -35.21 7.10
N GLU B 370 10.13 -36.49 6.78
CA GLU B 370 11.28 -37.36 6.55
C GLU B 370 11.97 -36.95 5.25
N MET B 371 11.17 -36.49 4.30
CA MET B 371 11.69 -36.01 3.01
C MET B 371 12.46 -34.71 3.24
N MET B 372 12.06 -33.99 4.28
CA MET B 372 12.71 -32.73 4.62
C MET B 372 14.10 -32.97 5.18
N SER B 373 14.38 -34.21 5.55
CA SER B 373 15.65 -34.58 6.16
C SER B 373 15.92 -33.74 7.40
N LYS C 4 15.58 39.77 51.94
CA LYS C 4 15.99 40.13 50.59
C LYS C 4 16.77 39.00 49.95
N LYS C 5 16.17 38.36 48.94
CA LYS C 5 16.81 37.27 48.22
C LYS C 5 17.71 37.79 47.12
N GLU C 6 18.57 36.93 46.60
CA GLU C 6 19.42 37.26 45.46
C GLU C 6 18.94 36.47 44.24
N ALA C 7 18.83 37.15 43.11
CA ALA C 7 18.28 36.56 41.89
C ALA C 7 19.08 35.34 41.45
N ARG C 8 20.39 35.39 41.61
CA ARG C 8 21.25 34.30 41.17
C ARG C 8 21.02 33.03 41.99
N VAL C 9 20.80 33.21 43.29
CA VAL C 9 20.56 32.09 44.19
C VAL C 9 19.18 31.48 43.91
N VAL C 10 18.17 32.34 43.76
CA VAL C 10 16.82 31.90 43.47
C VAL C 10 16.76 31.16 42.14
N ILE C 11 17.54 31.65 41.17
CA ILE C 11 17.57 31.07 39.84
C ILE C 11 18.26 29.71 39.85
N ASN C 12 19.41 29.65 40.51
CA ASN C 12 20.16 28.40 40.61
C ASN C 12 19.36 27.33 41.32
N ASP C 13 18.65 27.71 42.38
CA ASP C 13 17.84 26.76 43.14
C ASP C 13 16.67 26.26 42.30
N LEU C 14 16.12 27.14 41.47
CA LEU C 14 14.98 26.79 40.63
C LEU C 14 15.39 25.76 39.58
N LEU C 15 16.54 25.98 38.95
CA LEU C 15 17.04 25.06 37.94
C LEU C 15 17.32 23.68 38.54
N ALA C 16 17.98 23.66 39.69
CA ALA C 16 18.31 22.41 40.36
C ALA C 16 17.04 21.65 40.75
N GLU C 17 15.99 22.39 41.11
CA GLU C 17 14.76 21.78 41.58
C GLU C 17 14.02 21.04 40.46
N GLN C 18 14.22 21.47 39.22
CA GLN C 18 13.58 20.81 38.09
C GLN C 18 14.14 19.40 37.93
N TYR C 19 15.47 19.26 38.08
CA TYR C 19 16.09 17.95 37.97
C TYR C 19 15.71 17.04 39.13
N ALA C 20 15.66 17.61 40.33
CA ALA C 20 15.29 16.85 41.52
C ALA C 20 13.87 16.32 41.42
N ASN C 21 12.96 17.15 40.92
CA ASN C 21 11.56 16.75 40.79
C ASN C 21 11.38 15.64 39.77
N ALA C 22 12.18 15.67 38.71
CA ALA C 22 12.10 14.64 37.68
C ALA C 22 12.58 13.29 38.23
N PHE C 23 13.65 13.32 39.02
CA PHE C 23 14.16 12.10 39.64
C PHE C 23 13.14 11.50 40.59
N LYS C 24 12.42 12.38 41.30
CA LYS C 24 11.39 11.93 42.24
C LYS C 24 10.24 11.27 41.49
N ALA C 25 9.87 11.86 40.36
CA ALA C 25 8.80 11.32 39.54
C ALA C 25 9.17 9.92 39.08
N LYS C 26 10.41 9.77 38.63
CA LYS C 26 10.90 8.48 38.14
C LYS C 26 10.74 7.42 39.22
N GLU C 27 11.11 7.79 40.44
CA GLU C 27 11.06 6.88 41.58
C GLU C 27 9.64 6.50 41.95
N GLU C 28 8.70 7.42 41.73
CA GLU C 28 7.31 7.21 42.13
C GLU C 28 6.45 6.65 41.00
N GLY C 29 7.05 6.47 39.83
CA GLY C 29 6.39 5.81 38.72
C GLY C 29 5.63 6.74 37.80
N ARG C 30 5.88 8.04 37.91
CA ARG C 30 5.23 9.02 37.05
C ARG C 30 6.11 9.33 35.85
N PRO C 31 5.48 9.60 34.69
CA PRO C 31 6.20 9.78 33.42
C PRO C 31 7.07 11.03 33.35
N VAL C 32 8.31 10.84 32.89
CA VAL C 32 9.22 11.97 32.67
C VAL C 32 9.44 12.10 31.16
N GLY C 33 9.51 13.34 30.68
CA GLY C 33 9.72 13.57 29.26
C GLY C 33 11.03 14.28 28.98
N TRP C 34 11.55 14.12 27.77
CA TRP C 34 12.66 14.93 27.26
C TRP C 34 12.13 15.75 26.08
N SER C 35 12.53 17.01 25.98
CA SER C 35 11.95 17.94 25.01
C SER C 35 13.01 18.82 24.32
N THR C 36 12.75 19.18 23.06
CA THR C 36 13.56 20.17 22.36
C THR C 36 13.34 21.55 22.98
N SER C 37 14.25 22.49 22.70
CA SER C 37 14.33 23.73 23.48
C SER C 37 13.27 24.78 23.17
N VAL C 38 12.59 24.68 22.02
CA VAL C 38 11.48 25.60 21.74
C VAL C 38 10.21 24.83 21.38
N PHE C 39 9.92 23.78 22.15
CA PHE C 39 8.68 23.01 22.00
C PHE C 39 7.54 23.74 22.70
N PRO C 40 6.29 23.55 22.23
CA PRO C 40 5.13 24.10 22.92
C PRO C 40 4.90 23.50 24.32
N GLN C 41 5.69 23.96 25.29
CA GLN C 41 5.68 23.41 26.64
C GLN C 41 4.30 23.48 27.31
N GLU C 42 3.46 24.38 26.81
CA GLU C 42 2.13 24.59 27.38
C GLU C 42 1.33 23.29 27.44
N LEU C 43 1.50 22.46 26.41
CA LEU C 43 0.68 21.26 26.25
C LEU C 43 0.93 20.23 27.36
N ALA C 44 2.18 20.06 27.78
CA ALA C 44 2.51 19.07 28.80
C ALA C 44 2.34 19.66 30.19
N GLU C 45 2.51 20.97 30.31
CA GLU C 45 2.38 21.64 31.60
C GLU C 45 0.95 21.60 32.14
N VAL C 46 -0.02 21.52 31.24
CA VAL C 46 -1.42 21.44 31.64
C VAL C 46 -1.72 20.11 32.34
N PHE C 47 -0.86 19.12 32.12
CA PHE C 47 -0.98 17.82 32.79
C PHE C 47 -0.03 17.68 33.98
N ASP C 48 0.66 18.76 34.32
CA ASP C 48 1.60 18.77 35.43
CA ASP C 48 1.60 18.76 35.44
C ASP C 48 2.68 17.71 35.24
N LEU C 49 3.09 17.50 34.00
CA LEU C 49 4.12 16.51 33.69
C LEU C 49 5.52 17.08 33.89
N ASN C 50 6.45 16.23 34.32
CA ASN C 50 7.85 16.62 34.48
C ASN C 50 8.57 16.51 33.14
N VAL C 51 9.16 17.61 32.70
CA VAL C 51 9.83 17.67 31.41
C VAL C 51 11.25 18.22 31.54
N LEU C 52 12.21 17.53 30.94
CA LEU C 52 13.60 17.97 30.95
C LEU C 52 14.06 18.26 29.52
N TYR C 53 15.23 18.88 29.39
CA TYR C 53 15.69 19.39 28.10
C TYR C 53 17.14 18.99 27.82
N PRO C 54 17.32 17.99 26.94
CA PRO C 54 18.66 17.49 26.57
C PRO C 54 19.65 18.58 26.13
N GLU C 55 19.19 19.64 25.50
CA GLU C 55 20.08 20.73 25.09
C GLU C 55 20.63 21.48 26.29
N ASN C 56 19.78 21.72 27.27
CA ASN C 56 20.21 22.39 28.50
CA ASN C 56 20.19 22.38 28.51
C ASN C 56 21.19 21.52 29.27
N GLN C 57 20.92 20.23 29.35
CA GLN C 57 21.78 19.31 30.07
C GLN C 57 23.16 19.23 29.43
N ALA C 58 23.19 19.21 28.11
CA ALA C 58 24.44 19.07 27.37
C ALA C 58 25.29 20.32 27.48
N ALA C 59 24.64 21.48 27.51
CA ALA C 59 25.35 22.74 27.68
C ALA C 59 25.93 22.82 29.10
N GLY C 60 25.20 22.28 30.06
CA GLY C 60 25.64 22.29 31.45
C GLY C 60 26.81 21.36 31.69
N VAL C 61 26.77 20.17 31.09
CA VAL C 61 27.87 19.22 31.26
C VAL C 61 29.11 19.71 30.51
N ALA C 62 28.89 20.40 29.39
CA ALA C 62 30.00 20.96 28.62
C ALA C 62 30.70 22.07 29.39
N ALA C 63 29.92 22.90 30.08
CA ALA C 63 30.48 23.98 30.88
C ALA C 63 31.33 23.40 32.01
N LYS C 64 31.02 22.18 32.42
CA LYS C 64 31.76 21.50 33.47
C LYS C 64 32.86 20.61 32.90
N LYS C 65 33.15 20.76 31.61
CA LYS C 65 34.26 20.06 30.98
C LYS C 65 34.04 18.55 30.95
N GLY C 66 32.78 18.13 30.82
CA GLY C 66 32.44 16.72 30.86
C GLY C 66 31.82 16.21 29.58
N SER C 67 31.66 17.08 28.59
CA SER C 67 30.98 16.72 27.35
C SER C 67 31.85 15.89 26.41
N LEU C 68 33.17 16.06 26.50
CA LEU C 68 34.09 15.40 25.58
C LEU C 68 34.05 13.88 25.70
N GLU C 69 34.08 13.37 26.93
CA GLU C 69 34.11 11.92 27.13
C GLU C 69 32.78 11.29 26.72
N LEU C 70 31.71 12.06 26.79
CA LEU C 70 30.40 11.57 26.37
C LEU C 70 30.30 11.57 24.84
N CYS C 71 30.91 12.55 24.20
CA CYS C 71 30.98 12.60 22.73
C CYS C 71 31.79 11.42 22.20
N GLU C 72 32.88 11.09 22.88
CA GLU C 72 33.75 10.00 22.46
C GLU C 72 33.04 8.65 22.56
N ILE C 73 32.20 8.49 23.58
CA ILE C 73 31.40 7.28 23.73
C ILE C 73 30.45 7.13 22.54
N ALA C 74 29.78 8.22 22.19
CA ALA C 74 28.83 8.22 21.07
C ALA C 74 29.55 7.89 19.76
N GLU C 75 30.76 8.42 19.61
CA GLU C 75 31.53 8.21 18.39
C GLU C 75 32.04 6.77 18.28
N SER C 76 32.31 6.14 19.43
CA SER C 76 32.77 4.75 19.42
C SER C 76 31.61 3.80 19.08
N LYS C 77 30.38 4.30 19.22
CA LYS C 77 29.19 3.53 18.88
C LYS C 77 28.83 3.66 17.41
N GLY C 78 29.49 4.58 16.71
CA GLY C 78 29.29 4.73 15.28
C GLY C 78 28.71 6.06 14.85
N TYR C 79 28.50 6.99 15.79
CA TYR C 79 27.97 8.31 15.45
C TYR C 79 29.08 9.24 14.98
N SER C 80 28.91 9.78 13.77
CA SER C 80 29.91 10.63 13.14
C SER C 80 30.12 11.92 13.92
N ILE C 81 31.37 12.39 13.95
CA ILE C 81 31.70 13.65 14.61
C ILE C 81 31.02 14.83 13.89
N ASP C 82 30.49 14.58 12.70
CA ASP C 82 29.78 15.59 11.91
C ASP C 82 28.48 16.02 12.57
N LEU C 83 27.85 15.12 13.33
CA LEU C 83 26.56 15.40 13.96
C LEU C 83 26.65 16.45 15.05
N CYS C 84 25.52 17.08 15.37
CA CYS C 84 25.48 18.09 16.42
C CYS C 84 26.07 17.54 17.72
N ALA C 85 26.87 18.35 18.39
CA ALA C 85 27.53 17.95 19.63
C ALA C 85 26.53 17.75 20.76
N TYR C 86 25.39 18.44 20.71
CA TYR C 86 24.36 18.24 21.73
C TYR C 86 23.83 16.82 21.60
N ALA C 87 23.65 16.37 20.36
CA ALA C 87 23.15 15.02 20.12
C ALA C 87 24.19 13.97 20.51
N ARG C 88 25.44 14.18 20.13
CA ARG C 88 26.50 13.22 20.47
C ARG C 88 26.69 13.13 21.99
N THR C 89 26.64 14.28 22.68
CA THR C 89 26.73 14.30 24.14
C THR C 89 25.58 13.50 24.75
N ASN C 90 24.39 13.68 24.21
CA ASN C 90 23.19 13.02 24.73
C ASN C 90 23.20 11.51 24.50
N PHE C 91 23.66 11.08 23.33
CA PHE C 91 23.78 9.66 23.03
C PHE C 91 24.82 9.03 23.97
N GLY C 92 25.88 9.77 24.27
CA GLY C 92 26.88 9.32 25.21
C GLY C 92 26.27 9.11 26.58
N LEU C 93 25.42 10.04 26.97
CA LEU C 93 24.73 9.98 28.26
C LEU C 93 23.88 8.72 28.35
N LEU C 94 23.12 8.45 27.28
CA LEU C 94 22.24 7.30 27.25
C LEU C 94 23.03 5.99 27.37
N GLU C 95 24.09 5.86 26.59
CA GLU C 95 24.91 4.64 26.60
C GLU C 95 25.58 4.45 27.96
N ASN C 96 25.90 5.56 28.62
CA ASN C 96 26.66 5.52 29.86
C ASN C 96 25.76 5.39 31.09
N GLY C 97 24.45 5.42 30.86
CA GLY C 97 23.48 5.32 31.95
C GLY C 97 23.44 6.58 32.80
N GLY C 98 23.94 7.68 32.24
CA GLY C 98 23.96 8.96 32.93
C GLY C 98 25.36 9.52 33.03
N CYS C 99 25.52 10.56 33.84
CA CYS C 99 26.84 11.11 34.13
C CYS C 99 26.87 11.72 35.53
N GLU C 100 28.05 12.12 35.98
CA GLU C 100 28.22 12.61 37.35
C GLU C 100 28.07 14.12 37.47
N ALA C 101 28.61 14.86 36.50
CA ALA C 101 28.64 16.32 36.56
C ALA C 101 27.24 16.94 36.55
N LEU C 102 26.31 16.30 35.86
CA LEU C 102 24.94 16.81 35.77
C LEU C 102 24.01 15.71 35.29
N ASP C 103 23.56 14.89 36.22
CA ASP C 103 22.79 13.69 35.89
C ASP C 103 21.32 14.00 35.72
N MET C 104 20.63 13.20 34.91
CA MET C 104 19.17 13.29 34.80
C MET C 104 18.61 11.95 34.36
N PRO C 105 17.34 11.68 34.72
CA PRO C 105 16.72 10.38 34.44
C PRO C 105 16.37 10.18 32.96
N ALA C 106 16.38 8.92 32.53
CA ALA C 106 15.99 8.58 31.16
C ALA C 106 14.51 8.89 30.94
N PRO C 107 14.13 9.15 29.68
CA PRO C 107 12.76 9.57 29.34
C PRO C 107 11.76 8.42 29.20
N ASP C 108 10.51 8.71 29.52
CA ASP C 108 9.39 7.80 29.26
C ASP C 108 8.60 8.26 28.03
N PHE C 109 8.76 9.53 27.64
CA PHE C 109 8.17 10.05 26.41
C PHE C 109 9.01 11.20 25.84
N LEU C 110 8.75 11.58 24.60
CA LEU C 110 9.58 12.58 23.93
C LEU C 110 8.74 13.69 23.29
N LEU C 111 9.24 14.90 23.31
CA LEU C 111 8.57 16.05 22.71
C LEU C 111 9.50 16.74 21.72
N CYS C 112 9.16 16.71 20.44
CA CYS C 112 10.05 17.23 19.40
C CYS C 112 9.40 18.30 18.54
N CYS C 113 10.05 19.46 18.42
CA CYS C 113 9.62 20.51 17.50
C CYS C 113 10.81 20.96 16.66
N ASN C 114 10.63 20.99 15.34
CA ASN C 114 11.74 21.31 14.44
C ASN C 114 11.81 22.78 14.04
N ASN C 115 11.29 23.69 14.87
CA ASN C 115 11.45 25.10 14.56
C ASN C 115 12.92 25.53 14.65
N ILE C 116 13.67 24.93 15.57
CA ILE C 116 15.08 25.27 15.74
C ILE C 116 15.99 24.67 14.65
N CYS C 117 15.69 23.44 14.24
CA CYS C 117 16.47 22.74 13.22
C CYS C 117 15.79 21.41 12.90
N ASN C 118 16.27 20.72 11.87
CA ASN C 118 15.73 19.40 11.53
C ASN C 118 16.55 18.24 12.11
N GLN C 119 17.77 18.51 12.60
CA GLN C 119 18.55 17.45 13.22
C GLN C 119 17.81 16.82 14.41
N VAL C 120 17.02 17.60 15.14
CA VAL C 120 16.30 17.07 16.29
C VAL C 120 15.29 15.99 15.93
N ILE C 121 14.81 16.00 14.68
CA ILE C 121 13.90 14.96 14.22
C ILE C 121 14.61 13.60 14.25
N LYS C 122 15.79 13.55 13.63
CA LYS C 122 16.56 12.31 13.54
C LYS C 122 17.05 11.88 14.92
N TRP C 123 17.57 12.84 15.69
CA TRP C 123 18.02 12.60 17.05
C TRP C 123 16.92 11.90 17.86
N TYR C 124 15.70 12.44 17.80
CA TYR C 124 14.60 11.91 18.61
C TYR C 124 14.02 10.62 18.03
N GLU C 125 14.09 10.45 16.72
CA GLU C 125 13.76 9.16 16.10
C GLU C 125 14.57 8.05 16.76
N ASN C 126 15.87 8.29 16.93
CA ASN C 126 16.78 7.30 17.48
C ASN C 126 16.44 6.92 18.93
N ILE C 127 16.18 7.92 19.75
CA ILE C 127 15.85 7.67 21.16
C ILE C 127 14.54 6.91 21.27
N SER C 128 13.55 7.31 20.47
CA SER C 128 12.25 6.64 20.48
C SER C 128 12.42 5.16 20.17
N ARG C 129 13.22 4.86 19.16
CA ARG C 129 13.39 3.48 18.69
C ARG C 129 14.16 2.64 19.72
N GLU C 130 15.21 3.21 20.30
CA GLU C 130 16.09 2.44 21.16
C GLU C 130 15.46 2.17 22.53
N LEU C 131 14.67 3.12 23.02
CA LEU C 131 14.03 2.99 24.33
C LEU C 131 12.58 2.51 24.23
N ASP C 132 12.08 2.42 23.00
CA ASP C 132 10.70 2.03 22.74
C ASP C 132 9.71 2.88 23.54
N ILE C 133 9.72 4.18 23.29
CA ILE C 133 8.82 5.11 23.96
C ILE C 133 8.15 6.05 22.94
N PRO C 134 6.99 6.60 23.31
CA PRO C 134 6.21 7.45 22.39
C PRO C 134 6.88 8.78 22.08
N LEU C 135 6.81 9.17 20.81
CA LEU C 135 7.38 10.43 20.32
C LEU C 135 6.24 11.32 19.82
N ILE C 136 6.16 12.52 20.38
CA ILE C 136 5.16 13.51 19.97
C ILE C 136 5.85 14.59 19.13
N MET C 137 5.35 14.79 17.91
CA MET C 137 6.00 15.68 16.94
C MET C 137 5.13 16.89 16.60
N ILE C 138 5.69 18.08 16.79
CA ILE C 138 5.08 19.30 16.28
C ILE C 138 5.95 19.84 15.14
N ASP C 139 5.50 19.58 13.91
CA ASP C 139 6.26 19.90 12.71
C ASP C 139 5.91 21.31 12.21
N THR C 140 6.82 22.25 12.44
CA THR C 140 6.68 23.61 11.93
C THR C 140 7.52 23.75 10.66
N THR C 141 6.90 23.55 9.50
CA THR C 141 7.65 23.56 8.25
C THR C 141 8.22 24.95 7.95
N PHE C 142 9.40 24.98 7.33
CA PHE C 142 10.15 26.23 7.14
C PHE C 142 9.34 27.27 6.35
N ASN C 143 9.40 28.52 6.80
CA ASN C 143 8.66 29.61 6.14
C ASN C 143 9.49 30.29 5.07
N ASN C 144 9.23 29.95 3.81
CA ASN C 144 9.87 30.67 2.70
C ASN C 144 9.17 32.00 2.44
N GLU C 145 7.85 32.03 2.58
CA GLU C 145 7.08 33.27 2.44
C GLU C 145 7.21 34.13 3.70
N ASP C 146 7.00 35.44 3.55
CA ASP C 146 7.13 36.36 4.68
C ASP C 146 6.13 36.03 5.80
N GLU C 147 4.93 35.60 5.41
CA GLU C 147 3.89 35.26 6.38
C GLU C 147 3.69 33.75 6.47
N VAL C 148 3.28 33.28 7.64
CA VAL C 148 2.95 31.87 7.83
C VAL C 148 1.67 31.55 7.04
N THR C 149 1.77 30.60 6.09
CA THR C 149 0.61 30.25 5.28
C THR C 149 -0.51 29.69 6.14
N GLN C 150 -1.75 29.87 5.70
CA GLN C 150 -2.89 29.34 6.42
C GLN C 150 -2.73 27.83 6.57
N SER C 151 -2.15 27.19 5.56
CA SER C 151 -1.97 25.74 5.59
C SER C 151 -1.08 25.34 6.77
N ARG C 152 -0.05 26.13 7.02
CA ARG C 152 0.86 25.86 8.14
C ARG C 152 0.12 26.04 9.47
N ILE C 153 -0.68 27.10 9.58
CA ILE C 153 -1.43 27.35 10.81
C ILE C 153 -2.40 26.20 11.13
N ASP C 154 -3.11 25.73 10.11
CA ASP C 154 -4.10 24.67 10.31
C ASP C 154 -3.44 23.35 10.68
N TYR C 155 -2.31 23.05 10.04
CA TYR C 155 -1.56 21.82 10.28
C TYR C 155 -0.94 21.83 11.69
N ILE C 156 -0.44 22.97 12.12
CA ILE C 156 0.14 23.08 13.46
C ILE C 156 -0.94 22.90 14.53
N LYS C 157 -2.11 23.51 14.32
CA LYS C 157 -3.20 23.40 15.28
C LYS C 157 -3.66 21.96 15.43
N ALA C 158 -3.76 21.26 14.31
CA ALA C 158 -4.17 19.86 14.32
C ALA C 158 -3.12 19.02 15.02
N GLN C 159 -1.87 19.45 14.97
CA GLN C 159 -0.80 18.73 15.65
C GLN C 159 -0.83 19.00 17.17
N PHE C 160 -1.35 20.16 17.56
CA PHE C 160 -1.58 20.46 18.97
C PHE C 160 -2.60 19.45 19.49
N GLU C 161 -3.65 19.21 18.72
CA GLU C 161 -4.71 18.29 19.12
C GLU C 161 -4.19 16.86 19.27
N GLU C 162 -3.38 16.41 18.32
CA GLU C 162 -2.80 15.06 18.38
C GLU C 162 -1.87 14.94 19.58
N ALA C 163 -1.15 16.02 19.90
CA ALA C 163 -0.28 16.03 21.05
C ALA C 163 -1.08 15.86 22.35
N ILE C 164 -2.20 16.56 22.45
CA ILE C 164 -3.05 16.48 23.64
C ILE C 164 -3.59 15.07 23.79
N LYS C 165 -4.01 14.45 22.69
CA LYS C 165 -4.52 13.09 22.71
C LYS C 165 -3.48 12.11 23.26
N GLN C 166 -2.25 12.19 22.77
CA GLN C 166 -1.21 11.28 23.24
CA GLN C 166 -1.16 11.31 23.22
C GLN C 166 -0.81 11.57 24.69
N LEU C 167 -0.91 12.83 25.11
CA LEU C 167 -0.52 13.20 26.47
C LEU C 167 -1.56 12.79 27.49
N GLU C 168 -2.82 12.70 27.07
CA GLU C 168 -3.87 12.17 27.93
C GLU C 168 -3.58 10.71 28.24
N ILE C 169 -3.13 9.98 27.24
CA ILE C 169 -2.83 8.55 27.37
C ILE C 169 -1.61 8.35 28.28
N ILE C 170 -0.61 9.19 28.11
CA ILE C 170 0.64 9.09 28.87
C ILE C 170 0.42 9.42 30.35
N SER C 171 -0.40 10.44 30.62
CA SER C 171 -0.57 10.95 31.98
C SER C 171 -1.69 10.26 32.74
N GLY C 172 -2.61 9.63 32.00
CA GLY C 172 -3.79 9.03 32.61
C GLY C 172 -4.82 10.07 33.05
N LYS C 173 -4.64 11.30 32.59
CA LYS C 173 -5.55 12.40 32.94
C LYS C 173 -6.23 12.92 31.68
N LYS C 174 -7.34 13.64 31.87
CA LYS C 174 -8.01 14.27 30.75
C LYS C 174 -7.64 15.74 30.68
N PHE C 175 -7.69 16.30 29.47
CA PHE C 175 -7.33 17.68 29.23
C PHE C 175 -8.33 18.62 29.90
N ASP C 176 -7.82 19.56 30.67
CA ASP C 176 -8.66 20.53 31.38
C ASP C 176 -8.50 21.91 30.74
N PRO C 177 -9.49 22.33 29.94
CA PRO C 177 -9.39 23.58 29.17
C PRO C 177 -9.25 24.82 30.04
N LYS C 178 -9.83 24.80 31.24
CA LYS C 178 -9.76 25.94 32.14
C LYS C 178 -8.34 26.08 32.67
N LYS C 179 -7.71 24.95 32.98
CA LYS C 179 -6.32 24.94 33.42
C LYS C 179 -5.41 25.40 32.29
N PHE C 180 -5.79 25.08 31.05
CA PHE C 180 -5.02 25.47 29.88
C PHE C 180 -4.98 26.99 29.77
N GLU C 181 -6.08 27.64 30.16
CA GLU C 181 -6.15 29.10 30.17
C GLU C 181 -5.12 29.71 31.12
N GLU C 182 -4.98 29.12 32.30
CA GLU C 182 -4.02 29.63 33.29
C GLU C 182 -2.60 29.42 32.81
N VAL C 183 -2.35 28.29 32.17
CA VAL C 183 -1.02 27.98 31.66
C VAL C 183 -0.62 28.98 30.56
N MET C 184 -1.56 29.32 29.68
CA MET C 184 -1.29 30.30 28.64
CA MET C 184 -1.29 30.30 28.64
C MET C 184 -1.04 31.66 29.25
N LYS C 185 -1.75 31.95 30.35
CA LYS C 185 -1.59 33.21 31.06
C LYS C 185 -0.16 33.34 31.60
N ILE C 186 0.31 32.29 32.26
CA ILE C 186 1.63 32.32 32.89
C ILE C 186 2.73 32.36 31.84
N SER C 187 2.57 31.56 30.79
CA SER C 187 3.55 31.47 29.72
C SER C 187 3.74 32.80 28.99
N ALA C 188 2.63 33.48 28.71
CA ALA C 188 2.69 34.74 28.00
C ALA C 188 3.40 35.79 28.85
N GLU C 189 3.10 35.81 30.15
CA GLU C 189 3.73 36.75 31.05
C GLU C 189 5.24 36.53 31.09
N ASN C 190 5.65 35.27 31.24
CA ASN C 190 7.07 34.97 31.35
C ASN C 190 7.81 35.30 30.07
N GLY C 191 7.13 35.13 28.93
CA GLY C 191 7.71 35.50 27.65
C GLY C 191 7.97 37.00 27.56
N ARG C 192 7.02 37.79 28.06
CA ARG C 192 7.18 39.24 28.09
C ARG C 192 8.32 39.65 29.01
N LEU C 193 8.43 39.01 30.16
CA LEU C 193 9.48 39.31 31.12
C LEU C 193 10.86 38.92 30.60
N TRP C 194 10.93 37.84 29.84
CA TRP C 194 12.19 37.40 29.23
C TRP C 194 12.66 38.45 28.22
N LYS C 195 11.77 38.86 27.33
CA LYS C 195 12.11 39.83 26.29
C LYS C 195 12.50 41.18 26.90
N TYR C 196 11.77 41.61 27.92
CA TYR C 196 12.03 42.90 28.54
C TYR C 196 13.37 42.93 29.26
N SER C 197 13.59 41.94 30.13
CA SER C 197 14.80 41.90 30.95
C SER C 197 16.07 41.79 30.10
N MET C 198 16.03 40.92 29.10
CA MET C 198 17.22 40.65 28.29
C MET C 198 17.43 41.70 27.20
N SER C 199 16.49 42.63 27.08
CA SER C 199 16.64 43.74 26.14
C SER C 199 17.17 45.01 26.81
N LEU C 200 17.33 44.98 28.13
CA LEU C 200 17.76 46.17 28.88
C LEU C 200 19.14 46.72 28.45
N PRO C 201 20.06 45.84 28.03
CA PRO C 201 21.36 46.33 27.60
C PRO C 201 21.28 47.32 26.43
N ALA C 202 20.23 47.22 25.63
CA ALA C 202 20.11 47.99 24.40
C ALA C 202 20.13 49.50 24.62
N ASP C 203 19.27 49.98 25.53
CA ASP C 203 19.14 51.41 25.77
CA ASP C 203 19.15 51.41 25.77
C ASP C 203 19.78 51.80 27.11
N SER C 204 20.97 51.29 27.36
CA SER C 204 21.69 51.59 28.59
C SER C 204 23.20 51.60 28.37
N SER C 205 23.85 52.69 28.76
CA SER C 205 25.30 52.80 28.62
C SER C 205 25.93 53.23 29.94
N PRO C 206 26.67 52.32 30.60
CA PRO C 206 26.93 50.97 30.10
C PRO C 206 25.76 50.03 30.38
N SER C 207 25.82 48.82 29.83
CA SER C 207 24.80 47.82 30.08
C SER C 207 24.85 47.35 31.53
N PRO C 208 23.69 47.02 32.11
CA PRO C 208 23.62 46.56 33.50
C PRO C 208 24.15 45.14 33.71
N MET C 209 24.50 44.43 32.63
CA MET C 209 25.03 43.08 32.76
C MET C 209 26.09 42.75 31.73
N ASN C 210 26.96 41.81 32.07
CA ASN C 210 27.81 41.15 31.09
C ASN C 210 26.88 40.41 30.14
N GLY C 211 27.09 40.56 28.83
CA GLY C 211 26.23 39.95 27.84
C GLY C 211 26.12 38.44 27.94
N PHE C 212 27.20 37.80 28.39
CA PHE C 212 27.22 36.33 28.54
C PHE C 212 26.21 35.85 29.60
N ASP C 213 25.79 36.74 30.49
CA ASP C 213 24.83 36.38 31.53
C ASP C 213 23.51 35.92 30.94
N LEU C 214 23.18 36.45 29.76
CA LEU C 214 21.94 36.09 29.09
C LEU C 214 21.80 34.58 28.94
N PHE C 215 22.92 33.90 28.71
CA PHE C 215 22.89 32.46 28.42
C PHE C 215 22.71 31.61 29.68
N THR C 216 22.95 32.20 30.84
CA THR C 216 22.65 31.54 32.11
C THR C 216 21.16 31.62 32.40
N TYR C 217 20.58 32.80 32.19
CA TYR C 217 19.14 33.00 32.43
C TYR C 217 18.31 32.27 31.38
N MET C 218 18.91 32.02 30.23
CA MET C 218 18.24 31.30 29.14
C MET C 218 17.74 29.93 29.60
N ALA C 219 18.47 29.29 30.51
CA ALA C 219 18.09 27.97 31.01
C ALA C 219 16.71 28.02 31.66
N VAL C 220 16.41 29.12 32.35
CA VAL C 220 15.14 29.26 33.05
C VAL C 220 13.96 29.37 32.08
N ILE C 221 14.10 30.19 31.04
CA ILE C 221 13.00 30.40 30.11
C ILE C 221 12.79 29.18 29.22
N VAL C 222 13.83 28.37 29.05
CA VAL C 222 13.69 27.14 28.29
C VAL C 222 13.00 26.04 29.10
N CYS C 223 13.37 25.89 30.37
CA CYS C 223 12.99 24.74 31.20
CA CYS C 223 12.93 24.72 31.11
C CYS C 223 11.71 24.93 32.00
N ALA C 224 11.34 26.18 32.28
CA ALA C 224 10.22 26.43 33.19
C ALA C 224 9.34 27.62 32.76
N ARG C 225 9.11 27.73 31.46
CA ARG C 225 8.41 28.87 30.87
C ARG C 225 6.94 28.97 31.30
N GLY C 226 6.36 27.85 31.74
CA GLY C 226 4.95 27.84 32.10
C GLY C 226 4.66 27.78 33.59
N LYS C 227 5.65 28.14 34.41
CA LYS C 227 5.50 28.03 35.86
C LYS C 227 5.57 29.39 36.56
N LYS C 228 4.83 29.53 37.65
CA LYS C 228 4.72 30.81 38.34
C LYS C 228 6.01 31.17 39.07
N GLU C 229 6.80 30.16 39.43
CA GLU C 229 8.07 30.40 40.11
C GLU C 229 9.00 31.19 39.21
N THR C 230 8.88 30.95 37.90
CA THR C 230 9.69 31.64 36.92
C THR C 230 9.35 33.12 36.87
N THR C 231 8.06 33.43 36.98
CA THR C 231 7.60 34.82 36.97
C THR C 231 8.24 35.59 38.11
N GLU C 232 8.16 35.03 39.31
CA GLU C 232 8.73 35.70 40.48
C GLU C 232 10.24 35.82 40.36
N ALA C 233 10.87 34.83 39.72
CA ALA C 233 12.31 34.84 39.55
C ALA C 233 12.76 35.99 38.65
N PHE C 234 12.04 36.21 37.56
CA PHE C 234 12.42 37.26 36.60
C PHE C 234 12.08 38.67 37.11
N LYS C 235 11.09 38.78 37.99
CA LYS C 235 10.77 40.07 38.59
C LYS C 235 11.90 40.51 39.51
N LEU C 236 12.43 39.55 40.27
CA LEU C 236 13.57 39.81 41.15
C LEU C 236 14.79 40.21 40.33
N LEU C 237 15.02 39.50 39.23
CA LEU C 237 16.16 39.79 38.35
C LEU C 237 16.04 41.20 37.79
N ILE C 238 14.83 41.56 37.35
CA ILE C 238 14.60 42.89 36.78
C ILE C 238 14.85 43.99 37.80
N GLU C 239 14.49 43.77 39.06
CA GLU C 239 14.76 44.77 40.09
C GLU C 239 16.25 45.02 40.21
N GLU C 240 17.05 43.97 40.12
CA GLU C 240 18.50 44.09 40.27
C GLU C 240 19.13 44.76 39.04
N LEU C 241 18.60 44.45 37.86
CA LEU C 241 19.14 45.03 36.63
C LEU C 241 18.80 46.52 36.55
N GLU C 242 17.57 46.89 36.88
CA GLU C 242 17.14 48.28 36.85
C GLU C 242 17.89 49.10 37.90
N ASP C 243 18.21 48.46 39.01
CA ASP C 243 19.00 49.09 40.06
C ASP C 243 20.40 49.39 39.54
N ASN C 244 20.97 48.44 38.79
CA ASN C 244 22.27 48.65 38.19
C ASN C 244 22.24 49.84 37.23
N MET C 245 21.19 49.94 36.43
CA MET C 245 21.07 51.01 35.45
C MET C 245 21.04 52.38 36.11
N LYS C 246 20.34 52.49 37.23
CA LYS C 246 20.18 53.76 37.91
C LYS C 246 21.44 54.18 38.66
N THR C 247 22.31 53.21 38.95
CA THR C 247 23.53 53.49 39.70
C THR C 247 24.80 53.40 38.83
N GLY C 248 24.64 53.03 37.56
CA GLY C 248 25.76 52.90 36.65
C GLY C 248 26.66 51.70 36.94
N LYS C 249 26.08 50.63 37.48
CA LYS C 249 26.85 49.44 37.80
C LYS C 249 26.55 48.32 36.81
N SER C 250 27.29 47.22 36.92
CA SER C 250 27.12 46.09 36.01
C SER C 250 27.95 44.89 36.46
N SER C 251 27.56 43.70 36.02
CA SER C 251 28.33 42.50 36.30
C SER C 251 29.51 42.40 35.33
N PHE C 252 29.47 43.19 34.26
CA PHE C 252 30.63 43.35 33.39
C PHE C 252 31.69 44.15 34.14
N ARG C 253 32.93 43.67 34.10
CA ARG C 253 34.01 44.29 34.86
C ARG C 253 34.90 45.16 33.98
N GLY C 254 35.18 46.37 34.45
CA GLY C 254 36.01 47.30 33.70
C GLY C 254 35.19 48.21 32.80
N GLU C 255 35.87 49.12 32.10
CA GLU C 255 35.21 50.07 31.23
C GLU C 255 34.64 49.39 29.99
N GLU C 256 33.39 49.71 29.67
CA GLU C 256 32.75 49.23 28.45
C GLU C 256 33.15 50.15 27.29
N LYS C 257 34.21 49.77 26.58
CA LYS C 257 34.76 50.58 25.51
C LYS C 257 34.05 50.32 24.19
N TYR C 258 33.70 49.07 23.94
CA TYR C 258 33.07 48.68 22.69
C TYR C 258 31.83 47.84 22.97
N ARG C 259 30.82 48.03 22.12
CA ARG C 259 29.56 47.31 22.25
C ARG C 259 29.38 46.47 21.00
N ILE C 260 29.03 45.20 21.14
CA ILE C 260 28.93 44.35 19.96
C ILE C 260 27.73 43.42 20.01
N MET C 261 27.46 42.79 18.87
CA MET C 261 26.52 41.70 18.80
CA MET C 261 26.52 41.69 18.78
C MET C 261 27.31 40.43 18.45
N MET C 262 27.18 39.40 19.27
CA MET C 262 27.77 38.11 18.93
C MET C 262 26.68 37.21 18.33
N GLU C 263 26.92 36.69 17.14
CA GLU C 263 26.02 35.74 16.50
C GLU C 263 26.37 34.32 16.95
N GLY C 264 25.41 33.65 17.57
CA GLY C 264 25.59 32.25 17.96
C GLY C 264 25.63 31.99 19.45
N ILE C 265 25.52 30.71 19.81
CA ILE C 265 25.62 30.32 21.22
CA ILE C 265 25.61 30.25 21.20
C ILE C 265 27.07 30.17 21.63
N PRO C 266 27.35 30.36 22.93
CA PRO C 266 28.76 30.32 23.37
C PRO C 266 29.38 28.93 23.26
N CYS C 267 30.70 28.88 23.12
CA CYS C 267 31.45 27.65 23.22
C CYS C 267 31.58 27.30 24.70
N TRP C 268 30.61 26.53 25.21
CA TRP C 268 30.48 26.28 26.64
C TRP C 268 31.73 25.73 27.33
N PRO C 269 32.51 24.88 26.65
CA PRO C 269 33.73 24.34 27.26
C PRO C 269 34.82 25.40 27.48
N TYR C 270 34.56 26.63 27.05
CA TYR C 270 35.54 27.71 27.17
C TYR C 270 34.88 29.01 27.59
N ILE C 271 33.70 28.93 28.19
CA ILE C 271 32.93 30.13 28.49
C ILE C 271 33.69 31.07 29.44
N GLY C 272 34.44 30.49 30.36
CA GLY C 272 35.21 31.28 31.31
C GLY C 272 36.28 32.09 30.61
N TYR C 273 37.05 31.41 29.75
CA TYR C 273 38.11 32.05 28.99
C TYR C 273 37.57 33.15 28.07
N LYS C 274 36.46 32.87 27.39
CA LYS C 274 35.88 33.83 26.47
C LYS C 274 35.45 35.09 27.21
N MET C 275 34.84 34.91 28.39
CA MET C 275 34.41 36.05 29.19
C MET C 275 35.62 36.92 29.54
N LYS C 276 36.70 36.28 29.96
CA LYS C 276 37.90 37.00 30.39
C LYS C 276 38.57 37.72 29.23
N THR C 277 38.55 37.13 28.05
CA THR C 277 39.23 37.70 26.88
C THR C 277 38.51 38.95 26.38
N LEU C 278 37.18 38.91 26.31
CA LEU C 278 36.43 40.10 25.89
C LEU C 278 36.60 41.22 26.92
N ALA C 279 36.50 40.88 28.20
CA ALA C 279 36.65 41.89 29.26
C ALA C 279 37.99 42.60 29.17
N LYS C 280 39.03 41.85 28.80
CA LYS C 280 40.38 42.42 28.73
C LYS C 280 40.46 43.54 27.69
N PHE C 281 39.70 43.38 26.60
CA PHE C 281 39.68 44.37 25.54
C PHE C 281 38.58 45.41 25.71
N GLY C 282 37.81 45.29 26.78
CA GLY C 282 36.71 46.22 27.04
C GLY C 282 35.52 46.01 26.14
N VAL C 283 35.29 44.76 25.74
CA VAL C 283 34.20 44.42 24.82
C VAL C 283 33.01 43.77 25.53
N ASN C 284 31.81 44.29 25.30
CA ASN C 284 30.60 43.74 25.91
C ASN C 284 29.49 43.53 24.86
N MET C 285 28.74 42.45 24.98
CA MET C 285 27.65 42.17 24.05
C MET C 285 26.36 42.87 24.48
N THR C 286 25.94 43.87 23.71
CA THR C 286 24.77 44.67 24.07
C THR C 286 23.63 44.58 23.06
N GLY C 287 23.88 43.91 21.94
CA GLY C 287 22.85 43.65 20.97
C GLY C 287 22.71 42.15 20.79
N SER C 288 21.49 41.64 20.82
CA SER C 288 21.24 40.20 20.76
C SER C 288 19.89 39.87 20.13
N VAL C 289 19.82 38.70 19.48
CA VAL C 289 18.57 38.26 18.88
CA VAL C 289 18.58 38.25 18.87
C VAL C 289 17.78 37.33 19.81
N TYR C 290 18.46 36.80 20.82
CA TYR C 290 17.84 35.81 21.70
C TYR C 290 16.72 36.34 22.61
N PRO C 291 16.72 37.65 22.91
CA PRO C 291 15.53 38.16 23.62
C PRO C 291 14.23 37.83 22.87
N HIS C 292 14.31 37.72 21.55
CA HIS C 292 13.13 37.45 20.71
C HIS C 292 12.82 35.96 20.58
N ALA C 293 13.79 35.11 20.94
CA ALA C 293 13.66 33.68 20.74
C ALA C 293 12.51 33.08 21.54
N TRP C 294 12.42 33.43 22.82
CA TRP C 294 11.41 32.87 23.72
C TRP C 294 10.33 33.87 24.14
N ALA C 295 10.21 34.98 23.42
CA ALA C 295 9.12 35.91 23.65
C ALA C 295 7.78 35.19 23.48
N LEU C 296 7.65 34.49 22.36
CA LEU C 296 6.50 33.64 22.08
C LEU C 296 5.19 34.28 22.52
N GLN C 297 4.88 35.44 21.93
CA GLN C 297 3.69 36.18 22.32
C GLN C 297 2.47 35.81 21.50
N TYR C 298 1.35 35.60 22.21
CA TYR C 298 0.06 35.34 21.61
C TYR C 298 -1.02 35.66 22.65
N GLU C 299 -2.22 35.99 22.20
CA GLU C 299 -3.31 36.29 23.11
C GLU C 299 -3.81 35.01 23.76
N VAL C 300 -4.15 35.08 25.04
CA VAL C 300 -4.67 33.93 25.75
C VAL C 300 -5.87 33.33 25.01
N ASN C 301 -5.83 32.00 24.81
CA ASN C 301 -6.88 31.26 24.12
C ASN C 301 -6.86 31.37 22.59
N ASP C 302 -5.92 32.14 22.05
CA ASP C 302 -5.81 32.28 20.60
C ASP C 302 -4.85 31.24 20.03
N LEU C 303 -5.38 30.06 19.69
CA LEU C 303 -4.56 28.96 19.20
C LEU C 303 -3.90 29.29 17.85
N ASP C 304 -4.53 30.15 17.08
CA ASP C 304 -3.95 30.60 15.81
C ASP C 304 -2.69 31.41 16.11
N GLY C 305 -2.77 32.24 17.13
CA GLY C 305 -1.63 33.05 17.54
C GLY C 305 -0.50 32.20 18.09
N MET C 306 -0.84 31.18 18.87
CA MET C 306 0.15 30.28 19.44
C MET C 306 0.88 29.52 18.32
N ALA C 307 0.13 29.07 17.32
CA ALA C 307 0.71 28.39 16.17
C ALA C 307 1.72 29.28 15.45
N VAL C 308 1.33 30.53 15.21
CA VAL C 308 2.19 31.47 14.52
C VAL C 308 3.44 31.79 15.34
N ALA C 309 3.29 31.89 16.66
CA ALA C 309 4.41 32.22 17.52
C ALA C 309 5.50 31.16 17.45
N TYR C 310 5.09 29.89 17.46
CA TYR C 310 6.06 28.79 17.44
C TYR C 310 6.63 28.56 16.04
N SER C 311 5.86 28.89 15.01
CA SER C 311 6.31 28.76 13.63
C SER C 311 7.35 29.82 13.26
N THR C 312 7.25 31.00 13.87
CA THR C 312 8.07 32.13 13.44
C THR C 312 9.31 32.37 14.32
N MET C 313 9.66 31.40 15.15
CA MET C 313 10.94 31.47 15.86
C MET C 313 12.00 31.70 14.78
N PHE C 314 13.02 32.50 15.09
CA PHE C 314 13.86 33.10 14.03
C PHE C 314 14.76 32.12 13.26
N ASN C 315 14.86 30.87 13.71
CA ASN C 315 15.57 29.86 12.94
C ASN C 315 14.72 29.29 11.80
N ASN C 316 13.46 29.68 11.73
CA ASN C 316 12.49 29.05 10.83
C ASN C 316 11.85 30.03 9.85
N VAL C 317 12.46 31.19 9.65
CA VAL C 317 11.95 32.19 8.72
C VAL C 317 12.98 32.44 7.61
N ASN C 318 12.56 33.12 6.54
CA ASN C 318 13.41 33.20 5.34
C ASN C 318 14.64 34.07 5.57
N LEU C 319 15.62 33.96 4.67
CA LEU C 319 16.93 34.57 4.88
C LEU C 319 16.84 36.10 4.98
N ASP C 320 15.93 36.69 4.22
CA ASP C 320 15.67 38.13 4.34
C ASP C 320 15.30 38.47 5.79
N ARG C 321 14.39 37.69 6.37
CA ARG C 321 13.94 37.96 7.74
C ARG C 321 15.04 37.65 8.77
N MET C 322 15.78 36.57 8.55
CA MET C 322 16.88 36.22 9.44
C MET C 322 17.87 37.38 9.50
N THR C 323 18.15 37.95 8.33
CA THR C 323 19.15 39.03 8.23
C THR C 323 18.62 40.27 8.94
N LYS C 324 17.34 40.55 8.80
CA LYS C 324 16.74 41.73 9.41
C LYS C 324 16.81 41.66 10.94
N TYR C 325 16.72 40.45 11.48
CA TYR C 325 16.88 40.27 12.93
C TYR C 325 18.27 40.73 13.39
N ARG C 326 19.31 40.35 12.65
CA ARG C 326 20.67 40.71 13.04
C ARG C 326 20.94 42.19 12.84
N VAL C 327 20.45 42.75 11.74
CA VAL C 327 20.60 44.18 11.47
C VAL C 327 19.91 44.99 12.57
N ASP C 328 18.66 44.66 12.86
CA ASP C 328 17.91 45.39 13.88
C ASP C 328 18.54 45.27 15.27
N SER C 329 19.22 44.17 15.53
CA SER C 329 19.83 43.97 16.85
C SER C 329 21.08 44.82 17.00
N LEU C 330 21.78 45.04 15.89
CA LEU C 330 22.98 45.89 15.89
C LEU C 330 22.61 47.35 16.09
N VAL C 331 21.56 47.80 15.41
CA VAL C 331 21.11 49.18 15.51
C VAL C 331 20.53 49.46 16.89
N GLU C 332 19.61 48.61 17.34
CA GLU C 332 18.93 48.82 18.61
C GLU C 332 19.89 48.71 19.81
N GLY C 333 20.92 47.87 19.68
CA GLY C 333 21.91 47.73 20.74
C GLY C 333 22.99 48.80 20.70
N LYS C 334 22.86 49.72 19.75
CA LYS C 334 23.89 50.75 19.53
C LYS C 334 25.28 50.10 19.46
N CYS C 335 25.41 49.09 18.60
CA CYS C 335 26.64 48.32 18.53
C CYS C 335 27.70 48.94 17.61
N ASP C 336 28.97 48.71 17.93
CA ASP C 336 30.10 49.22 17.15
C ASP C 336 30.61 48.18 16.16
N GLY C 337 30.18 46.93 16.32
CA GLY C 337 30.62 45.86 15.43
C GLY C 337 29.90 44.54 15.67
N ALA C 338 30.17 43.56 14.80
CA ALA C 338 29.55 42.23 14.91
C ALA C 338 30.63 41.14 14.91
N PHE C 339 30.41 40.10 15.71
CA PHE C 339 31.40 39.04 15.91
C PHE C 339 30.72 37.68 15.76
N TYR C 340 31.10 36.92 14.73
CA TYR C 340 30.36 35.72 14.34
C TYR C 340 31.01 34.41 14.78
N HIS C 341 30.22 33.58 15.48
CA HIS C 341 30.62 32.22 15.81
C HIS C 341 30.20 31.28 14.67
N MET C 342 31.18 30.76 13.93
CA MET C 342 30.90 29.71 12.94
C MET C 342 30.89 28.38 13.67
N ASN C 343 29.68 27.94 14.03
CA ASN C 343 29.46 26.80 14.91
C ASN C 343 29.36 25.50 14.14
N ARG C 344 30.39 24.66 14.25
CA ARG C 344 30.50 23.42 13.48
C ARG C 344 29.31 22.47 13.60
N SER C 345 28.64 22.47 14.75
CA SER C 345 27.51 21.56 14.98
CA SER C 345 27.53 21.53 14.93
C SER C 345 26.24 22.02 14.28
N CYS C 346 26.00 23.34 14.33
CA CYS C 346 24.73 23.89 13.85
C CYS C 346 24.80 24.28 12.38
N LYS C 347 24.37 23.36 11.50
CA LYS C 347 24.45 23.59 10.06
C LYS C 347 23.43 24.62 9.57
N LEU C 348 22.27 24.68 10.21
CA LEU C 348 21.22 25.61 9.81
CA LEU C 348 21.23 25.61 9.80
C LEU C 348 21.73 27.05 9.91
N MET C 349 22.43 27.36 11.00
CA MET C 349 22.98 28.70 11.21
C MET C 349 24.27 28.93 10.41
N SER C 350 25.07 27.88 10.26
CA SER C 350 26.36 27.99 9.58
C SER C 350 26.28 28.11 8.06
N LEU C 351 25.30 27.46 7.45
CA LEU C 351 25.24 27.38 5.97
C LEU C 351 24.64 28.65 5.34
N ILE C 352 24.14 29.58 6.14
CA ILE C 352 23.70 30.87 5.61
C ILE C 352 24.42 32.05 6.28
N GLN C 353 25.46 31.76 7.04
CA GLN C 353 26.19 32.82 7.75
C GLN C 353 26.95 33.76 6.80
N TYR C 354 27.56 33.20 5.75
CA TYR C 354 28.34 34.00 4.82
C TYR C 354 27.50 35.11 4.17
N GLU C 355 26.35 34.75 3.62
CA GLU C 355 25.49 35.70 2.94
C GLU C 355 24.89 36.69 3.95
N MET C 356 24.46 36.18 5.10
CA MET C 356 23.84 37.01 6.12
C MET C 356 24.82 38.09 6.60
N GLN C 357 26.07 37.72 6.81
CA GLN C 357 27.05 38.65 7.37
C GLN C 357 27.44 39.72 6.34
N ARG C 358 27.49 39.35 5.07
CA ARG C 358 27.73 40.32 4.00
C ARG C 358 26.61 41.35 3.95
N ARG C 359 25.36 40.89 4.04
CA ARG C 359 24.21 41.79 3.97
C ARG C 359 24.16 42.74 5.16
N ALA C 360 24.45 42.21 6.35
CA ALA C 360 24.36 43.01 7.57
C ALA C 360 25.43 44.10 7.56
N ALA C 361 26.59 43.79 7.02
CA ALA C 361 27.68 44.76 6.91
C ALA C 361 27.33 45.87 5.93
N GLU C 362 26.77 45.49 4.78
CA GLU C 362 26.44 46.47 3.75
C GLU C 362 25.34 47.41 4.24
N GLU C 363 24.38 46.88 4.98
CA GLU C 363 23.22 47.65 5.37
C GLU C 363 23.50 48.61 6.53
N THR C 364 24.31 48.17 7.50
CA THR C 364 24.59 48.98 8.69
C THR C 364 25.88 49.79 8.60
N GLY C 365 26.79 49.36 7.73
CA GLY C 365 28.11 49.98 7.63
C GLY C 365 29.06 49.60 8.76
N LEU C 366 28.65 48.65 9.59
CA LEU C 366 29.46 48.24 10.73
C LEU C 366 30.44 47.12 10.36
N PRO C 367 31.65 47.14 10.96
CA PRO C 367 32.66 46.11 10.71
C PRO C 367 32.33 44.80 11.39
N TYR C 368 32.91 43.70 10.91
CA TYR C 368 32.70 42.40 11.52
C TYR C 368 33.93 41.51 11.42
N ALA C 369 33.92 40.44 12.20
CA ALA C 369 34.95 39.40 12.18
C ALA C 369 34.34 38.14 12.77
N GLY C 370 35.06 37.03 12.73
CA GLY C 370 34.51 35.76 13.17
C GLY C 370 35.55 34.76 13.61
N PHE C 371 35.09 33.65 14.20
CA PHE C 371 35.97 32.60 14.69
C PHE C 371 35.26 31.25 14.60
N ASP C 372 36.03 30.17 14.56
CA ASP C 372 35.49 28.82 14.51
C ASP C 372 35.30 28.26 15.92
N GLY C 373 34.24 27.48 16.13
CA GLY C 373 34.00 26.89 17.44
C GLY C 373 32.90 25.85 17.44
N ASP C 374 32.44 25.49 18.64
CA ASP C 374 31.32 24.56 18.81
C ASP C 374 30.75 24.75 20.22
N GLN C 375 29.43 24.60 20.37
CA GLN C 375 28.82 24.88 21.66
C GLN C 375 29.14 23.83 22.73
N ALA C 376 29.54 22.63 22.31
CA ALA C 376 29.81 21.56 23.28
C ALA C 376 31.06 20.71 23.00
N ASP C 377 31.61 20.77 21.79
CA ASP C 377 32.78 19.95 21.46
C ASP C 377 34.07 20.77 21.58
N PRO C 378 34.87 20.50 22.63
CA PRO C 378 36.06 21.30 22.88
C PRO C 378 37.14 21.19 21.80
N ARG C 379 37.04 20.19 20.94
CA ARG C 379 38.05 19.97 19.90
C ARG C 379 37.94 20.97 18.76
N ALA C 380 36.83 21.71 18.70
CA ALA C 380 36.56 22.58 17.56
C ALA C 380 36.84 24.05 17.82
N PHE C 381 37.31 24.38 19.02
CA PHE C 381 37.61 25.76 19.40
C PHE C 381 39.08 25.91 19.75
N THR C 382 39.68 27.02 19.34
CA THR C 382 41.08 27.29 19.60
C THR C 382 41.21 28.65 20.26
N ASN C 383 41.66 28.66 21.51
CA ASN C 383 41.74 29.88 22.31
C ASN C 383 42.52 30.99 21.63
N ALA C 384 43.68 30.63 21.07
CA ALA C 384 44.56 31.62 20.45
C ALA C 384 43.91 32.30 19.25
N GLN C 385 43.10 31.56 18.50
CA GLN C 385 42.42 32.12 17.34
C GLN C 385 41.35 33.13 17.77
N PHE C 386 40.57 32.76 18.78
CA PHE C 386 39.54 33.64 19.31
C PHE C 386 40.14 34.99 19.67
N GLU C 387 41.27 34.97 20.37
CA GLU C 387 41.88 36.20 20.86
C GLU C 387 42.34 37.13 19.73
N THR C 388 42.96 36.57 18.69
CA THR C 388 43.46 37.40 17.59
C THR C 388 42.32 37.98 16.75
N ARG C 389 41.22 37.25 16.63
CA ARG C 389 40.08 37.73 15.87
C ARG C 389 39.42 38.92 16.55
N ILE C 390 39.20 38.82 17.86
CA ILE C 390 38.59 39.93 18.59
C ILE C 390 39.53 41.12 18.65
N GLN C 391 40.83 40.86 18.79
CA GLN C 391 41.81 41.93 18.82
C GLN C 391 41.76 42.72 17.51
N GLY C 392 41.57 42.00 16.40
CA GLY C 392 41.53 42.64 15.10
C GLY C 392 40.31 43.52 14.93
N LEU C 393 39.17 43.02 15.38
CA LEU C 393 37.92 43.76 15.30
C LEU C 393 37.99 45.02 16.17
N VAL C 394 38.61 44.90 17.33
CA VAL C 394 38.77 46.04 18.24
C VAL C 394 39.58 47.15 17.59
N GLU C 395 40.61 46.77 16.84
CA GLU C 395 41.47 47.75 16.17
C GLU C 395 40.69 48.53 15.12
N VAL C 396 39.86 47.83 14.36
CA VAL C 396 39.02 48.48 13.35
C VAL C 396 38.01 49.41 14.02
N MET C 397 37.37 48.93 15.08
CA MET C 397 36.38 49.72 15.78
C MET C 397 37.01 50.98 16.37
N GLU C 398 38.26 50.86 16.83
CA GLU C 398 38.94 51.99 17.48
C GLU C 398 39.36 53.05 16.47
N GLU C 399 39.63 52.64 15.24
CA GLU C 399 39.92 53.58 14.16
C GLU C 399 38.72 54.50 13.95
N ARG C 400 37.52 53.93 14.07
CA ARG C 400 36.29 54.69 13.93
C ARG C 400 36.15 55.70 15.06
N LYS C 401 36.31 55.23 16.30
CA LYS C 401 36.26 56.10 17.47
C LYS C 401 37.24 57.26 17.33
N LYS C 402 38.43 56.93 16.82
CA LYS C 402 39.50 57.90 16.67
C LYS C 402 39.15 58.90 15.59
N LEU C 403 38.35 58.47 14.63
CA LEU C 403 37.90 59.32 13.54
C LEU C 403 36.99 60.42 14.08
N ASN C 404 35.97 60.02 14.83
CA ASN C 404 35.01 60.97 15.39
C ASN C 404 35.42 61.43 16.78
N MET D 1 21.32 -6.19 -26.15
CA MET D 1 21.02 -5.06 -25.24
C MET D 1 21.92 -3.87 -25.54
N GLU D 2 23.01 -4.12 -26.26
CA GLU D 2 23.99 -3.09 -26.57
C GLU D 2 23.34 -1.84 -27.17
N ALA D 3 22.27 -2.04 -27.93
CA ALA D 3 21.59 -0.93 -28.60
C ALA D 3 20.92 0.01 -27.58
N ILE D 4 20.21 -0.58 -26.62
CA ILE D 4 19.49 0.20 -25.63
C ILE D 4 20.45 0.90 -24.68
N LEU D 5 21.49 0.19 -24.27
CA LEU D 5 22.48 0.75 -23.34
C LEU D 5 23.21 1.94 -23.94
N SER D 6 23.27 2.00 -25.27
CA SER D 6 23.95 3.10 -25.95
C SER D 6 23.16 4.39 -25.84
N LYS D 7 21.86 4.32 -26.09
CA LYS D 7 20.98 5.47 -25.94
C LYS D 7 21.02 5.99 -24.51
N MET D 8 21.04 5.08 -23.55
CA MET D 8 21.08 5.45 -22.14
C MET D 8 22.37 6.19 -21.81
N LYS D 9 23.49 5.67 -22.27
CA LYS D 9 24.79 6.30 -22.03
C LYS D 9 24.83 7.71 -22.59
N GLU D 10 24.11 7.94 -23.69
CA GLU D 10 24.12 9.24 -24.35
C GLU D 10 23.60 10.35 -23.45
N VAL D 11 22.39 10.16 -22.91
CA VAL D 11 21.75 11.19 -22.10
C VAL D 11 22.43 11.33 -20.73
N VAL D 12 22.91 10.22 -20.18
CA VAL D 12 23.58 10.24 -18.89
C VAL D 12 24.90 11.01 -18.96
N GLU D 13 25.69 10.73 -19.99
CA GLU D 13 27.00 11.37 -20.15
C GLU D 13 26.89 12.80 -20.67
N ASN D 14 25.75 13.12 -21.27
CA ASN D 14 25.56 14.45 -21.85
C ASN D 14 24.15 14.98 -21.54
N PRO D 15 23.84 15.15 -20.26
CA PRO D 15 22.51 15.58 -19.80
C PRO D 15 22.07 16.91 -20.41
N ASN D 16 22.96 17.91 -20.44
CA ASN D 16 22.59 19.22 -20.96
C ASN D 16 22.24 19.17 -22.44
N ALA D 17 22.94 18.33 -23.20
CA ALA D 17 22.64 18.16 -24.62
C ALA D 17 21.26 17.53 -24.81
N ALA D 18 20.86 16.69 -23.85
CA ALA D 18 19.56 16.04 -23.92
C ALA D 18 18.45 17.03 -23.63
N VAL D 19 18.68 17.93 -22.68
CA VAL D 19 17.69 18.95 -22.34
C VAL D 19 17.46 19.89 -23.52
N LYS D 20 18.54 20.25 -24.22
CA LYS D 20 18.44 21.16 -25.34
C LYS D 20 17.64 20.54 -26.47
N LYS D 21 17.87 19.25 -26.73
CA LYS D 21 17.13 18.53 -27.76
C LYS D 21 15.64 18.51 -27.45
N TYR D 22 15.29 18.33 -26.18
CA TYR D 22 13.89 18.25 -25.79
C TYR D 22 13.18 19.56 -26.04
N LYS D 23 13.81 20.67 -25.64
CA LYS D 23 13.21 21.98 -25.82
C LYS D 23 13.08 22.30 -27.30
N SER D 24 14.06 21.86 -28.08
CA SER D 24 14.09 22.13 -29.52
C SER D 24 12.94 21.42 -30.26
N GLU D 25 12.72 20.15 -29.95
CA GLU D 25 11.76 19.32 -30.69
C GLU D 25 10.32 19.58 -30.28
N THR D 26 10.09 19.78 -28.98
CA THR D 26 8.72 19.91 -28.47
C THR D 26 8.30 21.37 -28.28
N GLY D 27 9.27 22.27 -28.18
CA GLY D 27 8.99 23.66 -27.89
C GLY D 27 8.49 23.86 -26.48
N LYS D 28 8.72 22.88 -25.61
CA LYS D 28 8.32 22.97 -24.20
C LYS D 28 9.55 23.19 -23.32
N LYS D 29 9.30 23.44 -22.02
CA LYS D 29 10.37 23.77 -21.08
C LYS D 29 10.76 22.58 -20.21
N ALA D 30 11.86 22.73 -19.47
CA ALA D 30 12.34 21.70 -18.56
C ALA D 30 12.48 22.27 -17.14
N ILE D 31 12.18 21.45 -16.14
CA ILE D 31 12.28 21.86 -14.74
C ILE D 31 13.16 20.88 -13.97
N GLY D 32 14.11 21.41 -13.19
CA GLY D 32 15.00 20.57 -12.41
C GLY D 32 14.35 20.10 -11.12
N CYS D 33 14.66 18.87 -10.72
CA CYS D 33 14.12 18.29 -9.48
C CYS D 33 15.26 17.86 -8.56
N PHE D 34 15.53 18.67 -7.54
CA PHE D 34 16.53 18.32 -6.54
C PHE D 34 16.06 17.09 -5.75
N PRO D 35 16.99 16.39 -5.08
CA PRO D 35 16.63 15.22 -4.27
C PRO D 35 15.94 15.63 -2.96
N VAL D 36 15.27 14.70 -2.28
CA VAL D 36 15.10 13.32 -2.74
C VAL D 36 13.80 13.13 -3.51
N TYR D 37 12.70 13.70 -3.00
CA TYR D 37 11.39 13.52 -3.65
C TYR D 37 10.80 14.82 -4.17
N CYS D 38 10.36 14.79 -5.43
CA CYS D 38 9.63 15.90 -6.05
C CYS D 38 8.39 15.31 -6.74
N PRO D 39 7.30 16.10 -6.80
CA PRO D 39 6.10 15.63 -7.51
C PRO D 39 6.23 15.78 -9.02
N GLU D 40 7.04 14.92 -9.65
CA GLU D 40 7.35 15.05 -11.07
C GLU D 40 6.09 15.01 -11.94
N GLU D 41 5.05 14.33 -11.45
CA GLU D 41 3.82 14.15 -12.22
C GLU D 41 3.20 15.48 -12.64
N ILE D 42 3.36 16.51 -11.81
CA ILE D 42 2.80 17.81 -12.13
C ILE D 42 3.57 18.47 -13.29
N ILE D 43 4.89 18.41 -13.23
CA ILE D 43 5.72 18.93 -14.30
C ILE D 43 5.42 18.20 -15.62
N HIS D 44 5.41 16.87 -15.54
CA HIS D 44 5.12 16.01 -16.68
C HIS D 44 3.78 16.35 -17.34
N ALA D 45 2.77 16.62 -16.51
CA ALA D 45 1.42 16.90 -16.99
C ALA D 45 1.35 18.17 -17.84
N ALA D 46 2.22 19.13 -17.55
CA ALA D 46 2.25 20.39 -18.29
C ALA D 46 2.90 20.20 -19.66
N GLY D 47 3.46 19.03 -19.90
CA GLY D 47 4.19 18.77 -21.13
C GLY D 47 5.65 19.19 -21.03
N MET D 48 6.12 19.39 -19.80
CA MET D 48 7.51 19.77 -19.56
C MET D 48 8.34 18.55 -19.18
N LEU D 49 9.66 18.70 -19.16
CA LEU D 49 10.56 17.59 -18.86
C LEU D 49 11.14 17.71 -17.45
N PRO D 50 10.77 16.77 -16.56
CA PRO D 50 11.37 16.76 -15.21
C PRO D 50 12.78 16.17 -15.23
N VAL D 51 13.77 16.99 -14.89
CA VAL D 51 15.17 16.59 -14.98
C VAL D 51 15.80 16.43 -13.61
N GLY D 52 16.28 15.23 -13.30
CA GLY D 52 16.87 14.93 -12.01
C GLY D 52 18.20 15.62 -11.81
N ILE D 53 18.38 16.20 -10.63
CA ILE D 53 19.62 16.88 -10.26
C ILE D 53 20.27 16.15 -9.08
N TRP D 54 21.45 15.57 -9.31
CA TRP D 54 22.11 14.77 -8.29
C TRP D 54 23.61 15.08 -8.20
N GLY D 55 23.96 16.35 -8.38
CA GLY D 55 25.34 16.80 -8.26
C GLY D 55 26.21 16.29 -9.39
N GLY D 56 27.44 15.89 -9.06
CA GLY D 56 28.39 15.40 -10.04
C GLY D 56 29.82 15.61 -9.56
N GLN D 57 30.78 15.02 -10.28
CA GLN D 57 32.18 15.11 -9.89
CA GLN D 57 32.18 15.11 -9.90
C GLN D 57 32.77 16.46 -10.30
N THR D 58 32.81 17.39 -9.35
CA THR D 58 33.35 18.72 -9.62
C THR D 58 34.17 19.25 -8.45
N GLU D 59 35.14 20.09 -8.74
CA GLU D 59 35.87 20.79 -7.68
C GLU D 59 35.07 22.01 -7.25
N LEU D 60 35.29 22.47 -6.02
CA LEU D 60 34.55 23.60 -5.48
C LEU D 60 35.36 24.89 -5.57
N ASP D 61 34.67 25.99 -5.85
CA ASP D 61 35.29 27.30 -5.97
C ASP D 61 34.27 28.39 -5.66
N LEU D 62 33.31 28.57 -6.56
CA LEU D 62 32.29 29.60 -6.39
C LEU D 62 31.38 29.31 -5.20
N ALA D 63 31.18 28.03 -4.89
CA ALA D 63 30.31 27.63 -3.80
C ALA D 63 30.86 28.05 -2.45
N LYS D 64 32.16 28.31 -2.39
CA LYS D 64 32.81 28.69 -1.14
C LYS D 64 32.36 30.07 -0.65
N GLN D 65 31.67 30.81 -1.50
CA GLN D 65 31.13 32.11 -1.10
C GLN D 65 29.80 32.00 -0.34
N TYR D 66 29.22 30.80 -0.32
CA TYR D 66 27.93 30.58 0.34
C TYR D 66 27.97 29.49 1.43
N PHE D 67 28.72 28.42 1.19
CA PHE D 67 28.79 27.30 2.13
C PHE D 67 30.18 27.15 2.72
N PRO D 68 30.27 26.83 4.03
CA PRO D 68 31.55 26.42 4.62
C PRO D 68 31.88 25.01 4.16
N ALA D 69 32.98 24.44 4.64
CA ALA D 69 33.47 23.17 4.13
C ALA D 69 32.60 21.97 4.53
N PHE D 70 31.78 22.12 5.56
CA PHE D 70 31.09 20.96 6.14
C PHE D 70 29.63 20.78 5.71
N ALA D 71 29.22 21.40 4.60
CA ALA D 71 27.98 21.02 3.95
C ALA D 71 28.23 19.72 3.18
N CYS D 72 27.20 18.90 3.00
CA CYS D 72 27.35 17.61 2.34
C CYS D 72 27.88 17.78 0.91
N SER D 73 28.66 16.80 0.47
CA SER D 73 29.30 16.85 -0.83
C SER D 73 28.32 17.09 -1.98
N ILE D 74 27.18 16.41 -1.96
CA ILE D 74 26.27 16.48 -3.11
C ILE D 74 25.66 17.88 -3.27
N MET D 75 25.33 18.54 -2.18
CA MET D 75 24.78 19.90 -2.28
C MET D 75 25.88 20.92 -2.58
N GLN D 76 27.12 20.64 -2.18
CA GLN D 76 28.23 21.49 -2.56
C GLN D 76 28.34 21.48 -4.09
N SER D 77 28.20 20.30 -4.70
CA SER D 77 28.28 20.17 -6.16
C SER D 77 27.11 20.89 -6.83
N CYS D 78 25.90 20.67 -6.35
CA CYS D 78 24.72 21.29 -6.94
C CYS D 78 24.85 22.80 -6.95
N LEU D 79 25.33 23.38 -5.84
CA LEU D 79 25.48 24.83 -5.74
C LEU D 79 26.54 25.34 -6.72
N GLU D 80 27.66 24.63 -6.82
CA GLU D 80 28.75 25.00 -7.72
C GLU D 80 28.28 25.01 -9.17
N TYR D 81 27.56 23.96 -9.57
CA TYR D 81 27.05 23.86 -10.93
C TYR D 81 26.09 25.00 -11.23
N GLY D 82 25.27 25.34 -10.25
CA GLY D 82 24.33 26.44 -10.38
C GLY D 82 25.02 27.77 -10.63
N LEU D 83 26.07 28.04 -9.87
CA LEU D 83 26.80 29.30 -9.98
C LEU D 83 27.62 29.37 -11.27
N LYS D 84 27.99 28.21 -11.81
CA LYS D 84 28.76 28.15 -13.05
C LYS D 84 27.85 28.27 -14.28
N GLY D 85 26.55 28.26 -14.07
CA GLY D 85 25.58 28.39 -15.14
C GLY D 85 25.27 27.09 -15.84
N ALA D 86 25.65 25.97 -15.23
CA ALA D 86 25.47 24.65 -15.82
C ALA D 86 24.00 24.22 -15.92
N TYR D 87 23.13 24.86 -15.14
CA TYR D 87 21.71 24.54 -15.15
C TYR D 87 20.87 25.58 -15.90
N ASP D 88 21.52 26.51 -16.59
CA ASP D 88 20.82 27.65 -17.17
C ASP D 88 19.73 27.30 -18.20
N GLU D 89 19.76 26.07 -18.73
CA GLU D 89 18.75 25.65 -19.71
C GLU D 89 17.40 25.33 -19.05
N LEU D 90 17.37 25.26 -17.72
CA LEU D 90 16.15 24.95 -17.00
C LEU D 90 15.36 26.23 -16.70
N SER D 91 14.05 26.15 -16.77
CA SER D 91 13.19 27.31 -16.52
C SER D 91 12.81 27.43 -15.04
N GLY D 92 13.38 26.56 -14.22
CA GLY D 92 13.11 26.57 -12.79
C GLY D 92 13.51 25.28 -12.12
N VAL D 93 13.54 25.28 -10.79
CA VAL D 93 13.95 24.10 -10.01
C VAL D 93 13.14 23.98 -8.74
N ILE D 94 12.68 22.77 -8.42
CA ILE D 94 12.08 22.49 -7.12
C ILE D 94 13.17 22.03 -6.16
N ILE D 95 13.34 22.74 -5.05
CA ILE D 95 14.32 22.37 -4.04
C ILE D 95 13.60 22.11 -2.72
N PRO D 96 13.25 20.85 -2.46
CA PRO D 96 12.45 20.53 -1.26
C PRO D 96 13.27 20.61 0.02
N GLY D 97 12.69 21.22 1.05
CA GLY D 97 13.39 21.41 2.31
C GLY D 97 13.30 20.19 3.20
N MET D 98 13.94 19.11 2.78
CA MET D 98 13.86 17.84 3.49
C MET D 98 14.82 17.77 4.68
N CYS D 99 15.82 18.66 4.69
CA CYS D 99 16.82 18.71 5.76
C CYS D 99 17.37 20.13 5.89
N ASP D 100 18.20 20.37 6.90
CA ASP D 100 18.78 21.69 7.09
C ASP D 100 19.55 22.18 5.86
N THR D 101 20.32 21.29 5.25
CA THR D 101 21.19 21.68 4.14
C THR D 101 20.39 22.02 2.88
N LEU D 102 19.35 21.25 2.58
CA LEU D 102 18.50 21.55 1.42
C LEU D 102 17.76 22.88 1.64
N ILE D 103 17.38 23.13 2.87
CA ILE D 103 16.69 24.37 3.22
C ILE D 103 17.63 25.56 2.99
N CYS D 104 18.88 25.43 3.44
CA CYS D 104 19.85 26.52 3.29
C CYS D 104 20.23 26.75 1.83
N LEU D 105 20.28 25.68 1.05
CA LEU D 105 20.63 25.82 -0.36
CA LEU D 105 20.62 25.81 -0.37
C LEU D 105 19.56 26.64 -1.08
N GLY D 106 18.30 26.34 -0.80
CA GLY D 106 17.19 27.06 -1.40
C GLY D 106 17.23 28.55 -1.08
N GLN D 107 17.52 28.87 0.17
CA GLN D 107 17.56 30.26 0.60
C GLN D 107 18.72 31.01 -0.02
N ASN D 108 19.87 30.36 -0.12
CA ASN D 108 21.03 30.93 -0.82
C ASN D 108 20.78 31.08 -2.32
N TRP D 109 20.05 30.12 -2.88
CA TRP D 109 19.82 30.07 -4.33
C TRP D 109 19.07 31.32 -4.80
N LYS D 110 18.15 31.79 -3.97
CA LYS D 110 17.37 32.99 -4.32
C LYS D 110 18.26 34.17 -4.70
N SER D 111 19.38 34.35 -4.02
CA SER D 111 20.29 35.46 -4.30
C SER D 111 21.44 35.06 -5.22
N ALA D 112 21.83 33.79 -5.17
CA ALA D 112 23.01 33.34 -5.88
C ALA D 112 22.73 33.06 -7.35
N VAL D 113 21.55 32.52 -7.64
CA VAL D 113 21.15 32.16 -9.00
C VAL D 113 19.75 32.74 -9.29
N PRO D 114 19.66 34.07 -9.34
CA PRO D 114 18.37 34.78 -9.43
C PRO D 114 17.60 34.51 -10.73
N HIS D 115 18.30 34.10 -11.78
CA HIS D 115 17.68 33.94 -13.09
C HIS D 115 16.96 32.60 -13.26
N ILE D 116 17.14 31.68 -12.30
CA ILE D 116 16.42 30.41 -12.32
C ILE D 116 15.48 30.31 -11.12
N LYS D 117 14.18 30.40 -11.38
CA LYS D 117 13.17 30.44 -10.33
C LYS D 117 13.23 29.23 -9.38
N TYR D 118 13.23 29.52 -8.07
CA TYR D 118 13.23 28.47 -7.06
C TYR D 118 11.80 28.25 -6.54
N ILE D 119 11.33 27.01 -6.67
CA ILE D 119 10.00 26.62 -6.24
C ILE D 119 10.10 25.89 -4.90
N SER D 120 9.47 26.46 -3.87
CA SER D 120 9.57 25.91 -2.52
CA SER D 120 9.57 25.90 -2.52
C SER D 120 8.59 24.76 -2.31
N LEU D 121 8.96 23.84 -1.41
CA LEU D 121 8.15 22.68 -1.06
C LEU D 121 8.71 22.04 0.21
N VAL D 122 7.89 21.89 1.23
CA VAL D 122 8.31 21.22 2.46
C VAL D 122 7.32 20.11 2.81
N HIS D 123 7.77 18.86 2.68
CA HIS D 123 6.95 17.70 3.01
C HIS D 123 6.69 17.63 4.52
N PRO D 124 5.51 17.17 4.93
CA PRO D 124 5.18 17.03 6.36
C PRO D 124 5.87 15.83 7.04
N GLN D 125 6.43 16.05 8.23
CA GLN D 125 6.95 14.93 9.02
C GLN D 125 5.81 14.04 9.49
N ASN D 126 4.74 14.68 9.98
CA ASN D 126 3.55 13.96 10.45
C ASN D 126 2.68 13.59 9.26
N ARG D 127 3.23 12.74 8.41
CA ARG D 127 2.68 12.48 7.07
C ARG D 127 1.54 11.47 7.06
N LYS D 128 1.23 10.87 8.21
CA LYS D 128 0.14 9.91 8.29
C LYS D 128 -1.09 10.48 9.00
N LEU D 129 -0.94 11.65 9.62
CA LEU D 129 -2.10 12.40 10.10
C LEU D 129 -2.87 12.95 8.91
N GLU D 130 -4.19 12.88 8.95
CA GLU D 130 -5.00 13.43 7.88
C GLU D 130 -4.67 14.91 7.66
N ALA D 131 -4.38 15.61 8.76
CA ALA D 131 -4.02 17.03 8.69
C ALA D 131 -2.73 17.24 7.91
N GLY D 132 -1.81 16.28 8.00
CA GLY D 132 -0.56 16.35 7.25
C GLY D 132 -0.80 16.21 5.76
N VAL D 133 -1.70 15.31 5.39
CA VAL D 133 -2.06 15.10 3.99
C VAL D 133 -2.69 16.36 3.39
N LYS D 134 -3.58 17.01 4.14
CA LYS D 134 -4.24 18.21 3.65
CA LYS D 134 -4.23 18.21 3.63
C LYS D 134 -3.22 19.34 3.47
N TYR D 135 -2.25 19.40 4.38
CA TYR D 135 -1.20 20.42 4.29
C TYR D 135 -0.35 20.22 3.03
N LEU D 136 0.02 18.97 2.75
CA LEU D 136 0.85 18.67 1.59
C LEU D 136 0.10 18.97 0.29
N ILE D 137 -1.22 18.77 0.29
CA ILE D 137 -2.04 19.12 -0.87
C ILE D 137 -1.90 20.62 -1.15
N SER D 138 -1.98 21.43 -0.10
CA SER D 138 -1.80 22.87 -0.24
C SER D 138 -0.41 23.20 -0.79
N GLU D 139 0.61 22.49 -0.33
CA GLU D 139 1.97 22.75 -0.82
C GLU D 139 2.05 22.45 -2.32
N TYR D 140 1.38 21.37 -2.73
CA TYR D 140 1.37 20.97 -4.13
C TYR D 140 0.56 21.94 -4.98
N LYS D 141 -0.46 22.57 -4.39
CA LYS D 141 -1.24 23.57 -5.11
C LYS D 141 -0.36 24.77 -5.44
N GLY D 142 0.56 25.08 -4.53
CA GLY D 142 1.50 26.16 -4.74
C GLY D 142 2.51 25.81 -5.81
N VAL D 143 3.03 24.59 -5.77
CA VAL D 143 3.95 24.12 -6.79
C VAL D 143 3.28 24.18 -8.16
N LYS D 144 2.03 23.74 -8.23
CA LYS D 144 1.24 23.76 -9.46
C LYS D 144 1.12 25.19 -9.98
N ARG D 145 0.83 26.12 -9.08
CA ARG D 145 0.65 27.51 -9.46
C ARG D 145 1.93 28.11 -10.05
N GLU D 146 3.07 27.82 -9.43
CA GLU D 146 4.33 28.39 -9.89
C GLU D 146 4.77 27.75 -11.21
N LEU D 147 4.40 26.49 -11.43
CA LEU D 147 4.72 25.85 -12.71
C LEU D 147 3.89 26.47 -13.83
N GLU D 148 2.65 26.83 -13.52
CA GLU D 148 1.77 27.45 -14.51
C GLU D 148 2.23 28.86 -14.86
N GLU D 149 2.82 29.56 -13.89
CA GLU D 149 3.39 30.87 -14.14
C GLU D 149 4.58 30.76 -15.08
N ILE D 150 5.32 29.67 -14.95
CA ILE D 150 6.50 29.43 -15.79
C ILE D 150 6.13 29.07 -17.23
N CYS D 151 5.32 28.03 -17.43
CA CYS D 151 5.02 27.57 -18.79
C CYS D 151 4.00 28.46 -19.50
N GLY D 152 3.16 29.13 -18.72
CA GLY D 152 2.25 30.13 -19.26
C GLY D 152 0.87 29.63 -19.60
N TYR D 153 0.48 28.48 -19.03
CA TYR D 153 -0.85 27.92 -19.26
C TYR D 153 -1.27 26.99 -18.12
N GLU D 154 -2.57 26.72 -18.04
CA GLU D 154 -3.12 25.92 -16.96
C GLU D 154 -2.77 24.44 -17.15
N ILE D 155 -2.55 23.75 -16.03
CA ILE D 155 -2.29 22.30 -16.04
C ILE D 155 -3.59 21.60 -15.60
N GLU D 156 -4.26 20.97 -16.57
CA GLU D 156 -5.58 20.39 -16.33
CA GLU D 156 -5.58 20.39 -16.33
C GLU D 156 -5.55 19.19 -15.39
N GLU D 157 -6.57 19.09 -14.54
CA GLU D 157 -6.71 18.00 -13.58
C GLU D 157 -6.61 16.62 -14.24
N ALA D 158 -7.26 16.48 -15.40
CA ALA D 158 -7.29 15.22 -16.11
C ALA D 158 -5.91 14.80 -16.58
N LYS D 159 -5.07 15.78 -16.90
CA LYS D 159 -3.70 15.52 -17.35
CA LYS D 159 -3.71 15.50 -17.36
C LYS D 159 -2.83 15.04 -16.20
N ILE D 160 -3.07 15.55 -15.00
CA ILE D 160 -2.30 15.11 -13.84
C ILE D 160 -2.63 13.64 -13.55
N HIS D 161 -3.91 13.27 -13.66
CA HIS D 161 -4.30 11.87 -13.51
C HIS D 161 -3.59 10.99 -14.54
N GLU D 162 -3.52 11.45 -15.78
CA GLU D 162 -2.88 10.69 -16.85
C GLU D 162 -1.39 10.49 -16.56
N SER D 163 -0.74 11.53 -16.05
CA SER D 163 0.68 11.47 -15.76
C SER D 163 0.95 10.53 -14.59
N ILE D 164 0.02 10.45 -13.66
CA ILE D 164 0.14 9.54 -12.53
C ILE D 164 0.13 8.09 -13.03
N GLU D 165 -0.72 7.79 -13.99
CA GLU D 165 -0.78 6.44 -14.55
C GLU D 165 0.52 6.10 -15.29
N VAL D 166 1.01 7.05 -16.08
CA VAL D 166 2.29 6.89 -16.78
C VAL D 166 3.42 6.59 -15.79
N TYR D 167 3.43 7.30 -14.67
CA TYR D 167 4.51 7.14 -13.69
C TYR D 167 4.41 5.81 -12.93
N ASN D 168 3.20 5.39 -12.60
CA ASN D 168 3.01 4.10 -11.93
C ASN D 168 3.38 2.94 -12.84
N GLU D 169 3.11 3.10 -14.14
CA GLU D 169 3.53 2.09 -15.11
C GLU D 169 5.05 2.02 -15.13
N HIS D 170 5.69 3.18 -15.06
CA HIS D 170 7.15 3.24 -15.04
C HIS D 170 7.71 2.56 -13.80
N ARG D 171 7.14 2.84 -12.63
CA ARG D 171 7.59 2.22 -11.39
C ARG D 171 7.48 0.70 -11.45
N LYS D 172 6.40 0.21 -12.06
CA LYS D 172 6.19 -1.24 -12.15
C LYS D 172 7.26 -1.86 -13.03
N THR D 173 7.58 -1.18 -14.12
CA THR D 173 8.56 -1.69 -15.07
C THR D 173 9.96 -1.68 -14.45
N MET D 174 10.24 -0.70 -13.60
CA MET D 174 11.55 -0.64 -12.96
C MET D 174 11.66 -1.77 -11.96
N ARG D 175 10.57 -2.06 -11.24
CA ARG D 175 10.57 -3.16 -10.29
C ARG D 175 10.75 -4.50 -11.03
N ASP D 176 10.17 -4.60 -12.21
CA ASP D 176 10.34 -5.79 -13.03
C ASP D 176 11.80 -5.97 -13.45
N PHE D 177 12.46 -4.85 -13.75
CA PHE D 177 13.86 -4.88 -14.15
C PHE D 177 14.76 -5.34 -13.00
N VAL D 178 14.45 -4.88 -11.79
CA VAL D 178 15.19 -5.29 -10.61
C VAL D 178 15.23 -6.82 -10.50
N GLU D 179 14.10 -7.47 -10.73
CA GLU D 179 14.04 -8.92 -10.64
C GLU D 179 14.83 -9.59 -11.76
N VAL D 180 14.72 -9.07 -12.97
CA VAL D 180 15.43 -9.64 -14.12
C VAL D 180 16.95 -9.57 -13.93
N ALA D 181 17.42 -8.43 -13.43
CA ALA D 181 18.85 -8.23 -13.22
C ALA D 181 19.36 -9.19 -12.16
N TYR D 182 18.53 -9.46 -11.15
CA TYR D 182 18.87 -10.39 -10.10
C TYR D 182 18.97 -11.81 -10.63
N LYS D 183 18.16 -12.13 -11.65
CA LYS D 183 18.21 -13.46 -12.25
C LYS D 183 19.31 -13.57 -13.30
N HIS D 184 19.98 -12.45 -13.58
CA HIS D 184 21.09 -12.42 -14.53
C HIS D 184 22.22 -11.57 -13.98
N SER D 185 22.69 -11.90 -12.78
CA SER D 185 23.63 -11.06 -12.05
C SER D 185 25.04 -11.01 -12.66
N ASN D 186 25.36 -11.96 -13.53
CA ASN D 186 26.66 -11.98 -14.19
C ASN D 186 26.72 -11.03 -15.38
N THR D 187 25.62 -10.97 -16.13
CA THR D 187 25.54 -10.10 -17.30
C THR D 187 25.37 -8.64 -16.89
N ILE D 188 24.52 -8.40 -15.91
CA ILE D 188 24.24 -7.05 -15.44
C ILE D 188 25.27 -6.63 -14.39
N LYS D 189 26.38 -6.05 -14.86
CA LYS D 189 27.40 -5.53 -13.96
C LYS D 189 26.86 -4.31 -13.23
N PRO D 190 27.47 -3.95 -12.09
CA PRO D 190 27.02 -2.80 -11.31
C PRO D 190 26.95 -1.52 -12.15
N SER D 191 27.90 -1.31 -13.04
CA SER D 191 27.89 -0.12 -13.89
C SER D 191 26.66 -0.09 -14.80
N ILE D 192 26.25 -1.25 -15.28
CA ILE D 192 25.10 -1.37 -16.16
C ILE D 192 23.78 -1.16 -15.39
N ARG D 193 23.69 -1.77 -14.22
CA ARG D 193 22.49 -1.62 -13.41
C ARG D 193 22.24 -0.14 -13.13
N SER D 194 23.31 0.56 -12.77
CA SER D 194 23.24 1.98 -12.45
C SER D 194 22.82 2.81 -13.67
N LEU D 195 23.40 2.49 -14.82
CA LEU D 195 23.09 3.21 -16.05
C LEU D 195 21.62 3.10 -16.41
N VAL D 196 21.08 1.89 -16.28
CA VAL D 196 19.69 1.64 -16.63
C VAL D 196 18.73 2.45 -15.76
N ILE D 197 19.01 2.52 -14.46
CA ILE D 197 18.14 3.20 -13.53
C ILE D 197 18.28 4.71 -13.65
N LYS D 198 19.51 5.20 -13.72
CA LYS D 198 19.78 6.63 -13.66
C LYS D 198 19.35 7.35 -14.94
N SER D 199 19.35 6.66 -16.07
CA SER D 199 18.97 7.28 -17.34
C SER D 199 17.51 7.75 -17.33
N GLY D 200 16.72 7.23 -16.39
CA GLY D 200 15.33 7.66 -16.25
C GLY D 200 15.18 9.12 -15.83
N PHE D 201 16.26 9.72 -15.34
CA PHE D 201 16.22 11.10 -14.85
C PHE D 201 16.37 12.14 -15.96
N PHE D 202 16.65 11.71 -17.19
CA PHE D 202 16.99 12.65 -18.25
C PHE D 202 16.15 12.43 -19.52
N MET D 203 15.00 11.82 -19.37
CA MET D 203 14.05 11.67 -20.47
C MET D 203 12.64 11.48 -19.91
N ARG D 204 11.63 11.73 -20.74
CA ARG D 204 10.24 11.51 -20.34
C ARG D 204 10.11 10.07 -19.87
N LYS D 205 9.33 9.85 -18.82
CA LYS D 205 9.24 8.53 -18.21
C LYS D 205 8.68 7.48 -19.19
N GLU D 206 7.77 7.90 -20.06
CA GLU D 206 7.13 6.95 -20.98
C GLU D 206 8.13 6.39 -22.01
N GLU D 207 9.12 7.21 -22.37
CA GLU D 207 10.15 6.75 -23.30
C GLU D 207 11.11 5.81 -22.61
N HIS D 208 11.37 6.06 -21.32
CA HIS D 208 12.25 5.19 -20.54
C HIS D 208 11.59 3.83 -20.36
N THR D 209 10.28 3.81 -20.13
CA THR D 209 9.55 2.58 -19.91
C THR D 209 9.64 1.64 -21.11
N GLU D 210 9.65 2.20 -22.31
CA GLU D 210 9.79 1.39 -23.52
C GLU D 210 11.19 0.80 -23.63
N LEU D 211 12.21 1.63 -23.40
CA LEU D 211 13.59 1.15 -23.44
C LEU D 211 13.84 0.04 -22.43
N VAL D 212 13.32 0.20 -21.22
CA VAL D 212 13.53 -0.80 -20.18
C VAL D 212 12.73 -2.07 -20.46
N LYS D 213 11.51 -1.93 -20.97
CA LYS D 213 10.70 -3.09 -21.35
C LYS D 213 11.43 -3.94 -22.39
N ASP D 214 12.05 -3.27 -23.35
CA ASP D 214 12.74 -3.98 -24.44
C ASP D 214 13.99 -4.69 -23.93
N LEU D 215 14.64 -4.09 -22.93
CA LEU D 215 15.80 -4.69 -22.31
C LEU D 215 15.41 -5.91 -21.49
N ILE D 216 14.25 -5.82 -20.85
CA ILE D 216 13.72 -6.92 -20.05
C ILE D 216 13.39 -8.11 -20.93
N ALA D 217 12.90 -7.84 -22.14
CA ALA D 217 12.56 -8.91 -23.07
C ALA D 217 13.82 -9.63 -23.54
N LYS D 218 14.89 -8.88 -23.78
CA LYS D 218 16.14 -9.46 -24.23
C LYS D 218 16.79 -10.33 -23.15
N LEU D 219 16.69 -9.89 -21.90
CA LEU D 219 17.29 -10.62 -20.78
C LEU D 219 16.51 -11.89 -20.45
N ASN D 220 15.18 -11.81 -20.55
CA ASN D 220 14.34 -12.98 -20.31
C ASN D 220 14.59 -14.08 -21.33
N ALA D 221 15.09 -13.69 -22.50
CA ALA D 221 15.41 -14.65 -23.55
C ALA D 221 16.68 -15.41 -23.20
N MET D 222 17.49 -14.83 -22.32
CA MET D 222 18.71 -15.47 -21.86
C MET D 222 18.40 -16.38 -20.68
N PRO D 223 19.21 -17.44 -20.50
CA PRO D 223 19.05 -18.35 -19.37
C PRO D 223 19.35 -17.69 -18.03
N GLU D 224 18.67 -18.09 -16.97
CA GLU D 224 18.95 -17.59 -15.64
C GLU D 224 20.38 -17.98 -15.24
N GLU D 225 21.03 -17.12 -14.47
CA GLU D 225 22.45 -17.28 -14.18
C GLU D 225 22.70 -17.48 -12.70
N VAL D 226 23.70 -18.31 -12.39
CA VAL D 226 24.16 -18.47 -11.01
C VAL D 226 25.34 -17.52 -10.79
N CYS D 227 25.14 -16.51 -9.94
CA CYS D 227 26.19 -15.53 -9.68
C CYS D 227 27.49 -16.24 -9.36
N SER D 228 28.55 -15.90 -10.11
CA SER D 228 29.83 -16.55 -9.95
C SER D 228 30.62 -15.96 -8.78
N GLY D 229 30.16 -14.82 -8.27
CA GLY D 229 30.85 -14.13 -7.18
C GLY D 229 29.97 -13.91 -5.97
N LYS D 230 30.08 -12.73 -5.37
CA LYS D 230 29.30 -12.38 -4.19
C LYS D 230 28.29 -11.29 -4.51
N LYS D 231 27.11 -11.38 -3.92
CA LYS D 231 26.04 -10.40 -4.14
C LYS D 231 25.92 -9.46 -2.94
N VAL D 232 25.71 -8.17 -3.21
CA VAL D 232 25.49 -7.21 -2.14
C VAL D 232 24.28 -6.32 -2.41
N LEU D 233 23.86 -5.61 -1.38
CA LEU D 233 22.84 -4.57 -1.48
C LEU D 233 23.50 -3.26 -1.09
N LEU D 234 23.29 -2.21 -1.87
CA LEU D 234 23.84 -0.89 -1.52
C LEU D 234 22.76 0.00 -0.91
N THR D 235 23.13 0.76 0.11
CA THR D 235 22.17 1.64 0.79
C THR D 235 22.82 3.01 1.08
N GLY D 236 22.07 4.09 0.89
CA GLY D 236 22.58 5.44 1.06
C GLY D 236 21.94 6.43 0.11
N ILE D 237 22.56 7.60 -0.06
CA ILE D 237 22.02 8.61 -0.97
C ILE D 237 22.23 8.20 -2.43
N LEU D 238 23.48 7.93 -2.81
CA LEU D 238 23.78 7.44 -4.15
C LEU D 238 25.15 6.76 -4.24
N ALA D 239 25.32 6.01 -5.32
CA ALA D 239 26.60 5.35 -5.61
C ALA D 239 26.72 5.19 -7.12
N ASP D 240 26.93 6.30 -7.82
CA ASP D 240 26.91 6.30 -9.27
C ASP D 240 28.23 6.72 -9.91
N SER D 241 29.28 6.87 -9.10
CA SER D 241 30.59 7.24 -9.63
C SER D 241 31.24 6.05 -10.33
N LYS D 242 31.79 6.29 -11.51
CA LYS D 242 32.40 5.23 -12.30
C LYS D 242 33.46 4.49 -11.48
N ASP D 243 34.13 5.23 -10.61
CA ASP D 243 35.21 4.69 -9.80
C ASP D 243 34.71 3.57 -8.88
N ILE D 244 33.67 3.85 -8.11
CA ILE D 244 33.20 2.89 -7.10
C ILE D 244 32.60 1.66 -7.77
N LEU D 245 31.93 1.86 -8.89
CA LEU D 245 31.29 0.77 -9.61
C LEU D 245 32.34 -0.12 -10.28
N ASP D 246 33.45 0.47 -10.68
CA ASP D 246 34.55 -0.28 -11.28
C ASP D 246 35.26 -1.12 -10.23
N ILE D 247 35.33 -0.60 -9.00
CA ILE D 247 35.95 -1.31 -7.90
C ILE D 247 35.11 -2.53 -7.53
N LEU D 248 33.80 -2.34 -7.47
CA LEU D 248 32.90 -3.44 -7.17
C LEU D 248 33.09 -4.58 -8.16
N GLU D 249 33.23 -4.24 -9.44
CA GLU D 249 33.35 -5.26 -10.48
C GLU D 249 34.72 -5.93 -10.48
N ASP D 250 35.75 -5.19 -10.08
CA ASP D 250 37.11 -5.75 -10.02
C ASP D 250 37.18 -6.88 -8.98
N ASN D 251 36.33 -6.79 -7.96
CA ASN D 251 36.27 -7.82 -6.93
C ASN D 251 35.13 -8.80 -7.17
N ASN D 252 34.67 -8.87 -8.42
CA ASN D 252 33.63 -9.81 -8.81
C ASN D 252 32.39 -9.75 -7.92
N ILE D 253 32.04 -8.55 -7.49
CA ILE D 253 30.83 -8.32 -6.71
C ILE D 253 29.71 -7.83 -7.63
N SER D 254 28.51 -8.35 -7.44
CA SER D 254 27.35 -7.91 -8.21
CA SER D 254 27.35 -7.90 -8.21
C SER D 254 26.31 -7.26 -7.30
N VAL D 255 25.70 -6.18 -7.78
CA VAL D 255 24.62 -5.52 -7.06
C VAL D 255 23.28 -6.05 -7.54
N VAL D 256 22.52 -6.70 -6.65
CA VAL D 256 21.23 -7.26 -7.03
C VAL D 256 20.07 -6.62 -6.27
N ALA D 257 20.38 -5.65 -5.41
CA ALA D 257 19.36 -4.90 -4.69
C ALA D 257 19.93 -3.61 -4.10
N ASP D 258 19.06 -2.64 -3.87
CA ASP D 258 19.52 -1.37 -3.32
C ASP D 258 18.44 -0.62 -2.56
N ASP D 259 18.88 0.14 -1.57
CA ASP D 259 18.07 1.13 -0.86
C ASP D 259 18.75 2.49 -1.04
N LEU D 260 18.96 2.88 -2.30
CA LEU D 260 19.60 4.15 -2.62
C LEU D 260 18.56 5.20 -2.98
N ALA D 261 18.74 6.42 -2.48
CA ALA D 261 17.80 7.49 -2.75
C ALA D 261 17.69 7.77 -4.26
N GLN D 262 18.80 7.62 -4.97
CA GLN D 262 18.82 7.91 -6.40
C GLN D 262 18.16 6.79 -7.21
N GLU D 263 18.03 5.62 -6.62
CA GLU D 263 17.57 4.44 -7.36
C GLU D 263 16.24 3.88 -6.85
N THR D 264 16.27 2.79 -6.11
CA THR D 264 15.01 2.10 -5.78
C THR D 264 14.06 2.90 -4.89
N ARG D 265 14.56 3.82 -4.09
CA ARG D 265 13.65 4.64 -3.29
C ARG D 265 12.67 5.44 -4.17
N GLN D 266 13.04 5.65 -5.43
CA GLN D 266 12.21 6.43 -6.34
C GLN D 266 10.99 5.66 -6.84
N PHE D 267 11.12 4.34 -6.99
CA PHE D 267 10.04 3.53 -7.59
C PHE D 267 9.55 2.38 -6.69
N ARG D 268 9.90 2.46 -5.41
CA ARG D 268 9.54 1.47 -4.42
C ARG D 268 8.04 1.50 -4.08
N THR D 269 7.46 2.69 -4.15
CA THR D 269 6.12 2.95 -3.63
C THR D 269 5.29 3.64 -4.70
N ASP D 270 4.12 3.07 -5.01
CA ASP D 270 3.25 3.63 -6.03
C ASP D 270 2.40 4.78 -5.48
N VAL D 271 1.92 5.63 -6.40
CA VAL D 271 0.94 6.65 -6.06
C VAL D 271 -0.44 5.98 -5.97
N PRO D 272 -1.12 6.13 -4.83
CA PRO D 272 -2.46 5.53 -4.64
C PRO D 272 -3.53 6.06 -5.59
N ALA D 273 -4.62 5.32 -5.74
CA ALA D 273 -5.75 5.75 -6.58
C ALA D 273 -6.61 6.81 -5.88
N GLY D 274 -7.46 7.49 -6.63
CA GLY D 274 -8.35 8.49 -6.06
C GLY D 274 -8.96 9.42 -7.09
N ASP D 275 -9.96 10.20 -6.67
CA ASP D 275 -10.64 11.14 -7.56
C ASP D 275 -9.85 12.44 -7.72
N ASP D 276 -9.16 12.83 -6.64
CA ASP D 276 -8.43 14.10 -6.59
C ASP D 276 -6.96 13.87 -6.86
N ALA D 277 -6.44 14.48 -7.92
CA ALA D 277 -5.08 14.21 -8.40
C ALA D 277 -3.99 14.62 -7.39
N LEU D 278 -4.06 15.84 -6.86
CA LEU D 278 -3.06 16.27 -5.89
C LEU D 278 -3.16 15.45 -4.61
N GLU D 279 -4.38 15.04 -4.26
CA GLU D 279 -4.57 14.18 -3.09
C GLU D 279 -3.85 12.84 -3.28
N ARG D 280 -3.98 12.27 -4.48
CA ARG D 280 -3.29 11.02 -4.80
C ARG D 280 -1.79 11.15 -4.54
N LEU D 281 -1.19 12.23 -5.05
CA LEU D 281 0.23 12.46 -4.88
C LEU D 281 0.59 12.62 -3.40
N ALA D 282 -0.26 13.33 -2.66
CA ALA D 282 -0.01 13.58 -1.23
C ALA D 282 0.01 12.28 -0.43
N ARG D 283 -0.87 11.35 -0.78
CA ARG D 283 -0.95 10.10 -0.03
C ARG D 283 0.23 9.17 -0.33
N GLN D 284 0.90 9.36 -1.48
CA GLN D 284 2.11 8.60 -1.75
C GLN D 284 3.16 8.90 -0.67
N TRP D 285 3.26 10.16 -0.28
CA TRP D 285 4.24 10.56 0.74
C TRP D 285 3.90 9.90 2.09
N SER D 286 2.61 9.72 2.37
CA SER D 286 2.20 9.00 3.57
C SER D 286 2.71 7.56 3.56
N ASN D 287 2.79 6.97 2.37
CA ASN D 287 3.06 5.54 2.24
C ASN D 287 4.53 5.16 2.06
N ILE D 288 5.39 6.15 1.81
CA ILE D 288 6.82 5.88 1.68
C ILE D 288 7.36 5.30 2.98
N GLU D 289 8.30 4.36 2.89
CA GLU D 289 8.87 3.75 4.09
C GLU D 289 10.34 3.38 3.88
N GLY D 290 11.08 3.30 4.98
CA GLY D 290 12.46 2.84 4.95
C GLY D 290 13.43 3.83 4.33
N CYS D 291 13.18 5.11 4.55
CA CYS D 291 14.03 6.17 4.00
C CYS D 291 14.49 7.12 5.11
N SER D 292 15.74 7.56 5.05
CA SER D 292 16.28 8.45 6.10
C SER D 292 15.60 9.81 6.12
N LEU D 293 14.95 10.19 5.02
CA LEU D 293 14.25 11.48 4.96
C LEU D 293 12.75 11.38 5.28
N ALA D 294 12.26 10.16 5.49
CA ALA D 294 10.83 9.95 5.76
C ALA D 294 10.59 9.55 7.22
N TYR D 295 9.93 10.45 7.96
CA TYR D 295 9.74 10.31 9.41
C TYR D 295 9.18 8.95 9.81
N ASP D 296 9.82 8.32 10.79
CA ASP D 296 9.38 7.02 11.29
C ASP D 296 10.07 6.69 12.62
N PRO D 297 9.36 6.86 13.73
CA PRO D 297 9.90 6.53 15.06
C PRO D 297 10.32 5.07 15.23
N LYS D 298 9.76 4.18 14.42
CA LYS D 298 10.09 2.75 14.48
C LYS D 298 11.31 2.40 13.64
N LYS D 299 11.77 3.35 12.83
CA LYS D 299 12.96 3.17 11.99
C LYS D 299 12.98 1.80 11.30
N LYS D 300 11.96 1.54 10.49
CA LYS D 300 11.82 0.24 9.83
C LYS D 300 12.87 -0.01 8.73
N ARG D 301 13.61 1.02 8.35
CA ARG D 301 14.60 0.91 7.28
C ARG D 301 15.48 -0.35 7.42
N GLY D 302 15.96 -0.61 8.63
CA GLY D 302 16.83 -1.75 8.87
C GLY D 302 16.16 -3.07 8.58
N SER D 303 14.94 -3.25 9.07
CA SER D 303 14.21 -4.49 8.89
C SER D 303 13.82 -4.72 7.44
N LEU D 304 13.56 -3.65 6.71
CA LEU D 304 13.21 -3.74 5.30
C LEU D 304 14.41 -4.16 4.47
N ILE D 305 15.60 -3.72 4.88
CA ILE D 305 16.83 -4.13 4.21
C ILE D 305 17.10 -5.62 4.46
N VAL D 306 16.88 -6.08 5.68
CA VAL D 306 17.04 -7.49 6.00
C VAL D 306 16.11 -8.35 5.14
N ASP D 307 14.87 -7.89 4.97
CA ASP D 307 13.89 -8.67 4.20
C ASP D 307 14.36 -8.86 2.76
N GLU D 308 14.88 -7.78 2.17
CA GLU D 308 15.35 -7.81 0.80
C GLU D 308 16.59 -8.68 0.67
N VAL D 309 17.44 -8.65 1.69
CA VAL D 309 18.67 -9.46 1.69
C VAL D 309 18.30 -10.94 1.66
N LYS D 310 17.29 -11.31 2.44
CA LYS D 310 16.89 -12.71 2.55
C LYS D 310 16.14 -13.18 1.32
N LYS D 311 15.40 -12.29 0.67
CA LYS D 311 14.62 -12.66 -0.51
C LYS D 311 15.55 -13.03 -1.67
N LYS D 312 16.74 -12.44 -1.70
CA LYS D 312 17.66 -12.63 -2.82
C LYS D 312 18.97 -13.32 -2.42
N ASP D 313 19.02 -13.85 -1.20
CA ASP D 313 20.22 -14.55 -0.71
C ASP D 313 21.47 -13.69 -0.89
N ILE D 314 21.38 -12.44 -0.47
CA ILE D 314 22.48 -11.48 -0.58
C ILE D 314 23.54 -11.76 0.49
N ASP D 315 24.81 -11.59 0.11
CA ASP D 315 25.94 -11.96 0.97
C ASP D 315 26.41 -10.84 1.89
N GLY D 316 26.07 -9.59 1.57
CA GLY D 316 26.51 -8.47 2.38
C GLY D 316 25.86 -7.14 2.02
N VAL D 317 25.90 -6.19 2.95
CA VAL D 317 25.34 -4.86 2.74
C VAL D 317 26.42 -3.80 2.84
N ILE D 318 26.45 -2.89 1.86
CA ILE D 318 27.43 -1.80 1.87
C ILE D 318 26.75 -0.45 2.06
N PHE D 319 27.07 0.22 3.17
CA PHE D 319 26.60 1.58 3.41
C PHE D 319 27.44 2.54 2.57
N CYS D 320 26.83 3.08 1.52
CA CYS D 320 27.47 4.12 0.73
C CYS D 320 27.14 5.48 1.34
N MET D 321 27.96 5.87 2.31
CA MET D 321 27.70 7.04 3.15
C MET D 321 28.12 8.36 2.51
N MET D 322 27.15 9.21 2.19
CA MET D 322 27.45 10.53 1.65
C MET D 322 28.19 11.35 2.69
N LYS D 323 29.29 11.97 2.28
CA LYS D 323 30.11 12.77 3.21
C LYS D 323 29.31 13.91 3.81
N PHE D 324 29.29 13.97 5.14
CA PHE D 324 28.62 15.03 5.90
C PHE D 324 27.09 15.04 5.72
N CYS D 325 26.50 13.90 5.36
CA CYS D 325 25.04 13.81 5.32
C CYS D 325 24.54 13.46 6.71
N ASP D 326 23.91 14.41 7.40
CA ASP D 326 23.56 14.15 8.80
C ASP D 326 22.36 13.19 8.98
N PRO D 327 21.37 13.24 8.07
CA PRO D 327 20.30 12.25 8.24
C PRO D 327 20.80 10.81 8.15
N GLU D 328 21.67 10.52 7.18
CA GLU D 328 22.18 9.15 7.02
C GLU D 328 23.15 8.79 8.14
N GLU D 329 23.83 9.79 8.69
CA GLU D 329 24.75 9.55 9.80
C GLU D 329 23.99 9.20 11.07
N TYR D 330 22.84 9.83 11.29
CA TYR D 330 22.00 9.48 12.44
C TYR D 330 21.48 8.04 12.33
N ASP D 331 21.12 7.63 11.11
CA ASP D 331 20.59 6.27 10.90
C ASP D 331 21.64 5.17 11.10
N TYR D 332 22.88 5.43 10.71
CA TYR D 332 23.88 4.37 10.55
C TYR D 332 23.97 3.37 11.71
N PRO D 333 24.19 3.85 12.95
CA PRO D 333 24.37 2.89 14.06
C PRO D 333 23.19 1.93 14.26
N LEU D 334 21.96 2.43 14.23
CA LEU D 334 20.79 1.59 14.48
C LEU D 334 20.48 0.68 13.30
N VAL D 335 20.64 1.19 12.09
CA VAL D 335 20.39 0.40 10.89
C VAL D 335 21.42 -0.72 10.77
N ARG D 336 22.68 -0.40 11.07
CA ARG D 336 23.74 -1.40 11.03
C ARG D 336 23.44 -2.53 12.01
N LYS D 337 23.00 -2.17 13.20
CA LYS D 337 22.73 -3.17 14.24
C LYS D 337 21.61 -4.12 13.82
N ASP D 338 20.56 -3.58 13.22
CA ASP D 338 19.46 -4.43 12.76
C ASP D 338 19.95 -5.46 11.76
N ILE D 339 20.83 -5.05 10.86
CA ILE D 339 21.32 -5.94 9.81
C ILE D 339 22.27 -7.01 10.36
N GLU D 340 23.23 -6.59 11.16
CA GLU D 340 24.23 -7.51 11.71
C GLU D 340 23.62 -8.46 12.73
N ASP D 341 22.52 -8.05 13.37
CA ASP D 341 21.83 -8.90 14.33
C ASP D 341 21.16 -10.07 13.62
N SER D 342 20.93 -9.93 12.31
CA SER D 342 20.37 -11.02 11.51
C SER D 342 21.47 -11.86 10.86
N GLY D 343 22.71 -11.65 11.28
CA GLY D 343 23.84 -12.43 10.80
C GLY D 343 24.36 -11.98 9.44
N ILE D 344 24.08 -10.74 9.07
CA ILE D 344 24.51 -10.21 7.77
C ILE D 344 25.63 -9.18 7.97
N PRO D 345 26.77 -9.37 7.30
CA PRO D 345 27.92 -8.46 7.46
C PRO D 345 27.74 -7.14 6.71
N THR D 346 28.38 -6.07 7.18
CA THR D 346 28.24 -4.75 6.56
C THR D 346 29.60 -4.08 6.35
N LEU D 347 29.62 -3.10 5.46
CA LEU D 347 30.83 -2.35 5.14
C LEU D 347 30.52 -0.86 5.06
N TYR D 348 31.47 -0.03 5.50
CA TYR D 348 31.31 1.42 5.46
C TYR D 348 32.21 2.00 4.38
N VAL D 349 31.62 2.76 3.46
CA VAL D 349 32.38 3.39 2.38
C VAL D 349 31.94 4.83 2.23
N GLU D 350 32.89 5.75 2.27
CA GLU D 350 32.57 7.17 2.12
C GLU D 350 32.44 7.59 0.66
N ILE D 351 31.33 8.22 0.32
CA ILE D 351 31.10 8.76 -1.02
C ILE D 351 31.39 10.26 -1.01
N ASP D 352 32.27 10.71 -1.91
CA ASP D 352 32.70 12.11 -1.95
C ASP D 352 32.87 12.56 -3.39
N GLN D 353 32.05 13.51 -3.81
CA GLN D 353 32.03 13.97 -5.21
C GLN D 353 33.18 14.93 -5.54
N GLN D 354 33.86 15.43 -4.52
CA GLN D 354 35.04 16.29 -4.74
C GLN D 354 36.33 15.48 -4.77
N THR D 355 36.23 14.18 -4.48
CA THR D 355 37.42 13.34 -4.37
C THR D 355 38.04 13.07 -5.74
N GLN D 356 39.35 12.80 -5.74
CA GLN D 356 40.05 12.43 -6.96
C GLN D 356 40.25 10.92 -7.00
N ASN D 357 40.92 10.39 -5.99
CA ASN D 357 41.13 8.95 -5.87
C ASN D 357 40.48 8.42 -4.60
N ASN D 358 39.54 7.51 -4.77
CA ASN D 358 38.89 6.88 -3.63
C ASN D 358 39.62 5.59 -3.28
N GLU D 359 40.84 5.74 -2.76
CA GLU D 359 41.69 4.59 -2.45
C GLU D 359 41.21 3.86 -1.21
N GLN D 360 40.55 4.58 -0.31
CA GLN D 360 40.01 3.97 0.90
C GLN D 360 38.89 3.01 0.54
N ALA D 361 38.16 3.34 -0.53
CA ALA D 361 37.08 2.49 -1.02
C ALA D 361 37.64 1.21 -1.64
N ARG D 362 38.77 1.33 -2.32
CA ARG D 362 39.36 0.19 -3.00
C ARG D 362 39.86 -0.86 -2.02
N THR D 363 40.63 -0.43 -1.02
CA THR D 363 41.20 -1.35 -0.04
CA THR D 363 41.20 -1.36 -0.05
C THR D 363 40.14 -1.92 0.89
N ARG D 364 39.13 -1.12 1.21
CA ARG D 364 38.07 -1.57 2.10
C ARG D 364 37.18 -2.62 1.44
N ILE D 365 36.91 -2.44 0.15
CA ILE D 365 36.05 -3.34 -0.59
C ILE D 365 36.78 -4.64 -0.95
N GLN D 366 38.10 -4.57 -1.08
CA GLN D 366 38.90 -5.77 -1.29
C GLN D 366 38.85 -6.65 -0.05
N THR D 367 39.04 -6.05 1.12
CA THR D 367 39.01 -6.77 2.37
C THR D 367 37.63 -7.36 2.64
N PHE D 368 36.60 -6.60 2.31
CA PHE D 368 35.23 -7.04 2.53
C PHE D 368 34.94 -8.27 1.68
N ALA D 369 35.43 -8.28 0.45
CA ALA D 369 35.23 -9.40 -0.46
C ALA D 369 36.00 -10.62 0.01
N GLU D 370 37.23 -10.42 0.45
CA GLU D 370 38.08 -11.51 0.94
C GLU D 370 37.45 -12.13 2.18
N MET D 371 36.80 -11.31 2.99
CA MET D 371 36.13 -11.78 4.19
C MET D 371 34.92 -12.63 3.80
N MET D 372 34.15 -12.14 2.84
CA MET D 372 32.95 -12.84 2.39
C MET D 372 33.30 -14.19 1.77
N SER D 373 34.55 -14.34 1.34
CA SER D 373 35.00 -15.57 0.69
C SER D 373 35.41 -16.63 1.70
N LEU D 374 35.93 -16.21 2.84
CA LEU D 374 36.28 -17.14 3.91
C LEU D 374 35.05 -17.83 4.45
N ALA D 375 33.87 -17.29 4.15
CA ALA D 375 32.61 -17.89 4.57
C ALA D 375 32.16 -18.95 3.57
FE1 SF4 E . -21.58 -24.75 -15.95
FE2 SF4 E . -18.95 -25.34 -16.89
FE3 SF4 E . -20.82 -23.88 -18.58
FE4 SF4 E . -19.70 -22.63 -16.20
S1 SF4 E . -18.71 -23.44 -18.01
S2 SF4 E . -21.80 -22.76 -16.92
S3 SF4 E . -19.58 -24.46 -14.88
S4 SF4 E . -20.98 -25.99 -17.77
S SO4 F . -22.16 -24.73 -25.45
O1 SO4 F . -22.50 -24.70 -26.87
O2 SO4 F . -20.81 -25.27 -25.29
O3 SO4 F . -22.20 -23.37 -24.91
O4 SO4 F . -23.11 -25.57 -24.72
FE1 SF4 G . -15.04 -21.18 -0.12
FE2 SF4 G . -13.94 -22.66 -2.18
FE3 SF4 G . -16.31 -23.41 -0.95
FE4 SF4 G . -16.19 -21.18 -2.64
S1 SF4 G . -15.86 -23.39 -3.23
S2 SF4 G . -17.31 -21.36 -0.60
S3 SF4 G . -14.15 -20.41 -2.02
S4 SF4 G . -14.24 -23.24 -0.01
S H2S H . -14.91 -19.90 1.77
FE1 SF4 I . 21.80 23.86 16.03
FE2 SF4 I . 22.27 21.36 17.46
FE3 SF4 I . 20.57 23.36 18.61
FE4 SF4 I . 19.68 21.93 16.27
S1 SF4 I . 20.19 21.18 18.30
S2 SF4 I . 19.69 24.12 16.71
S3 SF4 I . 21.70 21.70 15.29
S4 SF4 I . 22.75 23.51 18.09
S SO4 J . 20.44 25.70 25.48
O1 SO4 J . 21.03 26.36 24.32
O2 SO4 J . 19.02 25.42 25.22
O3 SO4 J . 21.14 24.46 25.74
O4 SO4 J . 20.54 26.57 26.65
FE1 SF4 K . 20.86 14.99 0.98
FE2 SF4 K . 21.98 14.24 3.37
FE3 SF4 K . 22.89 16.46 1.98
FE4 SF4 K . 20.42 16.47 3.26
S1 SF4 K . 22.52 16.29 4.27
S2 SF4 K . 20.93 17.29 1.15
S3 SF4 K . 19.80 14.32 2.83
S4 SF4 K . 22.94 14.28 1.31
S H2S L . 19.83 14.34 -0.98
#